data_7JHA
# 
_entry.id   7JHA 
# 
_audit_conform.dict_name       mmcif_pdbx.dic 
_audit_conform.dict_version    5.380 
_audit_conform.dict_location   http://mmcif.pdb.org/dictionaries/ascii/mmcif_pdbx.dic 
# 
loop_
_database_2.database_id 
_database_2.database_code 
_database_2.pdbx_database_accession 
_database_2.pdbx_DOI 
PDB   7JHA         pdb_00007jha 10.2210/pdb7jha/pdb 
WWPDB D_1000250247 ?            ?                   
# 
_pdbx_database_status.status_code                     REL 
_pdbx_database_status.status_code_sf                  REL 
_pdbx_database_status.status_code_mr                  ? 
_pdbx_database_status.entry_id                        7JHA 
_pdbx_database_status.recvd_initial_deposition_date   2020-07-20 
_pdbx_database_status.SG_entry                        N 
_pdbx_database_status.deposit_site                    RCSB 
_pdbx_database_status.process_site                    RCSB 
_pdbx_database_status.status_code_cs                  ? 
_pdbx_database_status.status_code_nmr_data            ? 
_pdbx_database_status.methods_development_category    ? 
_pdbx_database_status.pdb_format_compatible           Y 
# 
loop_
_audit_author.name 
_audit_author.pdbx_ordinal 
_audit_author.identifier_ORCID 
'Simmons, C.R.'      1 0000-0002-2290-6132 
'MacCulloch, T.'     2 0000-0001-5875-3361 
'Stephanopoulos, N.' 3 0000-0001-7859-410X 
'Yan, H.'            4 0000-0001-7397-9852 
# 
_citation.abstract                  ? 
_citation.abstract_id_CAS           ? 
_citation.book_id_ISBN              ? 
_citation.book_publisher            ? 
_citation.book_publisher_city       ? 
_citation.book_title                ? 
_citation.coordinate_linkage        ? 
_citation.country                   UK 
_citation.database_id_Medline       ? 
_citation.details                   ? 
_citation.id                        primary 
_citation.journal_abbrev            'Nat Commun' 
_citation.journal_id_ASTM           ? 
_citation.journal_id_CSD            ? 
_citation.journal_id_ISSN           2041-1723 
_citation.journal_full              ? 
_citation.journal_issue             ? 
_citation.journal_volume            13 
_citation.language                  ? 
_citation.page_first                3112 
_citation.page_last                 3112 
_citation.title                     'The influence of Holliday junction sequence and dynamics on DNA crystal self-assembly.' 
_citation.year                      2022 
_citation.database_id_CSD           ? 
_citation.pdbx_database_id_DOI      10.1038/s41467-022-30779-6 
_citation.pdbx_database_id_PubMed   35662248 
_citation.unpublished_flag          ? 
# 
loop_
_citation_author.citation_id 
_citation_author.name 
_citation_author.ordinal 
_citation_author.identifier_ORCID 
primary 'Simmons, C.R.'      1  ?                   
primary 'MacCulloch, T.'     2  ?                   
primary 'Krepl, M.'          3  0000-0002-9833-4281 
primary 'Matthies, M.'       4  ?                   
primary 'Buchberger, A.'     5  ?                   
primary 'Crawford, I.'       6  ?                   
primary 'Sponer, J.'         7  0000-0001-6558-6186 
primary 'Sulc, P.'           8  0000-0003-1565-6769 
primary 'Stephanopoulos, N.' 9  0000-0001-7859-410X 
primary 'Yan, H.'            10 0000-0001-7397-9852 
# 
_cell.angle_alpha                  90.000 
_cell.angle_alpha_esd              ? 
_cell.angle_beta                   90.000 
_cell.angle_beta_esd               ? 
_cell.angle_gamma                  120.000 
_cell.angle_gamma_esd              ? 
_cell.entry_id                     7JHA 
_cell.details                      ? 
_cell.formula_units_Z              ? 
_cell.length_a                     68.625 
_cell.length_a_esd                 ? 
_cell.length_b                     68.625 
_cell.length_b_esd                 ? 
_cell.length_c                     55.959 
_cell.length_c_esd                 ? 
_cell.volume                       ? 
_cell.volume_esd                   ? 
_cell.Z_PDB                        3 
_cell.reciprocal_angle_alpha       ? 
_cell.reciprocal_angle_beta        ? 
_cell.reciprocal_angle_gamma       ? 
_cell.reciprocal_angle_alpha_esd   ? 
_cell.reciprocal_angle_beta_esd    ? 
_cell.reciprocal_angle_gamma_esd   ? 
_cell.reciprocal_length_a          ? 
_cell.reciprocal_length_b          ? 
_cell.reciprocal_length_c          ? 
_cell.reciprocal_length_a_esd      ? 
_cell.reciprocal_length_b_esd      ? 
_cell.reciprocal_length_c_esd      ? 
_cell.pdbx_unique_axis             ? 
# 
_symmetry.entry_id                         7JHA 
_symmetry.cell_setting                     ? 
_symmetry.Int_Tables_number                145 
_symmetry.space_group_name_Hall            ? 
_symmetry.space_group_name_H-M             'P 32' 
_symmetry.pdbx_full_space_group_name_H-M   ? 
# 
loop_
_entity.id 
_entity.type 
_entity.src_method 
_entity.pdbx_description 
_entity.formula_weight 
_entity.pdbx_number_of_molecules 
_entity.pdbx_ec 
_entity.pdbx_mutation 
_entity.pdbx_fragment 
_entity.details 
1 polymer     syn 
;DNA (5'-D(*GP*AP*GP*CP*AP*GP*AP*CP*CP*TP*GP*A)-3')
;
3696.431 1 ? ? ? ? 
2 polymer     syn 
;DNA (5'-D(P*CP*GP*AP*CP*AP*CP*TP*CP*A)-3')
;
2684.789 1 ? ? ? ? 
3 polymer     syn 
;DNA (5'-D(P*TP*CP*AP*TP*CP*G)-3')
;
1784.204 1 ? ? ? ? 
4 polymer     syn 
;DNA (5'-D(*TP*CP*TP*GP*AP*GP*TP*GP*GP*GP*TP*CP*TP*GP*C)-3')
;
4631.993 1 ? ? ? ? 
5 non-polymer syn 'CACODYLATE ION'                                              136.989  2 ? ? ? ? 
# 
loop_
_entity_poly.entity_id 
_entity_poly.type 
_entity_poly.nstd_linkage 
_entity_poly.nstd_monomer 
_entity_poly.pdbx_seq_one_letter_code 
_entity_poly.pdbx_seq_one_letter_code_can 
_entity_poly.pdbx_strand_id 
_entity_poly.pdbx_target_identifier 
1 polydeoxyribonucleotide no no '(DG)(DA)(DG)(DC)(DA)(DG)(DA)(DC)(DC)(DT)(DG)(DA)'             GAGCAGACCTGA    A ? 
2 polydeoxyribonucleotide no no '(DC)(DG)(DA)(DC)(DA)(DC)(DT)(DC)(DA)'                         CGACACTCA       B ? 
3 polydeoxyribonucleotide no no '(DT)(DC)(DA)(DT)(DC)(DG)'                                     TCATCG          C ? 
4 polydeoxyribonucleotide no no '(DT)(DC)(DT)(DG)(DA)(DG)(DT)(DG)(DG)(DG)(DT)(DC)(DT)(DG)(DC)' TCTGAGTGGGTCTGC D ? 
# 
loop_
_entity_poly_seq.entity_id 
_entity_poly_seq.num 
_entity_poly_seq.mon_id 
_entity_poly_seq.hetero 
1 1  DG n 
1 2  DA n 
1 3  DG n 
1 4  DC n 
1 5  DA n 
1 6  DG n 
1 7  DA n 
1 8  DC n 
1 9  DC n 
1 10 DT n 
1 11 DG n 
1 12 DA n 
2 1  DC n 
2 2  DG n 
2 3  DA n 
2 4  DC n 
2 5  DA n 
2 6  DC n 
2 7  DT n 
2 8  DC n 
2 9  DA n 
3 1  DT n 
3 2  DC n 
3 3  DA n 
3 4  DT n 
3 5  DC n 
3 6  DG n 
4 1  DT n 
4 2  DC n 
4 3  DT n 
4 4  DG n 
4 5  DA n 
4 6  DG n 
4 7  DT n 
4 8  DG n 
4 9  DG n 
4 10 DG n 
4 11 DT n 
4 12 DC n 
4 13 DT n 
4 14 DG n 
4 15 DC n 
# 
loop_
_pdbx_entity_src_syn.entity_id 
_pdbx_entity_src_syn.pdbx_src_id 
_pdbx_entity_src_syn.pdbx_alt_source_flag 
_pdbx_entity_src_syn.pdbx_beg_seq_num 
_pdbx_entity_src_syn.pdbx_end_seq_num 
_pdbx_entity_src_syn.organism_scientific 
_pdbx_entity_src_syn.organism_common_name 
_pdbx_entity_src_syn.ncbi_taxonomy_id 
_pdbx_entity_src_syn.details 
1 1 sample 1 12 'synthetic construct' ? 32630 ? 
2 1 sample 1 9  'synthetic construct' ? 32630 ? 
3 1 sample 1 6  'synthetic construct' ? 32630 ? 
4 1 sample 1 15 'synthetic construct' ? 32630 ? 
# 
loop_
_struct_ref.id 
_struct_ref.db_name 
_struct_ref.db_code 
_struct_ref.pdbx_db_accession 
_struct_ref.pdbx_db_isoform 
_struct_ref.entity_id 
_struct_ref.pdbx_seq_one_letter_code 
_struct_ref.pdbx_align_begin 
1 PDB 7JHA 7JHA ? 1 ? 1 
2 PDB 7JHA 7JHA ? 2 ? 1 
3 PDB 7JHA 7JHA ? 3 ? 1 
4 PDB 7JHA 7JHA ? 4 ? 1 
# 
loop_
_struct_ref_seq.align_id 
_struct_ref_seq.ref_id 
_struct_ref_seq.pdbx_PDB_id_code 
_struct_ref_seq.pdbx_strand_id 
_struct_ref_seq.seq_align_beg 
_struct_ref_seq.pdbx_seq_align_beg_ins_code 
_struct_ref_seq.seq_align_end 
_struct_ref_seq.pdbx_seq_align_end_ins_code 
_struct_ref_seq.pdbx_db_accession 
_struct_ref_seq.db_align_beg 
_struct_ref_seq.pdbx_db_align_beg_ins_code 
_struct_ref_seq.db_align_end 
_struct_ref_seq.pdbx_db_align_end_ins_code 
_struct_ref_seq.pdbx_auth_seq_align_beg 
_struct_ref_seq.pdbx_auth_seq_align_end 
1 1 7JHA A 1 ? 12 ? 7JHA 1  ? 12 ? 1  12 
2 2 7JHA B 1 ? 9  ? 7JHA 12 ? 20 ? 12 20 
3 3 7JHA C 1 ? 6  ? 7JHA 0  ? 5  ? 0  5  
4 4 7JHA D 1 ? 15 ? 7JHA 2  ? 16 ? 2  16 
# 
loop_
_chem_comp.id 
_chem_comp.type 
_chem_comp.mon_nstd_flag 
_chem_comp.name 
_chem_comp.pdbx_synonyms 
_chem_comp.formula 
_chem_comp.formula_weight 
CAC non-polymer   . 'CACODYLATE ION'                     dimethylarsinate 'C2 H6 As O2 -1'  136.989 
DA  'DNA linking' y "2'-DEOXYADENOSINE-5'-MONOPHOSPHATE" ?                'C10 H14 N5 O6 P' 331.222 
DC  'DNA linking' y "2'-DEOXYCYTIDINE-5'-MONOPHOSPHATE"  ?                'C9 H14 N3 O7 P'  307.197 
DG  'DNA linking' y "2'-DEOXYGUANOSINE-5'-MONOPHOSPHATE" ?                'C10 H14 N5 O7 P' 347.221 
DT  'DNA linking' y "THYMIDINE-5'-MONOPHOSPHATE"         ?                'C10 H15 N2 O8 P' 322.208 
# 
_exptl.absorpt_coefficient_mu     ? 
_exptl.absorpt_correction_T_max   ? 
_exptl.absorpt_correction_T_min   ? 
_exptl.absorpt_correction_type    ? 
_exptl.absorpt_process_details    ? 
_exptl.entry_id                   7JHA 
_exptl.crystals_number            1 
_exptl.details                    ? 
_exptl.method                     'X-RAY DIFFRACTION' 
_exptl.method_details             ? 
# 
_exptl_crystal.colour                      ? 
_exptl_crystal.density_diffrn              ? 
_exptl_crystal.density_Matthews            5.94 
_exptl_crystal.density_method              ? 
_exptl_crystal.density_percent_sol         79.31 
_exptl_crystal.description                 ? 
_exptl_crystal.F_000                       ? 
_exptl_crystal.id                          1 
_exptl_crystal.preparation                 ? 
_exptl_crystal.size_max                    ? 
_exptl_crystal.size_mid                    ? 
_exptl_crystal.size_min                    ? 
_exptl_crystal.size_rad                    ? 
_exptl_crystal.colour_lustre               ? 
_exptl_crystal.colour_modifier             ? 
_exptl_crystal.colour_primary              ? 
_exptl_crystal.density_meas                ? 
_exptl_crystal.density_meas_esd            ? 
_exptl_crystal.density_meas_gt             ? 
_exptl_crystal.density_meas_lt             ? 
_exptl_crystal.density_meas_temp           ? 
_exptl_crystal.density_meas_temp_esd       ? 
_exptl_crystal.density_meas_temp_gt        ? 
_exptl_crystal.density_meas_temp_lt        ? 
_exptl_crystal.pdbx_crystal_image_url      ? 
_exptl_crystal.pdbx_crystal_image_format   ? 
_exptl_crystal.pdbx_mosaicity              ? 
_exptl_crystal.pdbx_mosaicity_esd          ? 
# 
_exptl_crystal_grow.apparatus       ? 
_exptl_crystal_grow.atmosphere      ? 
_exptl_crystal_grow.crystal_id      1 
_exptl_crystal_grow.details         ? 
_exptl_crystal_grow.method          'VAPOR DIFFUSION, SITTING DROP' 
_exptl_crystal_grow.method_ref      ? 
_exptl_crystal_grow.pH              ? 
_exptl_crystal_grow.pressure        ? 
_exptl_crystal_grow.pressure_esd    ? 
_exptl_crystal_grow.seeding         ? 
_exptl_crystal_grow.seeding_ref     ? 
_exptl_crystal_grow.temp            298 
_exptl_crystal_grow.temp_details    'temperature gradient generated from 60 to 25 C at 0.3 degrees per hour' 
_exptl_crystal_grow.temp_esd        ? 
_exptl_crystal_grow.time            ? 
_exptl_crystal_grow.pdbx_details    
;0.5 mL of 0.05 M Cacodylate pH 6.0 with 200 mM MgCl2 and 2.5 M KCl was added to the reservoir with 2 uL added to the drop containing 4 uL of DNA stock
;
_exptl_crystal_grow.pdbx_pH_range   ? 
# 
_diffrn.ambient_environment              ? 
_diffrn.ambient_temp                     100 
_diffrn.ambient_temp_details             ? 
_diffrn.ambient_temp_esd                 ? 
_diffrn.crystal_id                       1 
_diffrn.crystal_support                  ? 
_diffrn.crystal_treatment                ? 
_diffrn.details                          ? 
_diffrn.id                               1 
_diffrn.ambient_pressure                 ? 
_diffrn.ambient_pressure_esd             ? 
_diffrn.ambient_pressure_gt              ? 
_diffrn.ambient_pressure_lt              ? 
_diffrn.ambient_temp_gt                  ? 
_diffrn.ambient_temp_lt                  ? 
_diffrn.pdbx_serial_crystal_experiment   N 
# 
_diffrn_detector.details                      ? 
_diffrn_detector.detector                     CCD 
_diffrn_detector.diffrn_id                    1 
_diffrn_detector.type                         'ADSC QUANTUM 315r' 
_diffrn_detector.area_resol_mean              ? 
_diffrn_detector.dtime                        ? 
_diffrn_detector.pdbx_frames_total            ? 
_diffrn_detector.pdbx_collection_time_total   ? 
_diffrn_detector.pdbx_collection_date         2017-09-15 
_diffrn_detector.pdbx_frequency               ? 
# 
_diffrn_radiation.collimation                      ? 
_diffrn_radiation.diffrn_id                        1 
_diffrn_radiation.filter_edge                      ? 
_diffrn_radiation.inhomogeneity                    ? 
_diffrn_radiation.monochromator                    ? 
_diffrn_radiation.polarisn_norm                    ? 
_diffrn_radiation.polarisn_ratio                   ? 
_diffrn_radiation.probe                            ? 
_diffrn_radiation.type                             ? 
_diffrn_radiation.xray_symbol                      ? 
_diffrn_radiation.wavelength_id                    1 
_diffrn_radiation.pdbx_monochromatic_or_laue_m_l   M 
_diffrn_radiation.pdbx_wavelength_list             ? 
_diffrn_radiation.pdbx_wavelength                  ? 
_diffrn_radiation.pdbx_diffrn_protocol             'SINGLE WAVELENGTH' 
_diffrn_radiation.pdbx_analyzer                    ? 
_diffrn_radiation.pdbx_scattering_type             x-ray 
# 
_diffrn_radiation_wavelength.id           1 
_diffrn_radiation_wavelength.wavelength   0.98 
_diffrn_radiation_wavelength.wt           1.0 
# 
_diffrn_source.current                     ? 
_diffrn_source.details                     ? 
_diffrn_source.diffrn_id                   1 
_diffrn_source.power                       ? 
_diffrn_source.size                        ? 
_diffrn_source.source                      SYNCHROTRON 
_diffrn_source.target                      ? 
_diffrn_source.type                        'ALS BEAMLINE 8.2.2' 
_diffrn_source.voltage                     ? 
_diffrn_source.take-off_angle              ? 
_diffrn_source.pdbx_wavelength_list        0.98 
_diffrn_source.pdbx_wavelength             ? 
_diffrn_source.pdbx_synchrotron_beamline   8.2.2 
_diffrn_source.pdbx_synchrotron_site       ALS 
# 
_reflns.B_iso_Wilson_estimate            46.880 
_reflns.entry_id                         7JHA 
_reflns.data_reduction_details           ? 
_reflns.data_reduction_method            ? 
_reflns.d_resolution_high                3.100 
_reflns.d_resolution_low                 50.000 
_reflns.details                          ? 
_reflns.limit_h_max                      ? 
_reflns.limit_h_min                      ? 
_reflns.limit_k_max                      ? 
_reflns.limit_k_min                      ? 
_reflns.limit_l_max                      ? 
_reflns.limit_l_min                      ? 
_reflns.number_all                       ? 
_reflns.number_obs                       4641 
_reflns.observed_criterion               ? 
_reflns.observed_criterion_F_max         ? 
_reflns.observed_criterion_F_min         ? 
_reflns.observed_criterion_I_max         ? 
_reflns.observed_criterion_I_min         ? 
_reflns.observed_criterion_sigma_F       ? 
_reflns.observed_criterion_sigma_I       ? 
_reflns.percent_possible_obs             86.800 
_reflns.R_free_details                   ? 
_reflns.Rmerge_F_all                     ? 
_reflns.Rmerge_F_obs                     ? 
_reflns.Friedel_coverage                 ? 
_reflns.number_gt                        ? 
_reflns.threshold_expression             ? 
_reflns.pdbx_redundancy                  6.300 
_reflns.pdbx_Rmerge_I_obs                0.123 
_reflns.pdbx_Rmerge_I_all                ? 
_reflns.pdbx_Rsym_value                  ? 
_reflns.pdbx_netI_over_av_sigmaI         ? 
_reflns.pdbx_netI_over_sigmaI            5.500 
_reflns.pdbx_res_netI_over_av_sigmaI_2   ? 
_reflns.pdbx_res_netI_over_sigmaI_2      ? 
_reflns.pdbx_chi_squared                 1.014 
_reflns.pdbx_scaling_rejects             ? 
_reflns.pdbx_d_res_high_opt              ? 
_reflns.pdbx_d_res_low_opt               ? 
_reflns.pdbx_d_res_opt_method            ? 
_reflns.phase_calculation_details        ? 
_reflns.pdbx_Rrim_I_all                  0.133 
_reflns.pdbx_Rpim_I_all                  0.050 
_reflns.pdbx_d_opt                       ? 
_reflns.pdbx_number_measured_all         ? 
_reflns.pdbx_diffrn_id                   1 
_reflns.pdbx_ordinal                     1 
_reflns.pdbx_CC_half                     1.00 
_reflns.pdbx_CC_star                     ? 
_reflns.pdbx_R_split                     ? 
# 
loop_
_reflns_shell.d_res_high 
_reflns_shell.d_res_low 
_reflns_shell.meanI_over_sigI_all 
_reflns_shell.meanI_over_sigI_obs 
_reflns_shell.number_measured_all 
_reflns_shell.number_measured_obs 
_reflns_shell.number_possible 
_reflns_shell.number_unique_all 
_reflns_shell.number_unique_obs 
_reflns_shell.percent_possible_all 
_reflns_shell.percent_possible_obs 
_reflns_shell.Rmerge_F_all 
_reflns_shell.Rmerge_F_obs 
_reflns_shell.Rmerge_I_all 
_reflns_shell.Rmerge_I_obs 
_reflns_shell.meanI_over_sigI_gt 
_reflns_shell.meanI_over_uI_all 
_reflns_shell.meanI_over_uI_gt 
_reflns_shell.number_measured_gt 
_reflns_shell.number_unique_gt 
_reflns_shell.percent_possible_gt 
_reflns_shell.Rmerge_F_gt 
_reflns_shell.Rmerge_I_gt 
_reflns_shell.pdbx_redundancy 
_reflns_shell.pdbx_Rsym_value 
_reflns_shell.pdbx_chi_squared 
_reflns_shell.pdbx_netI_over_sigmaI_all 
_reflns_shell.pdbx_netI_over_sigmaI_obs 
_reflns_shell.pdbx_Rrim_I_all 
_reflns_shell.pdbx_Rpim_I_all 
_reflns_shell.pdbx_rejects 
_reflns_shell.pdbx_ordinal 
_reflns_shell.pdbx_diffrn_id 
_reflns_shell.pdbx_CC_half 
_reflns_shell.pdbx_CC_star 
_reflns_shell.pdbx_R_split 
3.100 3.150  ? ? ? ? ? ? 150 56.600  ? ? ? ? 0.508 ? ? ? ? ? ? ? ? 4.700 ? 0.570 ? ? 0.560 0.229 ? 1  1 0.908 ? ? 
3.150 3.210  ? ? ? ? ? ? 167 62.300  ? ? ? ? 0.204 ? ? ? ? ? ? ? ? 4.700 ? 0.651 ? ? 0.223 0.089 ? 2  1 0.992 ? ? 
3.210 3.270  ? ? ? ? ? ? 203 67.700  ? ? ? ? 0.101 ? ? ? ? ? ? ? ? 4.800 ? 0.688 ? ? 0.110 0.043 ? 3  1 0.997 ? ? 
3.270 3.340  ? ? ? ? ? ? 165 69.300  ? ? ? ? 0.285 ? ? ? ? ? ? ? ? 5.400 ? 0.598 ? ? 0.310 0.121 ? 4  1 0.981 ? ? 
3.340 3.410  ? ? ? ? ? ? 187 74.200  ? ? ? ? 0.168 ? ? ? ? ? ? ? ? 5.400 ? 0.665 ? ? 0.182 0.070 ? 5  1 0.993 ? ? 
3.410 3.490  ? ? ? ? ? ? 214 75.100  ? ? ? ? 0.320 ? ? ? ? ? ? ? ? 5.700 ? 1.547 ? ? 0.349 0.137 ? 6  1 0.943 ? ? 
3.490 3.580  ? ? ? ? ? ? 212 81.500  ? ? ? ? 0.228 ? ? ? ? ? ? ? ? 5.800 ? 0.637 ? ? 0.248 0.096 ? 7  1 0.982 ? ? 
3.580 3.680  ? ? ? ? ? ? 212 80.300  ? ? ? ? 0.441 ? ? ? ? ? ? ? ? 5.800 ? 1.877 ? ? 0.480 0.188 ? 8  1 0.709 ? ? 
3.680 3.780  ? ? ? ? ? ? 230 82.700  ? ? ? ? 0.367 ? ? ? ? ? ? ? ? 6.200 ? 0.684 ? ? 0.398 0.152 ? 9  1 0.961 ? ? 
3.780 3.910  ? ? ? ? ? ? 221 90.900  ? ? ? ? 0.398 ? ? ? ? ? ? ? ? 6.000 ? 0.995 ? ? 0.431 0.164 ? 10 1 0.961 ? ? 
3.910 4.040  ? ? ? ? ? ? 293 96.400  ? ? ? ? 0.320 ? ? ? ? ? ? ? ? 6.200 ? 0.662 ? ? 0.346 0.131 ? 11 1 0.958 ? ? 
4.040 4.210  ? ? ? ? ? ? 264 99.200  ? ? ? ? 0.219 ? ? ? ? ? ? ? ? 6.500 ? 0.601 ? ? 0.237 0.089 ? 12 1 0.976 ? ? 
4.210 4.400  ? ? ? ? ? ? 255 100.000 ? ? ? ? 0.253 ? ? ? ? ? ? ? ? 6.700 ? 0.681 ? ? 0.273 0.102 ? 13 1 0.975 ? ? 
4.400 4.630  ? ? ? ? ? ? 271 100.000 ? ? ? ? 0.258 ? ? ? ? ? ? ? ? 7.000 ? 0.612 ? ? 0.279 0.104 ? 14 1 0.975 ? ? 
4.630 4.920  ? ? ? ? ? ? 262 100.000 ? ? ? ? 0.199 ? ? ? ? ? ? ? ? 7.100 ? 0.681 ? ? 0.214 0.079 ? 15 1 0.987 ? ? 
4.920 5.300  ? ? ? ? ? ? 266 100.000 ? ? ? ? 0.147 ? ? ? ? ? ? ? ? 7.200 ? 0.894 ? ? 0.159 0.058 ? 16 1 0.989 ? ? 
5.300 5.830  ? ? ? ? ? ? 261 100.000 ? ? ? ? 0.119 ? ? ? ? ? ? ? ? 7.200 ? 1.251 ? ? 0.128 0.047 ? 17 1 0.990 ? ? 
5.830 6.670  ? ? ? ? ? ? 273 100.000 ? ? ? ? 0.110 ? ? ? ? ? ? ? ? 7.100 ? 1.069 ? ? 0.118 0.044 ? 18 1 0.993 ? ? 
6.670 8.400  ? ? ? ? ? ? 262 100.000 ? ? ? ? 0.093 ? ? ? ? ? ? ? ? 7.000 ? 1.497 ? ? 0.100 0.038 ? 19 1 0.996 ? ? 
8.400 50.000 ? ? ? ? ? ? 273 99.300  ? ? ? ? 0.076 ? ? ? ? ? ? ? ? 7.300 ? 2.469 ? ? 0.083 0.031 ? 20 1 0.996 ? ? 
# 
_refine.aniso_B[1][1]                            ? 
_refine.aniso_B[1][2]                            ? 
_refine.aniso_B[1][3]                            ? 
_refine.aniso_B[2][2]                            ? 
_refine.aniso_B[2][3]                            ? 
_refine.aniso_B[3][3]                            ? 
_refine.B_iso_max                                160.320 
_refine.B_iso_mean                               79.4291 
_refine.B_iso_min                                28.120 
_refine.correlation_coeff_Fo_to_Fc               ? 
_refine.correlation_coeff_Fo_to_Fc_free          ? 
_refine.details                                  ? 
_refine.diff_density_max                         ? 
_refine.diff_density_max_esd                     ? 
_refine.diff_density_min                         ? 
_refine.diff_density_min_esd                     ? 
_refine.diff_density_rms                         ? 
_refine.diff_density_rms_esd                     ? 
_refine.entry_id                                 7JHA 
_refine.pdbx_refine_id                           'X-RAY DIFFRACTION' 
_refine.ls_abs_structure_details                 ? 
_refine.ls_abs_structure_Flack                   ? 
_refine.ls_abs_structure_Flack_esd               ? 
_refine.ls_abs_structure_Rogers                  ? 
_refine.ls_abs_structure_Rogers_esd              ? 
_refine.ls_d_res_high                            3.1070 
_refine.ls_d_res_low                             34.3120 
_refine.ls_extinction_coef                       ? 
_refine.ls_extinction_coef_esd                   ? 
_refine.ls_extinction_expression                 ? 
_refine.ls_extinction_method                     ? 
_refine.ls_goodness_of_fit_all                   ? 
_refine.ls_goodness_of_fit_all_esd               ? 
_refine.ls_goodness_of_fit_obs                   ? 
_refine.ls_goodness_of_fit_obs_esd               ? 
_refine.ls_hydrogen_treatment                    ? 
_refine.ls_matrix_type                           ? 
_refine.ls_number_constraints                    ? 
_refine.ls_number_parameters                     ? 
_refine.ls_number_reflns_all                     ? 
_refine.ls_number_reflns_obs                     4574 
_refine.ls_number_reflns_R_free                  235 
_refine.ls_number_reflns_R_work                  4339 
_refine.ls_number_restraints                     ? 
_refine.ls_percent_reflns_obs                    85.7700 
_refine.ls_percent_reflns_R_free                 5.1400 
_refine.ls_R_factor_all                          ? 
_refine.ls_R_factor_obs                          0.2156 
_refine.ls_R_factor_R_free                       0.2260 
_refine.ls_R_factor_R_free_error                 ? 
_refine.ls_R_factor_R_free_error_details         ? 
_refine.ls_R_factor_R_work                       0.2150 
_refine.ls_R_Fsqd_factor_obs                     ? 
_refine.ls_R_I_factor_obs                        ? 
_refine.ls_redundancy_reflns_all                 ? 
_refine.ls_redundancy_reflns_obs                 ? 
_refine.ls_restrained_S_all                      ? 
_refine.ls_restrained_S_obs                      ? 
_refine.ls_shift_over_esd_max                    ? 
_refine.ls_shift_over_esd_mean                   ? 
_refine.ls_structure_factor_coef                 ? 
_refine.ls_weighting_details                     ? 
_refine.ls_weighting_scheme                      ? 
_refine.ls_wR_factor_all                         ? 
_refine.ls_wR_factor_obs                         ? 
_refine.ls_wR_factor_R_free                      ? 
_refine.ls_wR_factor_R_work                      ? 
_refine.occupancy_max                            ? 
_refine.occupancy_min                            ? 
_refine.solvent_model_details                    'FLAT BULK SOLVENT MODEL' 
_refine.solvent_model_param_bsol                 ? 
_refine.solvent_model_param_ksol                 ? 
_refine.pdbx_R_complete                          ? 
_refine.ls_R_factor_gt                           ? 
_refine.ls_goodness_of_fit_gt                    ? 
_refine.ls_goodness_of_fit_ref                   ? 
_refine.ls_shift_over_su_max                     ? 
_refine.ls_shift_over_su_max_lt                  ? 
_refine.ls_shift_over_su_mean                    ? 
_refine.ls_shift_over_su_mean_lt                 ? 
_refine.pdbx_ls_sigma_I                          ? 
_refine.pdbx_ls_sigma_F                          1.980 
_refine.pdbx_ls_sigma_Fsqd                       ? 
_refine.pdbx_data_cutoff_high_absF               ? 
_refine.pdbx_data_cutoff_high_rms_absF           ? 
_refine.pdbx_data_cutoff_low_absF                ? 
_refine.pdbx_isotropic_thermal_model             ? 
_refine.pdbx_ls_cross_valid_method               THROUGHOUT 
_refine.pdbx_method_to_determine_struct          'MOLECULAR REPLACEMENT' 
_refine.pdbx_starting_model                      6XNA 
_refine.pdbx_stereochemistry_target_values       ML 
_refine.pdbx_R_Free_selection_details            ? 
_refine.pdbx_stereochem_target_val_spec_case     ? 
_refine.pdbx_overall_ESU_R                       ? 
_refine.pdbx_overall_ESU_R_Free                  ? 
_refine.pdbx_solvent_vdw_probe_radii             1.1100 
_refine.pdbx_solvent_ion_probe_radii             ? 
_refine.pdbx_solvent_shrinkage_radii             0.9000 
_refine.pdbx_real_space_R                        ? 
_refine.pdbx_density_correlation                 ? 
_refine.pdbx_pd_number_of_powder_patterns        ? 
_refine.pdbx_pd_number_of_points                 ? 
_refine.pdbx_pd_meas_number_of_points            ? 
_refine.pdbx_pd_proc_ls_prof_R_factor            ? 
_refine.pdbx_pd_proc_ls_prof_wR_factor           ? 
_refine.pdbx_pd_Marquardt_correlation_coeff      ? 
_refine.pdbx_pd_Fsqrd_R_factor                   ? 
_refine.pdbx_pd_ls_matrix_band_width             ? 
_refine.pdbx_overall_phase_error                 26.5100 
_refine.pdbx_overall_SU_R_free_Cruickshank_DPI   ? 
_refine.pdbx_overall_SU_R_free_Blow_DPI          ? 
_refine.pdbx_overall_SU_R_Blow_DPI               ? 
_refine.pdbx_TLS_residual_ADP_flag               ? 
_refine.pdbx_diffrn_id                           1 
_refine.overall_SU_B                             ? 
_refine.overall_SU_ML                            0.2100 
_refine.overall_SU_R_Cruickshank_DPI             ? 
_refine.overall_SU_R_free                        ? 
_refine.overall_FOM_free_R_set                   ? 
_refine.overall_FOM_work_R_set                   ? 
_refine.pdbx_average_fsc_overall                 ? 
_refine.pdbx_average_fsc_work                    ? 
_refine.pdbx_average_fsc_free                    ? 
# 
_refine_hist.pdbx_refine_id                   'X-RAY DIFFRACTION' 
_refine_hist.cycle_id                         final 
_refine_hist.details                          ? 
_refine_hist.d_res_high                       3.1070 
_refine_hist.d_res_low                        34.3120 
_refine_hist.number_atoms_solvent             0 
_refine_hist.number_atoms_total               857 
_refine_hist.number_reflns_all                ? 
_refine_hist.number_reflns_obs                ? 
_refine_hist.number_reflns_R_free             ? 
_refine_hist.number_reflns_R_work             ? 
_refine_hist.R_factor_all                     ? 
_refine_hist.R_factor_obs                     ? 
_refine_hist.R_factor_R_free                  ? 
_refine_hist.R_factor_R_work                  ? 
_refine_hist.pdbx_number_residues_total       42 
_refine_hist.pdbx_B_iso_mean_ligand           145.58 
_refine_hist.pdbx_B_iso_mean_solvent          ? 
_refine_hist.pdbx_number_atoms_protein        0 
_refine_hist.pdbx_number_atoms_nucleic_acid   855 
_refine_hist.pdbx_number_atoms_ligand         2 
_refine_hist.pdbx_number_atoms_lipid          ? 
_refine_hist.pdbx_number_atoms_carb           ? 
_refine_hist.pdbx_pseudo_atom_details         ? 
# 
loop_
_refine_ls_restr.pdbx_refine_id 
_refine_ls_restr.criterion 
_refine_ls_restr.dev_ideal 
_refine_ls_restr.dev_ideal_target 
_refine_ls_restr.number 
_refine_ls_restr.rejects 
_refine_ls_restr.type 
_refine_ls_restr.weight 
_refine_ls_restr.pdbx_restraint_function 
'X-RAY DIFFRACTION' ? 0.006  ? 956  ? f_bond_d           ? ? 
'X-RAY DIFFRACTION' ? 0.798  ? 1467 ? f_angle_d          ? ? 
'X-RAY DIFFRACTION' ? 0.049  ? 166  ? f_chiral_restr     ? ? 
'X-RAY DIFFRACTION' ? 0.005  ? 42   ? f_plane_restr      ? ? 
'X-RAY DIFFRACTION' ? 36.383 ? 406  ? f_dihedral_angle_d ? ? 
# 
loop_
_refine_ls_shell.pdbx_refine_id 
_refine_ls_shell.d_res_high 
_refine_ls_shell.d_res_low 
_refine_ls_shell.number_reflns_all 
_refine_ls_shell.number_reflns_obs 
_refine_ls_shell.number_reflns_R_free 
_refine_ls_shell.number_reflns_R_work 
_refine_ls_shell.percent_reflns_obs 
_refine_ls_shell.percent_reflns_R_free 
_refine_ls_shell.R_factor_all 
_refine_ls_shell.R_factor_obs 
_refine_ls_shell.R_factor_R_free 
_refine_ls_shell.R_factor_R_free_error 
_refine_ls_shell.R_factor_R_work 
_refine_ls_shell.redundancy_reflns_all 
_refine_ls_shell.redundancy_reflns_obs 
_refine_ls_shell.wR_factor_all 
_refine_ls_shell.wR_factor_obs 
_refine_ls_shell.wR_factor_R_free 
_refine_ls_shell.wR_factor_R_work 
_refine_ls_shell.pdbx_R_complete 
_refine_ls_shell.pdbx_total_number_of_bins_used 
_refine_ls_shell.pdbx_phase_error 
_refine_ls_shell.pdbx_fsc_work 
_refine_ls_shell.pdbx_fsc_free 
'X-RAY DIFFRACTION' 3.1074 3.9141 . . 107 1799 72.0000 . . . 0.2456 0.0000 0.2706 . . . . . . . . . . . 
'X-RAY DIFFRACTION' 3.9141 34.312 . . 128 2540 99.0000 . . . 0.2153 0.0000 0.1955 . . . . . . . . . . . 
# 
_struct.entry_id                     7JHA 
_struct.title                        
'Self-assembly of a 3D DNA crystal lattice (4x6 junction version) containing the J23 immobile Holliday junction' 
_struct.pdbx_model_details           ? 
_struct.pdbx_formula_weight          ? 
_struct.pdbx_formula_weight_method   ? 
_struct.pdbx_model_type_details      ? 
_struct.pdbx_CASP_flag               N 
# 
_struct_keywords.entry_id        7JHA 
_struct_keywords.text            
'Structural DNA nanotechnology, immobile Holliday junctions, 3D DNA self-assembly, designer DNA crystals, DNA' 
_struct_keywords.pdbx_keywords   DNA 
# 
loop_
_struct_asym.id 
_struct_asym.pdbx_blank_PDB_chainid_flag 
_struct_asym.pdbx_modified 
_struct_asym.entity_id 
_struct_asym.details 
A N N 1 ? 
B N N 2 ? 
C N N 3 ? 
D N N 4 ? 
E N N 5 ? 
F N N 5 ? 
# 
loop_
_struct_conn.id 
_struct_conn.conn_type_id 
_struct_conn.pdbx_leaving_atom_flag 
_struct_conn.pdbx_PDB_id 
_struct_conn.ptnr1_label_asym_id 
_struct_conn.ptnr1_label_comp_id 
_struct_conn.ptnr1_label_seq_id 
_struct_conn.ptnr1_label_atom_id 
_struct_conn.pdbx_ptnr1_label_alt_id 
_struct_conn.pdbx_ptnr1_PDB_ins_code 
_struct_conn.pdbx_ptnr1_standard_comp_id 
_struct_conn.ptnr1_symmetry 
_struct_conn.ptnr2_label_asym_id 
_struct_conn.ptnr2_label_comp_id 
_struct_conn.ptnr2_label_seq_id 
_struct_conn.ptnr2_label_atom_id 
_struct_conn.pdbx_ptnr2_label_alt_id 
_struct_conn.pdbx_ptnr2_PDB_ins_code 
_struct_conn.ptnr1_auth_asym_id 
_struct_conn.ptnr1_auth_comp_id 
_struct_conn.ptnr1_auth_seq_id 
_struct_conn.ptnr2_auth_asym_id 
_struct_conn.ptnr2_auth_comp_id 
_struct_conn.ptnr2_auth_seq_id 
_struct_conn.ptnr2_symmetry 
_struct_conn.pdbx_ptnr3_label_atom_id 
_struct_conn.pdbx_ptnr3_label_seq_id 
_struct_conn.pdbx_ptnr3_label_comp_id 
_struct_conn.pdbx_ptnr3_label_asym_id 
_struct_conn.pdbx_ptnr3_label_alt_id 
_struct_conn.pdbx_ptnr3_PDB_ins_code 
_struct_conn.details 
_struct_conn.pdbx_dist_value 
_struct_conn.pdbx_value_order 
_struct_conn.pdbx_role 
hydrog1  hydrog ? ? A DG 3  N1 ? ? ? 1_555 D DC 15 N3 ? ? A DG 3  D DC 16 1_555 ? ? ? ? ? ? WATSON-CRICK ? ? ? 
hydrog2  hydrog ? ? A DG 3  N2 ? ? ? 1_555 D DC 15 O2 ? ? A DG 3  D DC 16 1_555 ? ? ? ? ? ? WATSON-CRICK ? ? ? 
hydrog3  hydrog ? ? A DG 3  O6 ? ? ? 1_555 D DC 15 N4 ? ? A DG 3  D DC 16 1_555 ? ? ? ? ? ? WATSON-CRICK ? ? ? 
hydrog4  hydrog ? ? A DC 4  N3 ? ? ? 1_555 D DG 14 N1 ? ? A DC 4  D DG 15 1_555 ? ? ? ? ? ? WATSON-CRICK ? ? ? 
hydrog5  hydrog ? ? A DC 4  N4 ? ? ? 1_555 D DG 14 O6 ? ? A DC 4  D DG 15 1_555 ? ? ? ? ? ? WATSON-CRICK ? ? ? 
hydrog6  hydrog ? ? A DC 4  O2 ? ? ? 1_555 D DG 14 N2 ? ? A DC 4  D DG 15 1_555 ? ? ? ? ? ? WATSON-CRICK ? ? ? 
hydrog7  hydrog ? ? A DA 5  N1 ? ? ? 1_555 D DT 13 N3 ? ? A DA 5  D DT 14 1_555 ? ? ? ? ? ? WATSON-CRICK ? ? ? 
hydrog8  hydrog ? ? A DA 5  N6 ? ? ? 1_555 D DT 13 O4 ? ? A DA 5  D DT 14 1_555 ? ? ? ? ? ? WATSON-CRICK ? ? ? 
hydrog9  hydrog ? ? A DG 6  N1 ? ? ? 1_555 D DC 12 N3 ? ? A DG 6  D DC 13 1_555 ? ? ? ? ? ? WATSON-CRICK ? ? ? 
hydrog10 hydrog ? ? A DG 6  N2 ? ? ? 1_555 D DC 12 O2 ? ? A DG 6  D DC 13 1_555 ? ? ? ? ? ? WATSON-CRICK ? ? ? 
hydrog11 hydrog ? ? A DG 6  O6 ? ? ? 1_555 D DC 12 N4 ? ? A DG 6  D DC 13 1_555 ? ? ? ? ? ? WATSON-CRICK ? ? ? 
hydrog12 hydrog ? ? A DA 7  N1 ? ? ? 1_555 D DT 11 N3 ? ? A DA 7  D DT 12 1_555 ? ? ? ? ? ? WATSON-CRICK ? ? ? 
hydrog13 hydrog ? ? A DA 7  N6 ? ? ? 1_555 D DT 11 O4 ? ? A DA 7  D DT 12 1_555 ? ? ? ? ? ? WATSON-CRICK ? ? ? 
hydrog14 hydrog ? ? A DC 8  N3 ? ? ? 1_555 D DG 10 N1 ? ? A DC 8  D DG 11 1_555 ? ? ? ? ? ? WATSON-CRICK ? ? ? 
hydrog15 hydrog ? ? A DC 8  N4 ? ? ? 1_555 D DG 10 O6 ? ? A DC 8  D DG 11 1_555 ? ? ? ? ? ? WATSON-CRICK ? ? ? 
hydrog16 hydrog ? ? A DC 8  O2 ? ? ? 1_555 D DG 10 N2 ? ? A DC 8  D DG 11 1_555 ? ? ? ? ? ? WATSON-CRICK ? ? ? 
hydrog17 hydrog ? ? A DC 9  N3 ? ? ? 1_555 D DG 9  N1 ? ? A DC 9  D DG 10 1_555 ? ? ? ? ? ? WATSON-CRICK ? ? ? 
hydrog18 hydrog ? ? A DC 9  N4 ? ? ? 1_555 D DG 9  O6 ? ? A DC 9  D DG 10 1_555 ? ? ? ? ? ? WATSON-CRICK ? ? ? 
hydrog19 hydrog ? ? A DC 9  O2 ? ? ? 1_555 D DG 9  N2 ? ? A DC 9  D DG 10 1_555 ? ? ? ? ? ? WATSON-CRICK ? ? ? 
hydrog20 hydrog ? ? A DT 10 N3 ? ? ? 1_555 C DA 3  N1 ? ? A DT 10 C DA 2  1_555 ? ? ? ? ? ? WATSON-CRICK ? ? ? 
hydrog21 hydrog ? ? A DT 10 O4 ? ? ? 1_555 C DA 3  N6 ? ? A DT 10 C DA 2  1_555 ? ? ? ? ? ? WATSON-CRICK ? ? ? 
hydrog22 hydrog ? ? A DG 11 N1 ? ? ? 1_555 C DC 2  N3 ? ? A DG 11 C DC 1  1_555 ? ? ? ? ? ? WATSON-CRICK ? ? ? 
hydrog23 hydrog ? ? A DG 11 N2 ? ? ? 1_555 C DC 2  O2 ? ? A DG 11 C DC 1  1_555 ? ? ? ? ? ? WATSON-CRICK ? ? ? 
hydrog24 hydrog ? ? A DG 11 O6 ? ? ? 1_555 C DC 2  N4 ? ? A DG 11 C DC 1  1_555 ? ? ? ? ? ? WATSON-CRICK ? ? ? 
hydrog25 hydrog ? ? A DA 12 N1 ? ? ? 1_555 C DT 1  N3 ? ? A DA 12 C DT 0  1_555 ? ? ? ? ? ? WATSON-CRICK ? ? ? 
hydrog26 hydrog ? ? A DA 12 N6 ? ? ? 1_555 C DT 1  O4 ? ? A DA 12 C DT 0  1_555 ? ? ? ? ? ? WATSON-CRICK ? ? ? 
hydrog27 hydrog ? ? B DC 1  N3 ? ? ? 1_555 C DG 6  N1 ? ? B DC 12 C DG 5  1_555 ? ? ? ? ? ? WATSON-CRICK ? ? ? 
hydrog28 hydrog ? ? B DC 1  N4 ? ? ? 1_555 C DG 6  O6 ? ? B DC 12 C DG 5  1_555 ? ? ? ? ? ? WATSON-CRICK ? ? ? 
hydrog29 hydrog ? ? B DC 1  O2 ? ? ? 1_555 C DG 6  N2 ? ? B DC 12 C DG 5  1_555 ? ? ? ? ? ? WATSON-CRICK ? ? ? 
hydrog30 hydrog ? ? B DG 2  N1 ? ? ? 1_555 C DC 5  N3 ? ? B DG 13 C DC 4  1_555 ? ? ? ? ? ? WATSON-CRICK ? ? ? 
hydrog31 hydrog ? ? B DG 2  N2 ? ? ? 1_555 C DC 5  O2 ? ? B DG 13 C DC 4  1_555 ? ? ? ? ? ? WATSON-CRICK ? ? ? 
hydrog32 hydrog ? ? B DG 2  O6 ? ? ? 1_555 C DC 5  N4 ? ? B DG 13 C DC 4  1_555 ? ? ? ? ? ? WATSON-CRICK ? ? ? 
hydrog33 hydrog ? ? B DA 3  N1 ? ? ? 1_555 C DT 4  N3 ? ? B DA 14 C DT 3  1_555 ? ? ? ? ? ? WATSON-CRICK ? ? ? 
hydrog34 hydrog ? ? B DA 3  N6 ? ? ? 1_555 C DT 4  O4 ? ? B DA 14 C DT 3  1_555 ? ? ? ? ? ? WATSON-CRICK ? ? ? 
hydrog35 hydrog ? ? B DC 4  N3 ? ? ? 1_555 D DG 8  N1 ? ? B DC 15 D DG 9  1_555 ? ? ? ? ? ? WATSON-CRICK ? ? ? 
hydrog36 hydrog ? ? B DC 4  N4 ? ? ? 1_555 D DG 8  O6 ? ? B DC 15 D DG 9  1_555 ? ? ? ? ? ? WATSON-CRICK ? ? ? 
hydrog37 hydrog ? ? B DC 4  O2 ? ? ? 1_555 D DG 8  N2 ? ? B DC 15 D DG 9  1_555 ? ? ? ? ? ? WATSON-CRICK ? ? ? 
hydrog38 hydrog ? ? B DA 5  N1 ? ? ? 1_555 D DT 7  N3 ? ? B DA 16 D DT 8  1_555 ? ? ? ? ? ? WATSON-CRICK ? ? ? 
hydrog39 hydrog ? ? B DA 5  N6 ? ? ? 1_555 D DT 7  O4 ? ? B DA 16 D DT 8  1_555 ? ? ? ? ? ? WATSON-CRICK ? ? ? 
hydrog40 hydrog ? ? B DC 6  N3 ? ? ? 1_555 D DG 6  N1 ? ? B DC 17 D DG 7  1_555 ? ? ? ? ? ? WATSON-CRICK ? ? ? 
hydrog41 hydrog ? ? B DC 6  N4 ? ? ? 1_555 D DG 6  O6 ? ? B DC 17 D DG 7  1_555 ? ? ? ? ? ? WATSON-CRICK ? ? ? 
hydrog42 hydrog ? ? B DC 6  O2 ? ? ? 1_555 D DG 6  N2 ? ? B DC 17 D DG 7  1_555 ? ? ? ? ? ? WATSON-CRICK ? ? ? 
hydrog43 hydrog ? ? B DT 7  N3 ? ? ? 1_555 D DA 5  N1 ? ? B DT 18 D DA 6  1_555 ? ? ? ? ? ? WATSON-CRICK ? ? ? 
hydrog44 hydrog ? ? B DT 7  O4 ? ? ? 1_555 D DA 5  N6 ? ? B DT 18 D DA 6  1_555 ? ? ? ? ? ? WATSON-CRICK ? ? ? 
hydrog45 hydrog ? ? B DC 8  N3 ? ? ? 1_555 D DG 4  N1 ? ? B DC 19 D DG 5  1_555 ? ? ? ? ? ? WATSON-CRICK ? ? ? 
hydrog46 hydrog ? ? B DC 8  N4 ? ? ? 1_555 D DG 4  O6 ? ? B DC 19 D DG 5  1_555 ? ? ? ? ? ? WATSON-CRICK ? ? ? 
hydrog47 hydrog ? ? B DC 8  O2 ? ? ? 1_555 D DG 4  N2 ? ? B DC 19 D DG 5  1_555 ? ? ? ? ? ? WATSON-CRICK ? ? ? 
# 
_struct_conn_type.id          hydrog 
_struct_conn_type.criteria    ? 
_struct_conn_type.reference   ? 
# 
_atom_sites.entry_id                    7JHA 
_atom_sites.Cartn_transf_matrix[1][1]   ? 
_atom_sites.Cartn_transf_matrix[1][2]   ? 
_atom_sites.Cartn_transf_matrix[1][3]   ? 
_atom_sites.Cartn_transf_matrix[2][1]   ? 
_atom_sites.Cartn_transf_matrix[2][2]   ? 
_atom_sites.Cartn_transf_matrix[2][3]   ? 
_atom_sites.Cartn_transf_matrix[3][1]   ? 
_atom_sites.Cartn_transf_matrix[3][2]   ? 
_atom_sites.Cartn_transf_matrix[3][3]   ? 
_atom_sites.Cartn_transf_vector[1]      ? 
_atom_sites.Cartn_transf_vector[2]      ? 
_atom_sites.Cartn_transf_vector[3]      ? 
_atom_sites.fract_transf_matrix[1][1]   0.01111470 
_atom_sites.fract_transf_matrix[1][2]   -0.00981210 
_atom_sites.fract_transf_matrix[1][3]   0.00795662 
_atom_sites.fract_transf_matrix[2][1]   0.00069376 
_atom_sites.fract_transf_matrix[2][2]   -0.00000835 
_atom_sites.fract_transf_matrix[2][3]   0.01681169 
_atom_sites.fract_transf_matrix[3][1]   -0.01201775 
_atom_sites.fract_transf_matrix[3][2]   -0.01321632 
_atom_sites.fract_transf_matrix[3][3]   0.00048937 
_atom_sites.fract_transf_vector[1]      1.188037 
_atom_sites.fract_transf_vector[2]      0.842889 
_atom_sites.fract_transf_vector[3]      0.110430 
_atom_sites.solution_primary            ? 
_atom_sites.solution_secondary          ? 
_atom_sites.solution_hydrogens          ? 
_atom_sites.special_details             ? 
# 
loop_
_atom_type.symbol 
AS 
C  
H  
N  
O  
P  
# 
loop_
_atom_site.group_PDB 
_atom_site.id 
_atom_site.type_symbol 
_atom_site.label_atom_id 
_atom_site.label_alt_id 
_atom_site.label_comp_id 
_atom_site.label_asym_id 
_atom_site.label_entity_id 
_atom_site.label_seq_id 
_atom_site.pdbx_PDB_ins_code 
_atom_site.Cartn_x 
_atom_site.Cartn_y 
_atom_site.Cartn_z 
_atom_site.occupancy 
_atom_site.B_iso_or_equiv 
_atom_site.pdbx_formal_charge 
_atom_site.auth_seq_id 
_atom_site.auth_comp_id 
_atom_site.auth_asym_id 
_atom_site.auth_atom_id 
_atom_site.pdbx_PDB_model_num 
ATOM   1    O  "O5'"  . DG  A 1 1  ? 7.656   14.262  19.322  1.00 84.16  ? 1   DG  A "O5'"  1 
ATOM   2    C  "C5'"  . DG  A 1 1  ? 8.071   13.095  20.027  1.00 91.48  ? 1   DG  A "C5'"  1 
ATOM   3    C  "C4'"  . DG  A 1 1  ? 6.876   12.344  20.585  1.00 80.97  ? 1   DG  A "C4'"  1 
ATOM   4    O  "O4'"  . DG  A 1 1  ? 5.875   13.295  21.016  1.00 69.21  ? 1   DG  A "O4'"  1 
ATOM   5    C  "C3'"  . DG  A 1 1  ? 6.184   11.430  19.589  1.00 97.22  ? 1   DG  A "C3'"  1 
ATOM   6    O  "O3'"  . DG  A 1 1  ? 6.675   10.116  19.714  1.00 99.88  ? 1   DG  A "O3'"  1 
ATOM   7    C  "C2'"  . DG  A 1 1  ? 4.706   11.527  19.951  1.00 85.18  ? 1   DG  A "C2'"  1 
ATOM   8    C  "C1'"  . DG  A 1 1  ? 4.582   12.892  20.607  1.00 64.00  ? 1   DG  A "C1'"  1 
ATOM   9    N  N9     . DG  A 1 1  ? 4.040   13.930  19.740  1.00 64.85  ? 1   DG  A N9     1 
ATOM   10   C  C8     . DG  A 1 1  ? 4.712   15.018  19.237  1.00 69.16  ? 1   DG  A C8     1 
ATOM   11   N  N7     . DG  A 1 1  ? 3.965   15.801  18.513  1.00 65.77  ? 1   DG  A N7     1 
ATOM   12   C  C5     . DG  A 1 1  ? 2.714   15.202  18.543  1.00 62.22  ? 1   DG  A C5     1 
ATOM   13   C  C6     . DG  A 1 1  ? 1.505   15.599  17.933  1.00 67.41  ? 1   DG  A C6     1 
ATOM   14   O  O6     . DG  A 1 1  ? 1.294   16.595  17.227  1.00 93.02  ? 1   DG  A O6     1 
ATOM   15   N  N1     . DG  A 1 1  ? 0.472   14.711  18.217  1.00 68.77  ? 1   DG  A N1     1 
ATOM   16   C  C2     . DG  A 1 1  ? 0.595   13.579  18.989  1.00 76.82  ? 1   DG  A C2     1 
ATOM   17   N  N2     . DG  A 1 1  ? -0.516  12.848  19.147  1.00 88.02  ? 1   DG  A N2     1 
ATOM   18   N  N3     . DG  A 1 1  ? 1.725   13.193  19.567  1.00 69.11  ? 1   DG  A N3     1 
ATOM   19   C  C4     . DG  A 1 1  ? 2.741   14.050  19.300  1.00 69.43  ? 1   DG  A C4     1 
ATOM   20   H  "H5'"  . DG  A 1 1  ? 8.654   13.355  20.758  1.00 110.05 ? 1   DG  A "H5'"  1 
ATOM   21   H  "H5''" . DG  A 1 1  ? 8.559   12.514  19.422  1.00 110.05 ? 1   DG  A "H5''" 1 
ATOM   22   H  "H4'"  . DG  A 1 1  ? 7.161   11.820  21.349  1.00 97.44  ? 1   DG  A "H4'"  1 
ATOM   23   H  "H3'"  . DG  A 1 1  ? 6.326   11.754  18.685  1.00 116.93 ? 1   DG  A "H3'"  1 
ATOM   24   H  "H2'"  . DG  A 1 1  ? 4.156   11.481  19.153  1.00 102.49 ? 1   DG  A "H2'"  1 
ATOM   25   H  "H2''" . DG  A 1 1  ? 4.461   10.826  20.575  1.00 102.49 ? 1   DG  A "H2''" 1 
ATOM   26   H  "H1'"  . DG  A 1 1  ? 4.017   12.811  21.390  1.00 77.06  ? 1   DG  A "H1'"  1 
ATOM   27   H  H8     . DG  A 1 1  ? 5.616   15.175  19.393  1.00 83.26  ? 1   DG  A H8     1 
ATOM   28   H  H1     . DG  A 1 1  ? -0.302  14.882  17.885  1.00 82.79  ? 1   DG  A H1     1 
ATOM   29   H  H21    . DG  A 1 1  ? -1.252  13.097  18.778  1.00 105.89 ? 1   DG  A H21    1 
ATOM   30   H  H22    . DG  A 1 1  ? -0.494  12.129  19.618  1.00 105.89 ? 1   DG  A H22    1 
ATOM   31   P  P      . DA  A 1 2  ? 6.258   9.002   18.641  1.00 104.13 ? 2   DA  A P      1 
ATOM   32   O  OP1    . DA  A 1 2  ? 7.060   7.794   18.937  1.00 104.61 ? 2   DA  A OP1    1 
ATOM   33   O  OP2    . DA  A 1 2  ? 6.322   9.637   17.305  1.00 91.92  ? 2   DA  A OP2    1 
ATOM   34   O  "O5'"  . DA  A 1 2  ? 4.719   8.711   18.964  1.00 83.12  ? 2   DA  A "O5'"  1 
ATOM   35   C  "C5'"  . DA  A 1 2  ? 4.220   7.389   18.860  1.00 88.82  ? 2   DA  A "C5'"  1 
ATOM   36   C  "C4'"  . DA  A 1 2  ? 2.712   7.383   18.692  1.00 81.75  ? 2   DA  A "C4'"  1 
ATOM   37   O  "O4'"  . DA  A 1 2  ? 2.237   8.748   18.595  1.00 78.32  ? 2   DA  A "O4'"  1 
ATOM   38   C  "C3'"  . DA  A 1 2  ? 2.214   6.655   17.446  1.00 89.94  ? 2   DA  A "C3'"  1 
ATOM   39   O  "O3'"  . DA  A 1 2  ? 1.097   5.831   17.746  1.00 103.40 ? 2   DA  A "O3'"  1 
ATOM   40   C  "C2'"  . DA  A 1 2  ? 1.857   7.767   16.467  1.00 86.32  ? 2   DA  A "C2'"  1 
ATOM   41   C  "C1'"  . DA  A 1 2  ? 1.622   8.989   17.346  1.00 72.25  ? 2   DA  A "C1'"  1 
ATOM   42   N  N9     . DA  A 1 2  ? 2.192   10.208  16.788  1.00 77.18  ? 2   DA  A N9     1 
ATOM   43   C  C8     . DA  A 1 2  ? 3.514   10.544  16.747  1.00 75.54  ? 2   DA  A C8     1 
ATOM   44   N  N7     . DA  A 1 2  ? 3.749   11.700  16.179  1.00 81.83  ? 2   DA  A N7     1 
ATOM   45   C  C5     . DA  A 1 2  ? 2.493   12.154  15.815  1.00 73.82  ? 2   DA  A C5     1 
ATOM   46   C  C6     . DA  A 1 2  ? 2.062   13.328  15.169  1.00 77.29  ? 2   DA  A C6     1 
ATOM   47   N  N6     . DA  A 1 2  ? 2.898   14.289  14.763  1.00 78.26  ? 2   DA  A N6     1 
ATOM   48   N  N1     . DA  A 1 2  ? 0.737   13.475  14.956  1.00 77.66  ? 2   DA  A N1     1 
ATOM   49   C  C2     . DA  A 1 2  ? -0.093  12.507  15.366  1.00 79.16  ? 2   DA  A C2     1 
ATOM   50   N  N3     . DA  A 1 2  ? 0.196   11.362  15.985  1.00 81.23  ? 2   DA  A N3     1 
ATOM   51   C  C4     . DA  A 1 2  ? 1.519   11.246  16.180  1.00 76.81  ? 2   DA  A C4     1 
ATOM   52   H  "H5'"  . DA  A 1 2  ? 4.452   6.898   19.664  1.00 106.85 ? 2   DA  A "H5'"  1 
ATOM   53   H  "H5''" . DA  A 1 2  ? 4.627   6.956   18.095  1.00 106.85 ? 2   DA  A "H5''" 1 
ATOM   54   H  "H4'"  . DA  A 1 2  ? 2.314   6.970   19.474  1.00 98.37  ? 2   DA  A "H4'"  1 
ATOM   55   H  "H3'"  . DA  A 1 2  ? 2.930   6.113   17.078  1.00 108.20 ? 2   DA  A "H3'"  1 
ATOM   56   H  "H2'"  . DA  A 1 2  ? 2.593   7.927   15.855  1.00 103.85 ? 2   DA  A "H2'"  1 
ATOM   57   H  "H2''" . DA  A 1 2  ? 1.051   7.542   15.978  1.00 103.85 ? 2   DA  A "H2''" 1 
ATOM   58   H  "H1'"  . DA  A 1 2  ? 0.669   9.111   17.477  1.00 86.97  ? 2   DA  A "H1'"  1 
ATOM   59   H  H8     . DA  A 1 2  ? 4.186   10.003  17.095  1.00 90.92  ? 2   DA  A H8     1 
ATOM   60   H  H61    . DA  A 1 2  ? 2.589   14.993  14.375  1.00 94.19  ? 2   DA  A H61    1 
ATOM   61   H  H62    . DA  A 1 2  ? 3.744   14.205  14.890  1.00 94.19  ? 2   DA  A H62    1 
ATOM   62   H  H2     . DA  A 1 2  ? -0.994  12.655  15.197  1.00 95.26  ? 2   DA  A H2     1 
ATOM   63   P  P      . DG  A 1 3  ? 0.444   4.934   16.585  1.00 97.10  ? 3   DG  A P      1 
ATOM   64   O  OP1    . DG  A 1 3  ? -0.181  3.750   17.215  1.00 93.57  ? 3   DG  A OP1    1 
ATOM   65   O  OP2    . DG  A 1 3  ? 1.482   4.758   15.546  1.00 90.43  ? 3   DG  A OP2    1 
ATOM   66   O  "O5'"  . DG  A 1 3  ? -0.695  5.876   15.974  1.00 65.22  ? 3   DG  A "O5'"  1 
ATOM   67   C  "C5'"  . DG  A 1 3  ? -1.142  5.683   14.640  1.00 79.61  ? 3   DG  A "C5'"  1 
ATOM   68   C  "C4'"  . DG  A 1 3  ? -1.687  6.977   14.070  1.00 83.51  ? 3   DG  A "C4'"  1 
ATOM   69   O  "O4'"  . DG  A 1 3  ? -0.683  8.003   14.163  1.00 75.78  ? 3   DG  A "O4'"  1 
ATOM   70   C  "C3'"  . DG  A 1 3  ? -2.051  6.935   12.589  1.00 98.27  ? 3   DG  A "C3'"  1 
ATOM   71   O  "O3'"  . DG  A 1 3  ? -3.425  6.626   12.416  1.00 107.91 ? 3   DG  A "O3'"  1 
ATOM   72   C  "C2'"  . DG  A 1 3  ? -1.707  8.341   12.071  1.00 89.94  ? 3   DG  A "C2'"  1 
ATOM   73   C  "C1'"  . DG  A 1 3  ? -1.019  9.021   13.253  1.00 84.15  ? 3   DG  A "C1'"  1 
ATOM   74   N  N9     . DG  A 1 3  ? 0.192   9.767   12.910  1.00 75.29  ? 3   DG  A N9     1 
ATOM   75   C  C8     . DG  A 1 3  ? 1.490   9.431   13.215  1.00 69.39  ? 3   DG  A C8     1 
ATOM   76   N  N7     . DG  A 1 3  ? 2.364   10.306  12.797  1.00 67.27  ? 3   DG  A N7     1 
ATOM   77   C  C5     . DG  A 1 3  ? 1.596   11.287  12.183  1.00 73.16  ? 3   DG  A C5     1 
ATOM   78   C  C6     . DG  A 1 3  ? 1.989   12.488  11.543  1.00 73.42  ? 3   DG  A C6     1 
ATOM   79   O  O6     . DG  A 1 3  ? 3.135   12.936  11.386  1.00 75.46  ? 3   DG  A O6     1 
ATOM   80   N  N1     . DG  A 1 3  ? 0.892   13.195  11.055  1.00 70.96  ? 3   DG  A N1     1 
ATOM   81   C  C2     . DG  A 1 3  ? -0.418  12.792  11.172  1.00 71.95  ? 3   DG  A C2     1 
ATOM   82   N  N2     . DG  A 1 3  ? -1.341  13.601  10.632  1.00 64.36  ? 3   DG  A N2     1 
ATOM   83   N  N3     . DG  A 1 3  ? -0.799  11.670  11.768  1.00 66.62  ? 3   DG  A N3     1 
ATOM   84   C  C4     . DG  A 1 3  ? 0.257   10.971  12.248  1.00 71.54  ? 3   DG  A C4     1 
ATOM   85   H  "H5'"  . DG  A 1 3  ? -1.840  5.011   14.629  1.00 95.80  ? 3   DG  A "H5'"  1 
ATOM   86   H  "H5''" . DG  A 1 3  ? -0.398  5.382   14.095  1.00 95.80  ? 3   DG  A "H5''" 1 
ATOM   87   H  "H4'"  . DG  A 1 3  ? -2.465  7.247   14.581  1.00 100.48 ? 3   DG  A "H4'"  1 
ATOM   88   H  "H3'"  . DG  A 1 3  ? -1.505  6.274   12.136  1.00 118.19 ? 3   DG  A "H3'"  1 
ATOM   89   H  "H2'"  . DG  A 1 3  ? -1.102  8.284   11.315  1.00 108.19 ? 3   DG  A "H2'"  1 
ATOM   90   H  "H2''" . DG  A 1 3  ? -2.514  8.820   11.827  1.00 108.19 ? 3   DG  A "H2''" 1 
ATOM   91   H  "H1'"  . DG  A 1 3  ? -1.649  9.625   13.677  1.00 101.25 ? 3   DG  A "H1'"  1 
ATOM   92   H  H8     . DG  A 1 3  ? 1.722   8.655   13.670  1.00 83.54  ? 3   DG  A H8     1 
ATOM   93   H  H1     . DG  A 1 3  ? 1.045   13.938  10.649  1.00 85.42  ? 3   DG  A H1     1 
ATOM   94   H  H21    . DG  A 1 3  ? -2.174  13.390  10.673  1.00 77.50  ? 3   DG  A H21    1 
ATOM   95   H  H22    . DG  A 1 3  ? -1.101  14.330  10.245  1.00 77.50  ? 3   DG  A H22    1 
ATOM   96   P  P      . DC  A 1 4  ? -3.907  5.890   11.074  1.00 118.42 ? 4   DC  A P      1 
ATOM   97   O  OP1    . DC  A 1 4  ? -5.383  6.003   10.987  1.00 89.48  ? 4   DC  A OP1    1 
ATOM   98   O  OP2    . DC  A 1 4  ? -3.255  4.560   11.078  1.00 86.06  ? 4   DC  A OP2    1 
ATOM   99   O  "O5'"  . DC  A 1 4  ? -3.237  6.763   9.908   1.00 105.92 ? 4   DC  A "O5'"  1 
ATOM   100  C  "C5'"  . DC  A 1 4  ? -4.051  7.390   8.918   1.00 103.84 ? 4   DC  A "C5'"  1 
ATOM   101  C  "C4'"  . DC  A 1 4  ? -3.553  8.791   8.597   1.00 95.98  ? 4   DC  A "C4'"  1 
ATOM   102  O  "O4'"  . DC  A 1 4  ? -2.312  9.050   9.272   1.00 100.78 ? 4   DC  A "O4'"  1 
ATOM   103  C  "C3'"  . DC  A 1 4  ? -3.217  9.048   7.141   1.00 100.14 ? 4   DC  A "C3'"  1 
ATOM   104  O  "O3'"  . DC  A 1 4  ? -4.382  9.374   6.407   1.00 108.83 ? 4   DC  A "O3'"  1 
ATOM   105  C  "C2'"  . DC  A 1 4  ? -2.223  10.217  7.218   1.00 87.46  ? 4   DC  A "C2'"  1 
ATOM   106  C  "C1'"  . DC  A 1 4  ? -1.716  10.176  8.657   1.00 93.67  ? 4   DC  A "C1'"  1 
ATOM   107  N  N1     . DC  A 1 4  ? -0.223  10.079  8.790   1.00 83.57  ? 4   DC  A N1     1 
ATOM   108  C  C2     . DC  A 1 4  ? 0.582   11.173  8.441   1.00 80.22  ? 4   DC  A C2     1 
ATOM   109  O  O2     . DC  A 1 4  ? 0.049   12.197  7.994   1.00 87.57  ? 4   DC  A O2     1 
ATOM   110  N  N3     . DC  A 1 4  ? 1.928   11.076  8.597   1.00 73.56  ? 4   DC  A N3     1 
ATOM   111  C  C4     . DC  A 1 4  ? 2.464   9.954   9.084   1.00 83.42  ? 4   DC  A C4     1 
ATOM   112  N  N4     . DC  A 1 4  ? 3.794   9.899   9.222   1.00 83.05  ? 4   DC  A N4     1 
ATOM   113  C  C5     . DC  A 1 4  ? 1.660   8.836   9.453   1.00 82.23  ? 4   DC  A C5     1 
ATOM   114  C  C6     . DC  A 1 4  ? 0.338   8.942   9.291   1.00 77.13  ? 4   DC  A C6     1 
ATOM   115  H  "H5'"  . DC  A 1 4  ? -4.963  7.444   9.244   1.00 124.88 ? 4   DC  A "H5'"  1 
ATOM   116  H  "H5''" . DC  A 1 4  ? -4.035  6.854   8.108   1.00 124.88 ? 4   DC  A "H5''" 1 
ATOM   117  H  "H4'"  . DC  A 1 4  ? -4.215  9.437   8.890   1.00 115.44 ? 4   DC  A "H4'"  1 
ATOM   118  H  "H3'"  . DC  A 1 4  ? -2.785  8.269   6.755   1.00 120.44 ? 4   DC  A "H3'"  1 
ATOM   119  H  "H2'"  . DC  A 1 4  ? -1.492  10.083  6.596   1.00 105.22 ? 4   DC  A "H2'"  1 
ATOM   120  H  "H2''" . DC  A 1 4  ? -2.673  11.058  7.040   1.00 105.22 ? 4   DC  A "H2''" 1 
ATOM   121  H  "H1'"  . DC  A 1 4  ? -2.017  10.976  9.115   1.00 112.67 ? 4   DC  A "H1'"  1 
ATOM   122  H  H41    . DC  A 1 4  ? 4.164   9.188   9.536   1.00 99.93  ? 4   DC  A H41    1 
ATOM   123  H  H42    . DC  A 1 4  ? 4.278   10.572  8.998   1.00 99.93  ? 4   DC  A H42    1 
ATOM   124  H  H5     . DC  A 1 4  ? 2.042   8.059   9.792   1.00 98.95  ? 4   DC  A H5     1 
ATOM   125  H  H6     . DC  A 1 4  ? -0.211  8.228   9.528   1.00 92.83  ? 4   DC  A H6     1 
ATOM   126  P  P      . DA  A 1 5  ? -5.184  8.231   5.614   1.00 108.88 ? 5   DA  A P      1 
ATOM   127  O  OP1    . DA  A 1 5  ? -6.548  8.179   6.190   1.00 101.51 ? 5   DA  A OP1    1 
ATOM   128  O  OP2    . DA  A 1 5  ? -4.342  7.011   5.600   1.00 83.26  ? 5   DA  A OP2    1 
ATOM   129  O  "O5'"  . DA  A 1 5  ? -5.276  8.806   4.123   1.00 103.64 ? 5   DA  A "O5'"  1 
ATOM   130  C  "C5'"  . DA  A 1 5  ? -5.707  10.149  3.904   1.00 83.73  ? 5   DA  A "C5'"  1 
ATOM   131  C  "C4'"  . DA  A 1 5  ? -4.598  10.983  3.286   1.00 96.56  ? 5   DA  A "C4'"  1 
ATOM   132  O  "O4'"  . DA  A 1 5  ? -3.405  10.851  4.088   1.00 85.67  ? 5   DA  A "O4'"  1 
ATOM   133  C  "C3'"  . DA  A 1 5  ? -4.193  10.578  1.864   1.00 106.05 ? 5   DA  A "C3'"  1 
ATOM   134  O  "O3'"  . DA  A 1 5  ? -4.659  11.535  0.906   1.00 95.62  ? 5   DA  A "O3'"  1 
ATOM   135  C  "C2'"  . DA  A 1 5  ? -2.660  10.503  1.896   1.00 95.41  ? 5   DA  A "C2'"  1 
ATOM   136  C  "C1'"  . DA  A 1 5  ? -2.283  11.047  3.266   1.00 76.33  ? 5   DA  A "C1'"  1 
ATOM   137  N  N9     . DA  A 1 5  ? -1.136  10.380  3.875   1.00 70.61  ? 5   DA  A N9     1 
ATOM   138  C  C8     . DA  A 1 5  ? -1.101  9.119   4.404   1.00 79.79  ? 5   DA  A C8     1 
ATOM   139  N  N7     . DA  A 1 5  ? 0.067   8.786   4.902   1.00 81.68  ? 5   DA  A N7     1 
ATOM   140  C  C5     . DA  A 1 5  ? 0.860   9.899   4.665   1.00 82.43  ? 5   DA  A C5     1 
ATOM   141  C  C6     . DA  A 1 5  ? 2.216   10.179  4.944   1.00 78.57  ? 5   DA  A C6     1 
ATOM   142  N  N6     . DA  A 1 5  ? 3.038   9.316   5.551   1.00 76.69  ? 5   DA  A N6     1 
ATOM   143  N  N1     . DA  A 1 5  ? 2.693   11.386  4.574   1.00 75.87  ? 5   DA  A N1     1 
ATOM   144  C  C2     . DA  A 1 5  ? 1.868   12.249  3.967   1.00 77.43  ? 5   DA  A C2     1 
ATOM   145  N  N3     . DA  A 1 5  ? 0.580   12.099  3.651   1.00 76.11  ? 5   DA  A N3     1 
ATOM   146  C  C4     . DA  A 1 5  ? 0.134   10.890  4.031   1.00 80.25  ? 5   DA  A C4     1 
ATOM   147  H  "H5'"  . DA  A 1 5  ? -5.966  10.541  4.753   1.00 100.75 ? 5   DA  A "H5'"  1 
ATOM   148  H  "H5''" . DA  A 1 5  ? -6.472  10.144  3.308   1.00 100.75 ? 5   DA  A "H5''" 1 
ATOM   149  H  "H4'"  . DA  A 1 5  ? -4.872  11.914  3.282   1.00 116.14 ? 5   DA  A "H4'"  1 
ATOM   150  H  "H3'"  . DA  A 1 5  ? -4.558  9.703   1.658   1.00 127.53 ? 5   DA  A "H3'"  1 
ATOM   151  H  "H2'"  . DA  A 1 5  ? -2.364  9.585   1.803   1.00 114.76 ? 5   DA  A "H2'"  1 
ATOM   152  H  "H2''" . DA  A 1 5  ? -2.280  11.056  1.195   1.00 114.76 ? 5   DA  A "H2''" 1 
ATOM   153  H  "H1'"  . DA  A 1 5  ? -2.100  11.997  3.195   1.00 91.87  ? 5   DA  A "H1'"  1 
ATOM   154  H  H8     . DA  A 1 5  ? -1.845  8.561   4.436   1.00 96.02  ? 5   DA  A H8     1 
ATOM   155  H  H61    . DA  A 1 5  ? 3.858   9.531   5.694   1.00 92.29  ? 5   DA  A H61    1 
ATOM   156  H  H62    . DA  A 1 5  ? 2.746   8.545   5.798   1.00 92.29  ? 5   DA  A H62    1 
ATOM   157  H  H2     . DA  A 1 5  ? 2.246   13.065  3.732   1.00 93.18  ? 5   DA  A H2     1 
ATOM   158  P  P      . DG  A 1 6  ? -4.427  11.277  -0.665  1.00 113.56 ? 6   DG  A P      1 
ATOM   159  O  OP1    . DG  A 1 6  ? -5.765  11.203  -1.292  1.00 109.43 ? 6   DG  A OP1    1 
ATOM   160  O  OP2    . DG  A 1 6  ? -3.481  10.147  -0.803  1.00 100.73 ? 6   DG  A OP2    1 
ATOM   161  O  "O5'"  . DG  A 1 6  ? -3.679  12.597  -1.196  1.00 110.98 ? 6   DG  A "O5'"  1 
ATOM   162  C  "C5'"  . DG  A 1 6  ? -3.094  13.526  -0.280  1.00 100.37 ? 6   DG  A "C5'"  1 
ATOM   163  C  "C4'"  . DG  A 1 6  ? -1.749  14.050  -0.786  1.00 105.61 ? 6   DG  A "C4'"  1 
ATOM   164  O  "O4'"  . DG  A 1 6  ? -0.685  13.555  0.082   1.00 91.55  ? 6   DG  A "O4'"  1 
ATOM   165  C  "C3'"  . DG  A 1 6  ? -1.355  13.630  -2.210  1.00 111.80 ? 6   DG  A "C3'"  1 
ATOM   166  O  "O3'"  . DG  A 1 6  ? -0.740  14.715  -2.913  1.00 123.14 ? 6   DG  A "O3'"  1 
ATOM   167  C  "C2'"  . DG  A 1 6  ? -0.388  12.479  -1.971  1.00 101.95 ? 6   DG  A "C2'"  1 
ATOM   168  C  "C1'"  . DG  A 1 6  ? 0.307   12.914  -0.696  1.00 87.49  ? 6   DG  A "C1'"  1 
ATOM   169  N  N9     . DG  A 1 6  ? 0.882   11.811  0.071   1.00 88.58  ? 6   DG  A N9     1 
ATOM   170  C  C8     . DG  A 1 6  ? 0.242   10.670  0.486   1.00 84.74  ? 6   DG  A C8     1 
ATOM   171  N  N7     . DG  A 1 6  ? 1.009   9.857   1.155   1.00 72.05  ? 6   DG  A N7     1 
ATOM   172  C  C5     . DG  A 1 6  ? 2.239   10.498  1.185   1.00 73.53  ? 6   DG  A C5     1 
ATOM   173  C  C6     . DG  A 1 6  ? 3.460   10.096  1.774   1.00 77.10  ? 6   DG  A C6     1 
ATOM   174  O  O6     . DG  A 1 6  ? 3.700   9.054   2.407   1.00 79.97  ? 6   DG  A O6     1 
ATOM   175  N  N1     . DG  A 1 6  ? 4.466   11.041  1.576   1.00 68.78  ? 6   DG  A N1     1 
ATOM   176  C  C2     . DG  A 1 6  ? 4.306   12.227  0.892   1.00 74.31  ? 6   DG  A C2     1 
ATOM   177  N  N2     . DG  A 1 6  ? 5.390   13.014  0.798   1.00 71.41  ? 6   DG  A N2     1 
ATOM   178  N  N3     . DG  A 1 6  ? 3.166   12.612  0.334   1.00 79.56  ? 6   DG  A N3     1 
ATOM   179  C  C4     . DG  A 1 6  ? 2.179   11.703  0.522   1.00 81.41  ? 6   DG  A C4     1 
ATOM   180  H  "H5'"  . DG  A 1 6  ? -2.959  13.086  0.574   1.00 120.71 ? 6   DG  A "H5'"  1 
ATOM   181  H  "H5''" . DG  A 1 6  ? -3.699  14.274  -0.160  1.00 120.71 ? 6   DG  A "H5''" 1 
ATOM   182  H  "H4'"  . DG  A 1 6  ? -1.759  15.020  -0.742  1.00 127.00 ? 6   DG  A "H4'"  1 
ATOM   183  H  "H3'"  . DG  A 1 6  ? -2.135  13.316  -2.692  1.00 134.43 ? 6   DG  A "H3'"  1 
ATOM   184  H  "H2'"  . DG  A 1 6  ? -0.869  11.647  -1.835  1.00 122.61 ? 6   DG  A "H2'"  1 
ATOM   185  H  "H2''" . DG  A 1 6  ? 0.245   12.402  -2.702  1.00 122.61 ? 6   DG  A "H2''" 1 
ATOM   186  H  "H1'"  . DG  A 1 6  ? 1.005   13.552  -0.914  1.00 105.26 ? 6   DG  A "H1'"  1 
ATOM   187  H  H8     . DG  A 1 6  ? -0.654  10.495  0.309   1.00 101.96 ? 6   DG  A H8     1 
ATOM   188  H  H1     . DG  A 1 6  ? 5.243   10.871  1.902   1.00 82.81  ? 6   DG  A H1     1 
ATOM   189  H  H21    . DG  A 1 6  ? 5.342   13.764  0.379   1.00 85.96  ? 6   DG  A H21    1 
ATOM   190  H  H22    . DG  A 1 6  ? 6.132   12.768  1.157   1.00 85.96  ? 6   DG  A H22    1 
ATOM   191  P  P      . DA  A 1 7  ? -0.358  14.569  -4.470  1.00 132.95 ? 7   DA  A P      1 
ATOM   192  O  OP1    . DA  A 1 7  ? -1.090  15.623  -5.208  1.00 122.46 ? 7   DA  A OP1    1 
ATOM   193  O  OP2    . DA  A 1 7  ? -0.523  13.148  -4.853  1.00 108.24 ? 7   DA  A OP2    1 
ATOM   194  O  "O5'"  . DA  A 1 7  ? 1.203   14.911  -4.521  1.00 106.10 ? 7   DA  A "O5'"  1 
ATOM   195  C  "C5'"  . DA  A 1 7  ? 2.125   14.131  -3.778  1.00 91.66  ? 7   DA  A "C5'"  1 
ATOM   196  C  "C4'"  . DA  A 1 7  ? 3.527   14.693  -3.890  1.00 90.80  ? 7   DA  A "C4'"  1 
ATOM   197  O  "O4'"  . DA  A 1 7  ? 4.340   14.156  -2.820  1.00 95.89  ? 7   DA  A "O4'"  1 
ATOM   198  C  "C3'"  . DA  A 1 7  ? 4.263   14.316  -5.160  1.00 98.48  ? 7   DA  A "C3'"  1 
ATOM   199  O  "O3'"  . DA  A 1 7  ? 5.286   15.254  -5.474  1.00 105.96 ? 7   DA  A "O3'"  1 
ATOM   200  C  "C2'"  . DA  A 1 7  ? 4.830   12.956  -4.806  1.00 101.49 ? 7   DA  A "C2'"  1 
ATOM   201  C  "C1'"  . DA  A 1 7  ? 5.119   13.078  -3.311  1.00 83.92  ? 7   DA  A "C1'"  1 
ATOM   202  N  N9     . DA  A 1 7  ? 4.776   11.872  -2.579  1.00 78.50  ? 7   DA  A N9     1 
ATOM   203  C  C8     . DA  A 1 7  ? 3.549   11.274  -2.514  1.00 79.15  ? 7   DA  A C8     1 
ATOM   204  N  N7     . DA  A 1 7  ? 3.534   10.176  -1.801  1.00 80.57  ? 7   DA  A N7     1 
ATOM   205  C  C5     . DA  A 1 7  ? 4.844   10.039  -1.374  1.00 80.31  ? 7   DA  A C5     1 
ATOM   206  C  C6     . DA  A 1 7  ? 5.483   9.073   -0.575  1.00 81.72  ? 7   DA  A C6     1 
ATOM   207  N  N6     . DA  A 1 7  ? 4.850   8.022   -0.047  1.00 76.45  ? 7   DA  A N6     1 
ATOM   208  N  N1     . DA  A 1 7  ? 6.804   9.232   -0.337  1.00 78.68  ? 7   DA  A N1     1 
ATOM   209  C  C2     . DA  A 1 7  ? 7.432   10.290  -0.867  1.00 76.67  ? 7   DA  A C2     1 
ATOM   210  N  N3     . DA  A 1 7  ? 6.938   11.261  -1.633  1.00 77.53  ? 7   DA  A N3     1 
ATOM   211  C  C4     . DA  A 1 7  ? 5.626   11.075  -1.848  1.00 79.09  ? 7   DA  A C4     1 
ATOM   212  H  "H5'"  . DA  A 1 7  ? 2.119   13.222  -4.118  1.00 110.26 ? 7   DA  A "H5'"  1 
ATOM   213  H  "H5''" . DA  A 1 7  ? 1.858   14.123  -2.845  1.00 110.26 ? 7   DA  A "H5''" 1 
ATOM   214  H  "H4'"  . DA  A 1 7  ? 3.493   15.661  -3.813  1.00 109.23 ? 7   DA  A "H4'"  1 
ATOM   215  H  "H3'"  . DA  A 1 7  ? 3.639   14.238  -5.898  1.00 118.45 ? 7   DA  A "H3'"  1 
ATOM   216  H  "H2'"  . DA  A 1 7  ? 4.176   12.259  -4.973  1.00 122.05 ? 7   DA  A "H2'"  1 
ATOM   217  H  "H2''" . DA  A 1 7  ? 5.647   12.787  -5.300  1.00 122.05 ? 7   DA  A "H2''" 1 
ATOM   218  H  "H1'"  . DA  A 1 7  ? 6.060   13.277  -3.180  1.00 100.97 ? 7   DA  A "H1'"  1 
ATOM   219  H  H8     . DA  A 1 7  ? 2.794   11.618  -2.936  1.00 95.25  ? 7   DA  A H8     1 
ATOM   220  H  H61    . DA  A 1 7  ? 5.282   7.456   0.434   1.00 92.01  ? 7   DA  A H61    1 
ATOM   221  H  H62    . DA  A 1 7  ? 4.008   7.911   -0.189  1.00 92.01  ? 7   DA  A H62    1 
ATOM   222  H  H2     . DA  A 1 7  ? 8.340   10.354  -0.676  1.00 92.27  ? 7   DA  A H2     1 
ATOM   223  P  P      . DC  A 1 8  ? 6.171   15.061  -6.803  1.00 127.97 ? 8   DC  A P      1 
ATOM   224  O  OP1    . DC  A 1 8  ? 6.832   16.352  -7.093  1.00 127.79 ? 8   DC  A OP1    1 
ATOM   225  O  OP2    . DC  A 1 8  ? 5.312   14.422  -7.824  1.00 112.17 ? 8   DC  A OP2    1 
ATOM   226  O  "O5'"  . DC  A 1 8  ? 7.305   14.014  -6.378  1.00 91.67  ? 8   DC  A "O5'"  1 
ATOM   227  C  "C5'"  . DC  A 1 8  ? 8.381   14.444  -5.565  1.00 94.58  ? 8   DC  A "C5'"  1 
ATOM   228  C  "C4'"  . DC  A 1 8  ? 9.245   13.276  -5.128  1.00 102.68 ? 8   DC  A "C4'"  1 
ATOM   229  O  "O4'"  . DC  A 1 8  ? 8.435   12.317  -4.391  1.00 101.55 ? 8   DC  A "O4'"  1 
ATOM   230  C  "C3'"  . DC  A 1 8  ? 9.904   12.476  -6.269  1.00 95.22  ? 8   DC  A "C3'"  1 
ATOM   231  O  "O3'"  . DC  A 1 8  ? 11.314  12.364  -6.054  1.00 100.46 ? 8   DC  A "O3'"  1 
ATOM   232  C  "C2'"  . DC  A 1 8  ? 9.206   11.122  -6.200  1.00 88.19  ? 8   DC  A "C2'"  1 
ATOM   233  C  "C1'"  . DC  A 1 8  ? 8.890   11.032  -4.726  1.00 83.03  ? 8   DC  A "C1'"  1 
ATOM   234  N  N1     . DC  A 1 8  ? 7.859   10.021  -4.387  1.00 79.18  ? 8   DC  A N1     1 
ATOM   235  C  C2     . DC  A 1 8  ? 8.217   8.893   -3.639  1.00 83.51  ? 8   DC  A C2     1 
ATOM   236  O  O2     . DC  A 1 8  ? 9.389   8.762   -3.260  1.00 80.43  ? 8   DC  A O2     1 
ATOM   237  N  N3     . DC  A 1 8  ? 7.268   7.972   -3.348  1.00 77.04  ? 8   DC  A N3     1 
ATOM   238  C  C4     . DC  A 1 8  ? 6.019   8.146   -3.775  1.00 75.97  ? 8   DC  A C4     1 
ATOM   239  N  N4     . DC  A 1 8  ? 5.115   7.215   -3.460  1.00 79.63  ? 8   DC  A N4     1 
ATOM   240  C  C5     . DC  A 1 8  ? 5.636   9.287   -4.541  1.00 82.15  ? 8   DC  A C5     1 
ATOM   241  C  C6     . DC  A 1 8  ? 6.582   10.187  -4.823  1.00 81.28  ? 8   DC  A C6     1 
ATOM   242  H  "H5'"  . DC  A 1 8  ? 8.027   14.889  -4.779  1.00 113.76 ? 8   DC  A "H5'"  1 
ATOM   243  H  "H5''" . DC  A 1 8  ? 8.925   15.071  -6.066  1.00 113.76 ? 8   DC  A "H5''" 1 
ATOM   244  H  "H4'"  . DC  A 1 8  ? 9.941   13.609  -4.540  1.00 123.48 ? 8   DC  A "H4'"  1 
ATOM   245  H  "H3'"  . DC  A 1 8  ? 9.727   12.902  -7.122  1.00 114.54 ? 8   DC  A "H3'"  1 
ATOM   246  H  "H2'"  . DC  A 1 8  ? 8.394   11.123  -6.730  1.00 106.09 ? 8   DC  A "H2'"  1 
ATOM   247  H  "H2''" . DC  A 1 8  ? 9.803   10.408  -6.471  1.00 106.09 ? 8   DC  A "H2''" 1 
ATOM   248  H  "H1'"  . DC  A 1 8  ? 9.703   10.841  -4.233  1.00 99.90  ? 8   DC  A "H1'"  1 
ATOM   249  H  H41    . DC  A 1 8  ? 4.301   7.298   -3.724  1.00 95.82  ? 8   DC  A H41    1 
ATOM   250  H  H42    . DC  A 1 8  ? 5.348   6.531   -2.993  1.00 95.82  ? 8   DC  A H42    1 
ATOM   251  H  H5     . DC  A 1 8  ? 4.760   9.401   -4.832  1.00 98.84  ? 8   DC  A H5     1 
ATOM   252  H  H6     . DC  A 1 8  ? 6.362   10.942  -5.319  1.00 97.81  ? 8   DC  A H6     1 
ATOM   253  P  P      . DC  A 1 9  ? 12.222  11.456  -7.023  1.00 101.80 ? 9   DC  A P      1 
ATOM   254  O  OP1    . DC  A 1 9  ? 13.622  11.918  -6.890  1.00 99.35  ? 9   DC  A OP1    1 
ATOM   255  O  OP2    . DC  A 1 9  ? 11.558  11.434  -8.344  1.00 88.21  ? 9   DC  A OP2    1 
ATOM   256  O  "O5'"  . DC  A 1 9  ? 12.121  9.987   -6.396  1.00 89.26  ? 9   DC  A "O5'"  1 
ATOM   257  C  "C5'"  . DC  A 1 9  ? 12.154  9.817   -4.986  1.00 92.93  ? 9   DC  A "C5'"  1 
ATOM   258  C  "C4'"  . DC  A 1 9  ? 13.237  8.837   -4.561  1.00 100.16 ? 9   DC  A "C4'"  1 
ATOM   259  O  "O4'"  . DC  A 1 9  ? 12.617  7.698   -3.916  1.00 98.14  ? 9   DC  A "O4'"  1 
ATOM   260  C  "C3'"  . DC  A 1 9  ? 14.074  8.240   -5.681  1.00 91.60  ? 9   DC  A "C3'"  1 
ATOM   261  O  "O3'"  . DC  A 1 9  ? 15.380  7.871   -5.180  1.00 96.20  ? 9   DC  A "O3'"  1 
ATOM   262  C  "C2'"  . DC  A 1 9  ? 13.215  7.053   -6.121  1.00 84.23  ? 9   DC  A "C2'"  1 
ATOM   263  C  "C1'"  . DC  A 1 9  ? 12.558  6.600   -4.813  1.00 84.73  ? 9   DC  A "C1'"  1 
ATOM   264  N  N1     . DC  A 1 9  ? 11.125  6.186   -4.960  1.00 76.51  ? 9   DC  A N1     1 
ATOM   265  C  C2     . DC  A 1 9  ? 10.701  4.955   -4.445  1.00 70.56  ? 9   DC  A C2     1 
ATOM   266  O  O2     . DC  A 1 9  ? 11.519  4.222   -3.874  1.00 62.86  ? 9   DC  A O2     1 
ATOM   267  N  N3     . DC  A 1 9  ? 9.401   4.597   -4.587  1.00 65.53  ? 9   DC  A N3     1 
ATOM   268  C  C4     . DC  A 1 9  ? 8.546   5.412   -5.208  1.00 64.33  ? 9   DC  A C4     1 
ATOM   269  N  N4     . DC  A 1 9  ? 7.274   5.015   -5.321  1.00 59.43  ? 9   DC  A N4     1 
ATOM   270  C  C5     . DC  A 1 9  ? 8.959   6.668   -5.741  1.00 63.18  ? 9   DC  A C5     1 
ATOM   271  C  C6     . DC  A 1 9  ? 10.242  7.013   -5.592  1.00 66.54  ? 9   DC  A C6     1 
ATOM   272  H  "H5'"  . DC  A 1 9  ? 11.293  9.484   -4.687  1.00 111.78 ? 9   DC  A "H5'"  1 
ATOM   273  H  "H5''" . DC  A 1 9  ? 12.324  10.676  -4.568  1.00 111.78 ? 9   DC  A "H5''" 1 
ATOM   274  H  "H4'"  . DC  A 1 9  ? 13.826  9.275   -3.927  1.00 120.46 ? 9   DC  A "H4'"  1 
ATOM   275  H  "H3'"  . DC  A 1 9  ? 14.162  8.877   -6.408  1.00 110.19 ? 9   DC  A "H3'"  1 
ATOM   276  H  "H2'"  . DC  A 1 9  ? 12.545  7.335   -6.762  1.00 101.34 ? 9   DC  A "H2'"  1 
ATOM   277  H  "H2''" . DC  A 1 9  ? 13.770  6.348   -6.489  1.00 101.34 ? 9   DC  A "H2''" 1 
ATOM   278  H  "H1'"  . DC  A 1 9  ? 13.067  5.861   -4.443  1.00 101.94 ? 9   DC  A "H1'"  1 
ATOM   279  H  H41    . DC  A 1 9  ? 6.701   5.519   -5.717  1.00 71.59  ? 9   DC  A H41    1 
ATOM   280  H  H42    . DC  A 1 9  ? 7.030   4.257   -4.998  1.00 71.59  ? 9   DC  A H42    1 
ATOM   281  H  H5     . DC  A 1 9  ? 8.355   7.230   -6.171  1.00 76.08  ? 9   DC  A H5     1 
ATOM   282  H  H6     . DC  A 1 9  ? 10.539  7.827   -5.930  1.00 80.12  ? 9   DC  A H6     1 
ATOM   283  P  P      . DT  A 1 10 ? 16.145  6.550   -5.687  1.00 115.21 ? 10  DT  A P      1 
ATOM   284  O  OP1    . DT  A 1 10 ? 17.487  6.559   -5.059  1.00 102.53 ? 10  DT  A OP1    1 
ATOM   285  O  OP2    . DT  A 1 10 ? 16.031  6.495   -7.164  1.00 95.79  ? 10  DT  A OP2    1 
ATOM   286  O  "O5'"  . DT  A 1 10 ? 15.276  5.354   -5.065  1.00 103.32 ? 10  DT  A "O5'"  1 
ATOM   287  C  "C5'"  . DT  A 1 10 ? 15.721  4.656   -3.898  1.00 101.18 ? 10  DT  A "C5'"  1 
ATOM   288  C  "C4'"  . DT  A 1 10 ? 15.974  3.194   -4.213  1.00 98.56  ? 10  DT  A "C4'"  1 
ATOM   289  O  "O4'"  . DT  A 1 10 ? 14.699  2.503   -4.391  1.00 102.56 ? 10  DT  A "O4'"  1 
ATOM   290  C  "C3'"  . DT  A 1 10 ? 16.759  2.955   -5.498  1.00 89.62  ? 10  DT  A "C3'"  1 
ATOM   291  O  "O3'"  . DT  A 1 10 ? 17.653  1.874   -5.343  1.00 85.29  ? 10  DT  A "O3'"  1 
ATOM   292  C  "C2'"  . DT  A 1 10 ? 15.666  2.662   -6.516  1.00 85.13  ? 10  DT  A "C2'"  1 
ATOM   293  C  "C1'"  . DT  A 1 10 ? 14.654  1.897   -5.673  1.00 84.64  ? 10  DT  A "C1'"  1 
ATOM   294  N  N1     . DT  A 1 10 ? 13.223  1.928   -6.186  1.00 68.01  ? 10  DT  A N1     1 
ATOM   295  C  C2     . DT  A 1 10 ? 12.421  0.826   -5.982  1.00 66.69  ? 10  DT  A C2     1 
ATOM   296  O  O2     . DT  A 1 10 ? 12.806  -0.180  -5.412  1.00 67.66  ? 10  DT  A O2     1 
ATOM   297  N  N3     . DT  A 1 10 ? 11.146  0.940   -6.470  1.00 61.77  ? 10  DT  A N3     1 
ATOM   298  C  C4     . DT  A 1 10 ? 10.596  2.023   -7.126  1.00 64.32  ? 10  DT  A C4     1 
ATOM   299  O  O4     . DT  A 1 10 ? 9.436   2.029   -7.526  1.00 62.57  ? 10  DT  A O4     1 
ATOM   300  C  C5     . DT  A 1 10 ? 11.482  3.149   -7.310  1.00 67.79  ? 10  DT  A C5     1 
ATOM   301  C  C7     . DT  A 1 10 ? 10.996  4.379   -8.014  1.00 61.48  ? 10  DT  A C7     1 
ATOM   302  C  C6     . DT  A 1 10 ? 12.738  3.051   -6.836  1.00 64.24  ? 10  DT  A C6     1 
ATOM   303  H  "H5'"  . DT  A 1 10 ? 15.042  4.722   -3.208  1.00 121.68 ? 10  DT  A "H5'"  1 
ATOM   304  H  "H5''" . DT  A 1 10 ? 16.542  5.061   -3.577  1.00 121.68 ? 10  DT  A "H5''" 1 
ATOM   305  H  "H4'"  . DT  A 1 10 ? 16.452  2.790   -3.472  1.00 118.54 ? 10  DT  A "H4'"  1 
ATOM   306  H  "H3'"  . DT  A 1 10 ? 17.243  3.758   -5.748  1.00 107.82 ? 10  DT  A "H3'"  1 
ATOM   307  H  "H2'"  . DT  A 1 10 ? 15.282  3.484   -6.857  1.00 102.43 ? 10  DT  A "H2'"  1 
ATOM   308  H  "H2''" . DT  A 1 10 ? 16.004  2.107   -7.236  1.00 102.43 ? 10  DT  A "H2''" 1 
ATOM   309  H  "H1'"  . DT  A 1 10 ? 14.942  0.975   -5.595  1.00 101.84 ? 10  DT  A "H1'"  1 
ATOM   310  H  H3     . DT  A 1 10 ? 10.630  0.263   -6.352  1.00 74.39  ? 10  DT  A H3     1 
ATOM   311  H  H71    . DT  A 1 10 ? 11.059  5.141   -7.417  1.00 74.04  ? 10  DT  A H71    1 
ATOM   312  H  H72    . DT  A 1 10 ? 11.541  4.538   -8.801  1.00 74.04  ? 10  DT  A H72    1 
ATOM   313  H  H73    . DT  A 1 10 ? 10.072  4.253   -8.282  1.00 74.04  ? 10  DT  A H73    1 
ATOM   314  H  H6     . DT  A 1 10 ? 13.312  3.775   -6.953  1.00 77.36  ? 10  DT  A H6     1 
ATOM   315  P  P      . DG  A 1 11 ? 18.843  1.649   -6.396  1.00 116.89 ? 11  DG  A P      1 
ATOM   316  O  OP1    . DG  A 1 11 ? 20.060  2.283   -5.839  1.00 112.29 ? 11  DG  A OP1    1 
ATOM   317  O  OP2    . DG  A 1 11 ? 18.343  2.044   -7.733  1.00 82.07  ? 11  DG  A OP2    1 
ATOM   318  O  "O5'"  . DG  A 1 11 ? 19.040  0.063   -6.421  1.00 95.36  ? 11  DG  A "O5'"  1 
ATOM   319  C  "C5'"  . DG  A 1 11 ? 18.471  -0.756  -5.395  1.00 93.81  ? 11  DG  A "C5'"  1 
ATOM   320  C  "C4'"  . DG  A 1 11 ? 17.729  -1.937  -5.997  1.00 90.72  ? 11  DG  A "C4'"  1 
ATOM   321  O  "O4'"  . DG  A 1 11 ? 16.379  -1.533  -6.378  1.00 87.94  ? 11  DG  A "O4'"  1 
ATOM   322  C  "C3'"  . DG  A 1 11 ? 18.357  -2.513  -7.271  1.00 75.12  ? 11  DG  A "C3'"  1 
ATOM   323  O  "O3'"  . DG  A 1 11 ? 18.324  -3.927  -7.249  1.00 73.10  ? 11  DG  A "O3'"  1 
ATOM   324  C  "C2'"  . DG  A 1 11 ? 17.476  -1.943  -8.366  1.00 66.08  ? 11  DG  A "C2'"  1 
ATOM   325  C  "C1'"  . DG  A 1 11 ? 16.130  -1.989  -7.690  1.00 66.29  ? 11  DG  A "C1'"  1 
ATOM   326  N  N9     . DG  A 1 11 ? 15.113  -1.156  -8.315  1.00 60.62  ? 11  DG  A N9     1 
ATOM   327  C  C8     . DG  A 1 11 ? 15.262  0.123   -8.790  1.00 66.56  ? 11  DG  A C8     1 
ATOM   328  N  N7     . DG  A 1 11 ? 14.168  0.617   -9.302  1.00 64.63  ? 11  DG  A N7     1 
ATOM   329  C  C5     . DG  A 1 11 ? 13.238  -0.404  -9.161  1.00 62.44  ? 11  DG  A C5     1 
ATOM   330  C  C6     . DG  A 1 11 ? 11.876  -0.455  -9.533  1.00 59.28  ? 11  DG  A C6     1 
ATOM   331  O  O6     . DG  A 1 11 ? 11.197  0.424   -10.083 1.00 68.19  ? 11  DG  A O6     1 
ATOM   332  N  N1     . DG  A 1 11 ? 11.298  -1.680  -9.208  1.00 53.53  ? 11  DG  A N1     1 
ATOM   333  C  C2     . DG  A 1 11 ? 11.958  -2.724  -8.602  1.00 55.13  ? 11  DG  A C2     1 
ATOM   334  N  N2     . DG  A 1 11 ? 11.238  -3.830  -8.366  1.00 47.14  ? 11  DG  A N2     1 
ATOM   335  N  N3     . DG  A 1 11 ? 13.234  -2.688  -8.249  1.00 56.87  ? 11  DG  A N3     1 
ATOM   336  C  C4     . DG  A 1 11 ? 13.807  -1.502  -8.558  1.00 61.94  ? 11  DG  A C4     1 
ATOM   337  H  "H5'"  . DG  A 1 11 ? 17.853  -0.225  -4.870  1.00 112.84 ? 11  DG  A "H5'"  1 
ATOM   338  H  "H5''" . DG  A 1 11 ? 19.180  -1.084  -4.820  1.00 112.84 ? 11  DG  A "H5''" 1 
ATOM   339  H  "H4'"  . DG  A 1 11 ? 17.670  -2.641  -5.331  1.00 109.13 ? 11  DG  A "H4'"  1 
ATOM   340  H  "H3'"  . DG  A 1 11 ? 19.269  -2.196  -7.370  1.00 90.42  ? 11  DG  A "H3'"  1 
ATOM   341  H  "H2'"  . DG  A 1 11 ? 17.730  -1.031  -8.579  1.00 79.56  ? 11  DG  A "H2'"  1 
ATOM   342  H  "H2''" . DG  A 1 11 ? 17.491  -2.508  -9.155  1.00 79.56  ? 11  DG  A "H2''" 1 
ATOM   343  H  "H1'"  . DG  A 1 11 ? 15.817  -2.907  -7.657  1.00 79.82  ? 11  DG  A "H1'"  1 
ATOM   344  H  H8     . DG  A 1 11 ? 16.063  0.595   -8.744  1.00 80.14  ? 11  DG  A H8     1 
ATOM   345  H  H1     . DG  A 1 11 ? 10.468  -1.794  -9.405  1.00 64.50  ? 11  DG  A H1     1 
ATOM   346  H  H21    . DG  A 1 11 ? 11.605  -4.509  -7.989  1.00 56.84  ? 11  DG  A H21    1 
ATOM   347  H  H22    . DG  A 1 11 ? 10.408  -3.860  -8.592  1.00 56.84  ? 11  DG  A H22    1 
ATOM   348  P  P      . DA  A 1 12 ? 19.139  -4.769  -8.345  1.00 86.75  ? 12  DA  A P      1 
ATOM   349  O  OP1    . DA  A 1 12 ? 20.572  -4.617  -8.013  1.00 81.53  ? 12  DA  A OP1    1 
ATOM   350  O  OP2    . DA  A 1 12 ? 18.647  -4.400  -9.692  1.00 61.18  ? 12  DA  A OP2    1 
ATOM   351  O  "O5'"  . DA  A 1 12 ? 18.698  -6.278  -8.067  1.00 72.86  ? 12  DA  A "O5'"  1 
ATOM   352  C  "C5'"  . DA  A 1 12 ? 18.546  -7.177  -9.150  1.00 79.08  ? 12  DA  A "C5'"  1 
ATOM   353  C  "C4'"  . DA  A 1 12 ? 17.085  -7.465  -9.414  1.00 62.97  ? 12  DA  A "C4'"  1 
ATOM   354  O  "O4'"  . DA  A 1 12 ? 16.285  -6.297  -9.127  1.00 60.86  ? 12  DA  A "O4'"  1 
ATOM   355  C  "C3'"  . DA  A 1 12 ? 16.755  -7.785  -10.854 1.00 76.66  ? 12  DA  A "C3'"  1 
ATOM   356  O  "O3'"  . DA  A 1 12 ? 17.048  -9.140  -11.159 1.00 64.18  ? 12  DA  A "O3'"  1 
ATOM   357  C  "C2'"  . DA  A 1 12 ? 15.266  -7.472  -10.925 1.00 72.53  ? 12  DA  A "C2'"  1 
ATOM   358  C  "C1'"  . DA  A 1 12 ? 15.085  -6.360  -9.887  1.00 63.15  ? 12  DA  A "C1'"  1 
ATOM   359  N  N9     . DA  A 1 12 ? 14.818  -5.045  -10.468 1.00 59.23  ? 12  DA  A N9     1 
ATOM   360  C  C8     . DA  A 1 12 ? 15.683  -3.992  -10.557 1.00 67.68  ? 12  DA  A C8     1 
ATOM   361  N  N7     . DA  A 1 12 ? 15.164  -2.925  -11.122 1.00 63.82  ? 12  DA  A N7     1 
ATOM   362  C  C5     . DA  A 1 12 ? 13.867  -3.304  -11.423 1.00 58.34  ? 12  DA  A C5     1 
ATOM   363  C  C6     . DA  A 1 12 ? 12.793  -2.623  -12.035 1.00 61.82  ? 12  DA  A C6     1 
ATOM   364  N  N6     . DA  A 1 12 ? 12.868  -1.359  -12.470 1.00 65.07  ? 12  DA  A N6     1 
ATOM   365  N  N1     . DA  A 1 12 ? 11.632  -3.292  -12.184 1.00 56.73  ? 12  DA  A N1     1 
ATOM   366  C  C2     . DA  A 1 12 ? 11.557  -4.556  -11.749 1.00 59.69  ? 12  DA  A C2     1 
ATOM   367  N  N3     . DA  A 1 12 ? 12.496  -5.301  -11.162 1.00 51.73  ? 12  DA  A N3     1 
ATOM   368  C  C4     . DA  A 1 12 ? 13.637  -4.609  -11.026 1.00 52.72  ? 12  DA  A C4     1 
ATOM   369  H  "H5'"  . DA  A 1 12 ? 19.002  -8.008  -8.942  1.00 95.17  ? 12  DA  A "H5'"  1 
ATOM   370  H  "H5''" . DA  A 1 12 ? 18.942  -6.787  -9.945  1.00 95.17  ? 12  DA  A "H5''" 1 
ATOM   371  H  "H4'"  . DA  A 1 12 ? 16.796  -8.198  -8.849  1.00 75.84  ? 12  DA  A "H4'"  1 
ATOM   372  H  "H3'"  . DA  A 1 12 ? 17.247  -7.196  -11.447 1.00 92.26  ? 12  DA  A "H3'"  1 
ATOM   373  H  "HO3'" . DA  A 1 12 ? 17.620  -9.325  -11.746 1.00 77.29  ? 12  DA  A "HO3'" 1 
ATOM   374  H  "H2'"  . DA  A 1 12 ? 15.026  -7.155  -11.810 1.00 87.31  ? 12  DA  A "H2'"  1 
ATOM   375  H  "H2''" . DA  A 1 12 ? 14.742  -8.252  -10.684 1.00 87.31  ? 12  DA  A "H2''" 1 
ATOM   376  H  "H1'"  . DA  A 1 12 ? 14.352  -6.598  -9.297  1.00 76.05  ? 12  DA  A "H1'"  1 
ATOM   377  H  H8     . DA  A 1 12 ? 16.559  -4.026  -10.246 1.00 81.48  ? 12  DA  A H8     1 
ATOM   378  H  H61    . DA  A 1 12 ? 12.183  -0.987  -12.834 1.00 78.35  ? 12  DA  A H61    1 
ATOM   379  H  H62    . DA  A 1 12 ? 13.602  -0.918  -12.385 1.00 78.35  ? 12  DA  A H62    1 
ATOM   380  H  H2     . DA  A 1 12 ? 10.736  -4.974  -11.876 1.00 71.90  ? 12  DA  A H2     1 
ATOM   381  P  P      . DC  B 2 1  ? -0.458  -22.208 -14.065 1.00 95.06  ? 12  DC  B P      1 
ATOM   382  O  OP1    . DC  B 2 1  ? -1.844  -21.946 -14.512 1.00 96.32  ? 12  DC  B OP1    1 
ATOM   383  O  OP2    . DC  B 2 1  ? 0.633   -21.310 -14.495 1.00 92.52  ? 12  DC  B OP2    1 
ATOM   384  O  "O5'"  . DC  B 2 1  ? -0.418  -22.242 -12.469 1.00 75.34  ? 12  DC  B "O5'"  1 
ATOM   385  C  "C5'"  . DC  B 2 1  ? -1.136  -21.267 -11.723 1.00 74.81  ? 12  DC  B "C5'"  1 
ATOM   386  C  "C4'"  . DC  B 2 1  ? -1.573  -21.823 -10.384 1.00 77.13  ? 12  DC  B "C4'"  1 
ATOM   387  O  "O4'"  . DC  B 2 1  ? -0.523  -21.599 -9.408  1.00 61.80  ? 12  DC  B "O4'"  1 
ATOM   388  C  "C3'"  . DC  B 2 1  ? -2.838  -21.172 -9.815  1.00 83.60  ? 12  DC  B "C3'"  1 
ATOM   389  O  "O3'"  . DC  B 2 1  ? -3.801  -22.151 -9.456  1.00 80.18  ? 12  DC  B "O3'"  1 
ATOM   390  C  "C2'"  . DC  B 2 1  ? -2.349  -20.384 -8.610  1.00 76.95  ? 12  DC  B "C2'"  1 
ATOM   391  C  "C1'"  . DC  B 2 1  ? -1.084  -21.119 -8.209  1.00 50.18  ? 12  DC  B "C1'"  1 
ATOM   392  N  N1     . DC  B 2 1  ? -0.079  -20.264 -7.528  1.00 49.76  ? 12  DC  B N1     1 
ATOM   393  C  C2     . DC  B 2 1  ? 0.100   -20.357 -6.140  1.00 62.08  ? 12  DC  B C2     1 
ATOM   394  O  O2     . DC  B 2 1  ? -0.589  -21.157 -5.491  1.00 64.33  ? 12  DC  B O2     1 
ATOM   395  N  N3     . DC  B 2 1  ? 1.030   -19.567 -5.545  1.00 59.20  ? 12  DC  B N3     1 
ATOM   396  C  C4     . DC  B 2 1  ? 1.754   -18.722 -6.280  1.00 55.83  ? 12  DC  B C4     1 
ATOM   397  N  N4     . DC  B 2 1  ? 2.655   -17.966 -5.650  1.00 54.22  ? 12  DC  B N4     1 
ATOM   398  C  C5     . DC  B 2 1  ? 1.583   -18.616 -7.691  1.00 48.84  ? 12  DC  B C5     1 
ATOM   399  C  C6     . DC  B 2 1  ? 0.665   -19.396 -8.266  1.00 48.99  ? 12  DC  B C6     1 
ATOM   400  H  "H5'"  . DC  B 2 1  ? -1.920  -20.994 -12.226 1.00 90.04  ? 12  DC  B "H5'"  1 
ATOM   401  H  "H5''" . DC  B 2 1  ? -0.566  -20.495 -11.578 1.00 90.04  ? 12  DC  B "H5''" 1 
ATOM   402  H  "H4'"  . DC  B 2 1  ? -1.722  -22.777 -10.474 1.00 92.83  ? 12  DC  B "H4'"  1 
ATOM   403  H  "H3'"  . DC  B 2 1  ? -3.216  -20.566 -10.471 1.00 100.59 ? 12  DC  B "H3'"  1 
ATOM   404  H  "H2'"  . DC  B 2 1  ? -2.148  -19.469 -8.858  1.00 92.61  ? 12  DC  B "H2'"  1 
ATOM   405  H  "H2''" . DC  B 2 1  ? -3.002  -20.412 -7.894  1.00 92.61  ? 12  DC  B "H2''" 1 
ATOM   406  H  "H1'"  . DC  B 2 1  ? -1.312  -21.869 -7.637  1.00 60.49  ? 12  DC  B "H1'"  1 
ATOM   407  H  H41    . DC  B 2 1  ? 3.119   -17.391 -6.092  1.00 65.33  ? 12  DC  B H41    1 
ATOM   408  H  H42    . DC  B 2 1  ? 2.773   -18.054 -4.803  1.00 65.33  ? 12  DC  B H42    1 
ATOM   409  H  H5     . DC  B 2 1  ? 2.092   -18.023 -8.195  1.00 58.88  ? 12  DC  B H5     1 
ATOM   410  H  H6     . DC  B 2 1  ? 0.535   -19.349 -9.185  1.00 59.05  ? 12  DC  B H6     1 
ATOM   411  P  P      . DG  B 2 2  ? -5.268  -21.693 -8.989  1.00 94.15  ? 13  DG  B P      1 
ATOM   412  O  OP1    . DG  B 2 2  ? -6.162  -22.848 -9.218  1.00 87.93  ? 13  DG  B OP1    1 
ATOM   413  O  OP2    . DG  B 2 2  ? -5.566  -20.389 -9.626  1.00 78.18  ? 13  DG  B OP2    1 
ATOM   414  O  "O5'"  . DG  B 2 2  ? -5.131  -21.460 -7.406  1.00 61.95  ? 13  DG  B "O5'"  1 
ATOM   415  C  "C5'"  . DG  B 2 2  ? -4.846  -22.565 -6.556  1.00 84.74  ? 13  DG  B "C5'"  1 
ATOM   416  C  "C4'"  . DG  B 2 2  ? -5.113  -22.235 -5.096  1.00 79.64  ? 13  DG  B "C4'"  1 
ATOM   417  O  "O4'"  . DG  B 2 2  ? -3.988  -21.488 -4.553  1.00 75.30  ? 13  DG  B "O4'"  1 
ATOM   418  C  "C3'"  . DG  B 2 2  ? -6.348  -21.378 -4.842  1.00 84.83  ? 13  DG  B "C3'"  1 
ATOM   419  O  "O3'"  . DG  B 2 2  ? -6.994  -21.775 -3.626  1.00 94.39  ? 13  DG  B "O3'"  1 
ATOM   420  C  "C2'"  . DG  B 2 2  ? -5.776  -19.964 -4.784  1.00 82.76  ? 13  DG  B "C2'"  1 
ATOM   421  C  "C1'"  . DG  B 2 2  ? -4.397  -20.185 -4.174  1.00 73.69  ? 13  DG  B "C1'"  1 
ATOM   422  N  N9     . DG  B 2 2  ? -3.388  -19.231 -4.626  1.00 63.60  ? 13  DG  B N9     1 
ATOM   423  C  C8     . DG  B 2 2  ? -3.179  -18.787 -5.910  1.00 60.19  ? 13  DG  B C8     1 
ATOM   424  N  N7     . DG  B 2 2  ? -2.199  -17.935 -6.012  1.00 56.23  ? 13  DG  B N7     1 
ATOM   425  C  C5     . DG  B 2 2  ? -1.730  -17.803 -4.714  1.00 56.55  ? 13  DG  B C5     1 
ATOM   426  C  C6     . DG  B 2 2  ? -0.676  -17.013 -4.203  1.00 58.43  ? 13  DG  B C6     1 
ATOM   427  O  O6     . DG  B 2 2  ? 0.073   -16.245 -4.816  1.00 62.24  ? 13  DG  B O6     1 
ATOM   428  N  N1     . DG  B 2 2  ? -0.536  -17.171 -2.830  1.00 55.00  ? 13  DG  B N1     1 
ATOM   429  C  C2     . DG  B 2 2  ? -1.308  -17.992 -2.051  1.00 59.07  ? 13  DG  B C2     1 
ATOM   430  N  N2     . DG  B 2 2  ? -1.015  -18.013 -0.748  1.00 64.21  ? 13  DG  B N2     1 
ATOM   431  N  N3     . DG  B 2 2  ? -2.297  -18.739 -2.514  1.00 62.48  ? 13  DG  B N3     1 
ATOM   432  C  C4     . DG  B 2 2  ? -2.450  -18.596 -3.850  1.00 57.20  ? 13  DG  B C4     1 
ATOM   433  H  "H5'"  . DG  B 2 2  ? -3.913  -22.810 -6.660  1.00 101.96 ? 13  DG  B "H5'"  1 
ATOM   434  H  "H5''" . DG  B 2 2  ? -5.402  -23.316 -6.817  1.00 101.96 ? 13  DG  B "H5''" 1 
ATOM   435  H  "H4'"  . DG  B 2 2  ? -5.203  -23.064 -4.602  1.00 95.83  ? 13  DG  B "H4'"  1 
ATOM   436  H  "H3'"  . DG  B 2 2  ? -6.964  -21.456 -5.588  1.00 102.06 ? 13  DG  B "H3'"  1 
ATOM   437  H  "H2'"  . DG  B 2 2  ? -5.701  -19.587 -5.675  1.00 99.58  ? 13  DG  B "H2'"  1 
ATOM   438  H  "H2''" . DG  B 2 2  ? -6.317  -19.398 -4.212  1.00 99.58  ? 13  DG  B "H2''" 1 
ATOM   439  H  "H1'"  . DG  B 2 2  ? -4.465  -20.141 -3.208  1.00 88.70  ? 13  DG  B "H1'"  1 
ATOM   440  H  H8     . DG  B 2 2  ? -3.684  -19.072 -6.636  1.00 72.49  ? 13  DG  B H8     1 
ATOM   441  H  H1     . DG  B 2 2  ? 0.087   -16.724 -2.440  1.00 66.26  ? 13  DG  B H1     1 
ATOM   442  H  H21    . DG  B 2 2  ? -1.465  -18.516 -0.215  1.00 77.33  ? 13  DG  B H21    1 
ATOM   443  H  H22    . DG  B 2 2  ? -0.377  -17.525 -0.443  1.00 77.33  ? 13  DG  B H22    1 
ATOM   444  P  P      . DA  B 2 3  ? -8.093  -20.834 -2.923  1.00 101.43 ? 14  DA  B P      1 
ATOM   445  O  OP1    . DA  B 2 3  ? -9.049  -21.726 -2.229  1.00 98.26  ? 14  DA  B OP1    1 
ATOM   446  O  OP2    . DA  B 2 3  ? -8.595  -19.853 -3.911  1.00 62.10  ? 14  DA  B OP2    1 
ATOM   447  O  "O5'"  . DA  B 2 3  ? -7.243  -20.055 -1.821  1.00 74.32  ? 14  DA  B "O5'"  1 
ATOM   448  C  "C5'"  . DA  B 2 3  ? -6.318  -20.776 -1.021  1.00 76.52  ? 14  DA  B "C5'"  1 
ATOM   449  C  "C4'"  . DA  B 2 3  ? -6.227  -20.185 0.369   1.00 85.77  ? 14  DA  B "C4'"  1 
ATOM   450  O  "O4'"  . DA  B 2 3  ? -5.184  -19.181 0.397   1.00 84.85  ? 14  DA  B "O4'"  1 
ATOM   451  C  "C3'"  . DA  B 2 3  ? -7.471  -19.466 0.845   1.00 75.58  ? 14  DA  B "C3'"  1 
ATOM   452  O  "O3'"  . DA  B 2 3  ? -7.535  -19.495 2.284   1.00 86.67  ? 14  DA  B "O3'"  1 
ATOM   453  C  "C2'"  . DA  B 2 3  ? -7.276  -18.066 0.252   1.00 79.15  ? 14  DA  B "C2'"  1 
ATOM   454  C  "C1'"  . DA  B 2 3  ? -5.751  -17.887 0.274   1.00 71.71  ? 14  DA  B "C1'"  1 
ATOM   455  N  N9     . DA  B 2 3  ? -5.187  -17.257 -0.927  1.00 63.57  ? 14  DA  B N9     1 
ATOM   456  C  C8     . DA  B 2 3  ? -5.568  -17.450 -2.229  1.00 63.34  ? 14  DA  B C8     1 
ATOM   457  N  N7     . DA  B 2 3  ? -4.870  -16.753 -3.096  1.00 63.65  ? 14  DA  B N7     1 
ATOM   458  C  C5     . DA  B 2 3  ? -3.964  -16.059 -2.312  1.00 60.20  ? 14  DA  B C5     1 
ATOM   459  C  C6     . DA  B 2 3  ? -2.940  -15.145 -2.629  1.00 56.64  ? 14  DA  B C6     1 
ATOM   460  N  N6     . DA  B 2 3  ? -2.661  -14.764 -3.877  1.00 54.78  ? 14  DA  B N6     1 
ATOM   461  N  N1     . DA  B 2 3  ? -2.217  -14.636 -1.611  1.00 52.53  ? 14  DA  B N1     1 
ATOM   462  C  C2     . DA  B 2 3  ? -2.505  -15.021 -0.360  1.00 58.08  ? 14  DA  B C2     1 
ATOM   463  N  N3     . DA  B 2 3  ? -3.440  -15.872 0.061   1.00 61.58  ? 14  DA  B N3     1 
ATOM   464  C  C4     . DA  B 2 3  ? -4.141  -16.361 -0.975  1.00 62.14  ? 14  DA  B C4     1 
ATOM   465  H  "H5'"  . DA  B 2 3  ? -5.443  -20.743 -1.439  1.00 92.09  ? 14  DA  B "H5'"  1 
ATOM   466  H  "H5''" . DA  B 2 3  ? -6.604  -21.700 -0.956  1.00 92.09  ? 14  DA  B "H5''" 1 
ATOM   467  H  "H4'"  . DA  B 2 3  ? -6.007  -20.888 1.000   1.00 103.19 ? 14  DA  B "H4'"  1 
ATOM   468  H  "H3'"  . DA  B 2 3  ? -8.262  -19.882 0.466   1.00 90.96  ? 14  DA  B "H3'"  1 
ATOM   469  H  "H2'"  . DA  B 2 3  ? -7.612  -18.030 -0.658  1.00 95.25  ? 14  DA  B "H2'"  1 
ATOM   470  H  "H2''" . DA  B 2 3  ? -7.707  -17.396 0.805   1.00 95.25  ? 14  DA  B "H2''" 1 
ATOM   471  H  "H1'"  . DA  B 2 3  ? -5.508  -17.361 1.051   1.00 86.33  ? 14  DA  B "H1'"  1 
ATOM   472  H  H8     . DA  B 2 3  ? -6.263  -18.018 -2.476  1.00 76.27  ? 14  DA  B H8     1 
ATOM   473  H  H61    . DA  B 2 3  ? -2.027  -14.200 -4.023  1.00 66.00  ? 14  DA  B H61    1 
ATOM   474  H  H62    . DA  B 2 3  ? -3.113  -15.083 -4.535  1.00 66.00  ? 14  DA  B H62    1 
ATOM   475  H  H2     . DA  B 2 3  ? -1.979  -14.642 0.307   1.00 69.97  ? 14  DA  B H2     1 
ATOM   476  P  P      . DC  B 2 4  ? -8.215  -18.306 3.120   1.00 107.12 ? 15  DC  B P      1 
ATOM   477  O  OP1    . DC  B 2 4  ? -8.278  -18.749 4.532   1.00 102.73 ? 15  DC  B OP1    1 
ATOM   478  O  OP2    . DC  B 2 4  ? -9.454  -17.897 2.417   1.00 83.13  ? 15  DC  B OP2    1 
ATOM   479  O  "O5'"  . DC  B 2 4  ? -7.159  -17.115 2.976   1.00 92.35  ? 15  DC  B "O5'"  1 
ATOM   480  C  "C5'"  . DC  B 2 4  ? -6.187  -16.879 3.989   1.00 93.28  ? 15  DC  B "C5'"  1 
ATOM   481  C  "C4'"  . DC  B 2 4  ? -6.032  -15.393 4.220   1.00 81.48  ? 15  DC  B "C4'"  1 
ATOM   482  O  "O4'"  . DC  B 2 4  ? -5.337  -14.784 3.084   1.00 76.12  ? 15  DC  B "O4'"  1 
ATOM   483  C  "C3'"  . DC  B 2 4  ? -7.355  -14.638 4.334   1.00 77.99  ? 15  DC  B "C3'"  1 
ATOM   484  O  "O3'"  . DC  B 2 4  ? -7.244  -13.590 5.273   1.00 83.81  ? 15  DC  B "O3'"  1 
ATOM   485  C  "C2'"  . DC  B 2 4  ? -7.542  -14.115 2.923   1.00 74.15  ? 15  DC  B "C2'"  1 
ATOM   486  C  "C1'"  . DC  B 2 4  ? -6.118  -13.704 2.614   1.00 61.48  ? 15  DC  B "C1'"  1 
ATOM   487  N  N1     . DC  B 2 4  ? -5.818  -13.425 1.168   1.00 62.66  ? 15  DC  B N1     1 
ATOM   488  C  C2     . DC  B 2 4  ? -4.762  -12.563 0.854   1.00 64.21  ? 15  DC  B C2     1 
ATOM   489  O  O2     . DC  B 2 4  ? -4.091  -12.078 1.775   1.00 65.61  ? 15  DC  B O2     1 
ATOM   490  N  N3     . DC  B 2 4  ? -4.495  -12.288 -0.446  1.00 53.26  ? 15  DC  B N3     1 
ATOM   491  C  C4     . DC  B 2 4  ? -5.238  -12.832 -1.408  1.00 57.75  ? 15  DC  B C4     1 
ATOM   492  N  N4     . DC  B 2 4  ? -4.932  -12.531 -2.674  1.00 64.13  ? 15  DC  B N4     1 
ATOM   493  C  C5     . DC  B 2 4  ? -6.327  -13.705 -1.114  1.00 63.53  ? 15  DC  B C5     1 
ATOM   494  C  C6     . DC  B 2 4  ? -6.585  -13.969 0.175   1.00 63.93  ? 15  DC  B C6     1 
ATOM   495  H  "H5'"  . DC  B 2 4  ? -5.336  -17.252 3.711   1.00 112.20 ? 15  DC  B "H5'"  1 
ATOM   496  H  "H5''" . DC  B 2 4  ? -6.472  -17.305 4.813   1.00 112.20 ? 15  DC  B "H5''" 1 
ATOM   497  H  "H4'"  . DC  B 2 4  ? -5.513  -15.248 5.027   1.00 98.04  ? 15  DC  B "H4'"  1 
ATOM   498  H  "H3'"  . DC  B 2 4  ? -8.075  -15.242 4.574   1.00 93.86  ? 15  DC  B "H3'"  1 
ATOM   499  H  "H2'"  . DC  B 2 4  ? -7.844  -14.817 2.325   1.00 89.25  ? 15  DC  B "H2'"  1 
ATOM   500  H  "H2''" . DC  B 2 4  ? -8.140  -13.351 2.906   1.00 89.25  ? 15  DC  B "H2''" 1 
ATOM   501  H  "H1'"  . DC  B 2 4  ? -5.902  -12.915 3.134   1.00 74.04  ? 15  DC  B "H1'"  1 
ATOM   502  H  H41    . DC  B 2 4  ? -5.392  -12.865 -3.318  1.00 77.22  ? 15  DC  B H41    1 
ATOM   503  H  H42    . DC  B 2 4  ? -4.273  -12.005 -2.843  1.00 77.22  ? 15  DC  B H42    1 
ATOM   504  H  H5     . DC  B 2 4  ? -6.842  -14.078 -1.793  1.00 76.51  ? 15  DC  B H5     1 
ATOM   505  H  H6     . DC  B 2 4  ? -7.289  -14.535 0.397   1.00 76.99  ? 15  DC  B H6     1 
ATOM   506  P  P      . DA  B 2 5  ? -8.411  -13.312 6.336   1.00 81.79  ? 16  DA  B P      1 
ATOM   507  O  OP1    . DA  B 2 5  ? -8.532  -14.506 7.207   1.00 75.67  ? 16  DA  B OP1    1 
ATOM   508  O  OP2    . DA  B 2 5  ? -9.581  -12.801 5.588   1.00 56.55  ? 16  DA  B OP2    1 
ATOM   509  O  "O5'"  . DA  B 2 5  ? -7.831  -12.096 7.193   1.00 81.01  ? 16  DA  B "O5'"  1 
ATOM   510  C  "C5'"  . DA  B 2 5  ? -6.447  -12.074 7.547   1.00 72.60  ? 16  DA  B "C5'"  1 
ATOM   511  C  "C4'"  . DA  B 2 5  ? -5.772  -10.802 7.059   1.00 70.61  ? 16  DA  B "C4'"  1 
ATOM   512  O  "O4'"  . DA  B 2 5  ? -5.668  -10.831 5.612   1.00 58.06  ? 16  DA  B "O4'"  1 
ATOM   513  C  "C3'"  . DA  B 2 5  ? -6.512  -9.502  7.400   1.00 74.97  ? 16  DA  B "C3'"  1 
ATOM   514  O  "O3'"  . DA  B 2 5  ? -5.607  -8.514  7.871   1.00 75.09  ? 16  DA  B "O3'"  1 
ATOM   515  C  "C2'"  . DA  B 2 5  ? -7.147  -9.103  6.081   1.00 57.28  ? 16  DA  B "C2'"  1 
ATOM   516  C  "C1'"  . DA  B 2 5  ? -6.126  -9.608  5.091   1.00 51.32  ? 16  DA  B "C1'"  1 
ATOM   517  N  N9     . DA  B 2 5  ? -6.666  -9.838  3.772   1.00 57.88  ? 16  DA  B N9     1 
ATOM   518  C  C8     . DA  B 2 5  ? -7.719  -10.639 3.446   1.00 61.71  ? 16  DA  B C8     1 
ATOM   519  N  N7     . DA  B 2 5  ? -7.989  -10.658 2.164   1.00 65.10  ? 16  DA  B N7     1 
ATOM   520  C  C5     . DA  B 2 5  ? -7.041  -9.806  1.613   1.00 62.90  ? 16  DA  B C5     1 
ATOM   521  C  C6     . DA  B 2 5  ? -6.782  -9.392  0.290   1.00 64.07  ? 16  DA  B C6     1 
ATOM   522  N  N6     . DA  B 2 5  ? -7.496  -9.805  -0.761  1.00 63.60  ? 16  DA  B N6     1 
ATOM   523  N  N1     . DA  B 2 5  ? -5.758  -8.536  0.089   1.00 58.19  ? 16  DA  B N1     1 
ATOM   524  C  C2     . DA  B 2 5  ? -5.043  -8.124  1.146   1.00 58.52  ? 16  DA  B C2     1 
ATOM   525  N  N3     . DA  B 2 5  ? -5.193  -8.441  2.432   1.00 47.15  ? 16  DA  B N3     1 
ATOM   526  C  C4     . DA  B 2 5  ? -6.217  -9.295  2.595   1.00 55.20  ? 16  DA  B C4     1 
ATOM   527  H  "H5'"  . DA  B 2 5  ? -6.006  -12.840 7.148   1.00 87.39  ? 16  DA  B "H5'"  1 
ATOM   528  H  "H5''" . DA  B 2 5  ? -6.365  -12.128 8.511   1.00 87.39  ? 16  DA  B "H5''" 1 
ATOM   529  H  "H4'"  . DA  B 2 5  ? -4.879  -10.760 7.436   1.00 85.00  ? 16  DA  B "H4'"  1 
ATOM   530  H  "H3'"  . DA  B 2 5  ? -7.198  -9.673  8.062   1.00 90.24  ? 16  DA  B "H3'"  1 
ATOM   531  H  "H2'"  . DA  B 2 5  ? -7.999  -9.548  5.958   1.00 69.01  ? 16  DA  B "H2'"  1 
ATOM   532  H  "H2''" . DA  B 2 5  ? -7.242  -8.140  6.020   1.00 69.01  ? 16  DA  B "H2''" 1 
ATOM   533  H  "H1'"  . DA  B 2 5  ? -5.389  -8.981  5.037   1.00 61.86  ? 16  DA  B "H1'"  1 
ATOM   534  H  H8     . DA  B 2 5  ? -8.202  -11.127 4.076   1.00 74.32  ? 16  DA  B H8     1 
ATOM   535  H  H61    . DA  B 2 5  ? -7.299  -9.526  -1.551  1.00 76.59  ? 16  DA  B H61    1 
ATOM   536  H  H62    . DA  B 2 5  ? -8.153  -10.348 -0.649  1.00 76.59  ? 16  DA  B H62    1 
ATOM   537  H  H2     . DA  B 2 5  ? -4.351  -7.533  0.956   1.00 70.50  ? 16  DA  B H2     1 
ATOM   538  P  P      . DC  B 2 6  ? -6.139  -7.311  8.792   1.00 86.43  ? 17  DC  B P      1 
ATOM   539  O  OP1    . DC  B 2 6  ? -5.559  -7.507  10.140  1.00 82.31  ? 17  DC  B OP1    1 
ATOM   540  O  OP2    . DC  B 2 6  ? -7.607  -7.225  8.618   1.00 65.53  ? 17  DC  B OP2    1 
ATOM   541  O  "O5'"  . DC  B 2 6  ? -5.496  -6.004  8.133   1.00 69.39  ? 17  DC  B "O5'"  1 
ATOM   542  C  "C5'"  . DC  B 2 6  ? -6.209  -5.280  7.140   1.00 56.67  ? 17  DC  B "C5'"  1 
ATOM   543  C  "C4'"  . DC  B 2 6  ? -5.288  -4.878  6.005   1.00 56.06  ? 17  DC  B "C4'"  1 
ATOM   544  O  "O4'"  . DC  B 2 6  ? -5.553  -5.729  4.862   1.00 61.83  ? 17  DC  B "O4'"  1 
ATOM   545  C  "C3'"  . DC  B 2 6  ? -5.447  -3.435  5.520   1.00 66.19  ? 17  DC  B "C3'"  1 
ATOM   546  O  "O3'"  . DC  B 2 6  ? -4.189  -2.798  5.423   1.00 68.79  ? 17  DC  B "O3'"  1 
ATOM   547  C  "C2'"  . DC  B 2 6  ? -6.127  -3.563  4.162   1.00 58.73  ? 17  DC  B "C2'"  1 
ATOM   548  C  "C1'"  . DC  B 2 6  ? -5.723  -4.948  3.700   1.00 51.48  ? 17  DC  B "C1'"  1 
ATOM   549  N  N1     . DC  B 2 6  ? -6.735  -5.596  2.844   1.00 45.56  ? 17  DC  B N1     1 
ATOM   550  C  C2     . DC  B 2 6  ? -6.768  -5.314  1.477   1.00 50.40  ? 17  DC  B C2     1 
ATOM   551  O  O2     . DC  B 2 6  ? -5.942  -4.522  1.002   1.00 46.02  ? 17  DC  B O2     1 
ATOM   552  N  N3     . DC  B 2 6  ? -7.700  -5.922  0.705   1.00 45.34  ? 17  DC  B N3     1 
ATOM   553  C  C4     . DC  B 2 6  ? -8.574  -6.766  1.255   1.00 55.52  ? 17  DC  B C4     1 
ATOM   554  N  N4     . DC  B 2 6  ? -9.480  -7.337  0.457   1.00 51.49  ? 17  DC  B N4     1 
ATOM   555  C  C5     . DC  B 2 6  ? -8.559  -7.059  2.651   1.00 55.60  ? 17  DC  B C5     1 
ATOM   556  C  C6     . DC  B 2 6  ? -7.631  -6.457  3.399   1.00 48.16  ? 17  DC  B C6     1 
ATOM   557  H  "H5'"  . DC  B 2 6  ? -6.591  -4.482  7.539   1.00 68.27  ? 17  DC  B "H5'"  1 
ATOM   558  H  "H5''" . DC  B 2 6  ? -6.923  -5.836  6.791   1.00 68.27  ? 17  DC  B "H5''" 1 
ATOM   559  H  "H4'"  . DC  B 2 6  ? -4.369  -5.012  6.288   1.00 67.54  ? 17  DC  B "H4'"  1 
ATOM   560  H  "H3'"  . DC  B 2 6  ? -6.021  -2.944  6.131   1.00 79.70  ? 17  DC  B "H3'"  1 
ATOM   561  H  "H2'"  . DC  B 2 6  ? -7.091  -3.501  4.255   1.00 70.74  ? 17  DC  B "H2'"  1 
ATOM   562  H  "H2''" . DC  B 2 6  ? -5.796  -2.888  3.549   1.00 70.74  ? 17  DC  B "H2''" 1 
ATOM   563  H  "H1'"  . DC  B 2 6  ? -4.882  -4.895  3.221   1.00 62.04  ? 17  DC  B "H1'"  1 
ATOM   564  H  H41    . DC  B 2 6  ? -10.056 -7.886  0.785   1.00 62.06  ? 17  DC  B H41    1 
ATOM   565  H  H42    . DC  B 2 6  ? -9.488  -7.157  -0.383  1.00 62.06  ? 17  DC  B H42    1 
ATOM   566  H  H5     . DC  B 2 6  ? -9.169  -7.652  3.026   1.00 66.98  ? 17  DC  B H5     1 
ATOM   567  H  H6     . DC  B 2 6  ? -7.593  -6.632  4.311   1.00 58.06  ? 17  DC  B H6     1 
ATOM   568  P  P      . DT  B 2 7  ? -4.108  -1.197  5.340   1.00 84.48  ? 18  DT  B P      1 
ATOM   569  O  OP1    . DT  B 2 7  ? -2.688  -0.824  5.160   1.00 86.39  ? 18  DT  B OP1    1 
ATOM   570  O  OP2    . DT  B 2 7  ? -4.886  -0.657  6.476   1.00 59.15  ? 18  DT  B OP2    1 
ATOM   571  O  "O5'"  . DT  B 2 7  ? -4.896  -0.847  3.998   1.00 66.92  ? 18  DT  B "O5'"  1 
ATOM   572  C  "C5'"  . DT  B 2 7  ? -4.781  0.438   3.426   1.00 64.69  ? 18  DT  B "C5'"  1 
ATOM   573  C  "C4'"  . DT  B 2 7  ? -4.861  0.351   1.919   1.00 52.31  ? 18  DT  B "C4'"  1 
ATOM   574  O  "O4'"  . DT  B 2 7  ? -5.642  -0.811  1.537   1.00 52.71  ? 18  DT  B "O4'"  1 
ATOM   575  C  "C3'"  . DT  B 2 7  ? -5.529  1.544   1.238   1.00 63.62  ? 18  DT  B "C3'"  1 
ATOM   576  O  "O3'"  . DT  B 2 7  ? -4.696  2.028   0.198   1.00 56.84  ? 18  DT  B "O3'"  1 
ATOM   577  C  "C2'"  . DT  B 2 7  ? -6.857  0.973   0.720   1.00 71.86  ? 18  DT  B "C2'"  1 
ATOM   578  C  "C1'"  . DT  B 2 7  ? -6.477  -0.462  0.458   1.00 54.67  ? 18  DT  B "C1'"  1 
ATOM   579  N  N1     . DT  B 2 7  ? -7.601  -1.455  0.395   1.00 54.42  ? 18  DT  B N1     1 
ATOM   580  C  C2     . DT  B 2 7  ? -7.985  -1.959  -0.832  1.00 57.23  ? 18  DT  B C2     1 
ATOM   581  O  O2     . DT  B 2 7  ? -7.498  -1.598  -1.892  1.00 63.87  ? 18  DT  B O2     1 
ATOM   582  N  N3     . DT  B 2 7  ? -8.976  -2.902  -0.778  1.00 49.42  ? 18  DT  B N3     1 
ATOM   583  C  C4     . DT  B 2 7  ? -9.602  -3.393  0.351   1.00 52.70  ? 18  DT  B C4     1 
ATOM   584  O  O4     . DT  B 2 7  ? -10.485 -4.241  0.294   1.00 56.68  ? 18  DT  B O4     1 
ATOM   585  C  C5     . DT  B 2 7  ? -9.145  -2.843  1.602   1.00 41.33  ? 18  DT  B C5     1 
ATOM   586  C  C7     . DT  B 2 7  ? -9.762  -3.309  2.886   1.00 36.57  ? 18  DT  B C7     1 
ATOM   587  C  C6     . DT  B 2 7  ? -8.169  -1.914  1.570   1.00 46.41  ? 18  DT  B C6     1 
ATOM   588  H  "H5'"  . DT  B 2 7  ? -3.930  0.827   3.679   1.00 77.90  ? 18  DT  B "H5'"  1 
ATOM   589  H  "H5''" . DT  B 2 7  ? -5.501  0.999   3.752   1.00 77.90  ? 18  DT  B "H5''" 1 
ATOM   590  H  "H4'"  . DT  B 2 7  ? -3.964  0.253   1.564   1.00 63.04  ? 18  DT  B "H4'"  1 
ATOM   591  H  "H3'"  . DT  B 2 7  ? -5.698  2.245   1.887   1.00 76.62  ? 18  DT  B "H3'"  1 
ATOM   592  H  "H2'"  . DT  B 2 7  ? -7.548  1.030   1.398   1.00 86.50  ? 18  DT  B "H2'"  1 
ATOM   593  H  "H2''" . DT  B 2 7  ? -7.130  1.415   -0.098  1.00 86.50  ? 18  DT  B "H2''" 1 
ATOM   594  H  "H1'"  . DT  B 2 7  ? -5.966  -0.508  -0.366  1.00 65.87  ? 18  DT  B "H1'"  1 
ATOM   595  H  H3     . DT  B 2 7  ? -9.237  -3.225  -1.532  1.00 59.57  ? 18  DT  B H3     1 
ATOM   596  H  H71    . DT  B 2 7  ? -10.438 -3.978  2.696   1.00 44.16  ? 18  DT  B H71    1 
ATOM   597  H  H72    . DT  B 2 7  ? -9.076  -3.695  3.453   1.00 44.16  ? 18  DT  B H72    1 
ATOM   598  H  H73    . DT  B 2 7  ? -10.170 -2.556  3.340   1.00 44.16  ? 18  DT  B H73    1 
ATOM   599  H  H6     . DT  B 2 7  ? -7.872  -1.557  2.374   1.00 55.96  ? 18  DT  B H6     1 
ATOM   600  P  P      . DC  B 2 8  ? -4.209  3.557   0.198   1.00 83.74  ? 19  DC  B P      1 
ATOM   601  O  OP1    . DC  B 2 8  ? -2.922  3.620   -0.530  1.00 75.84  ? 19  DC  B OP1    1 
ATOM   602  O  OP2    . DC  B 2 8  ? -4.277  4.059   1.591   1.00 82.15  ? 19  DC  B OP2    1 
ATOM   603  O  "O5'"  . DC  B 2 8  ? -5.323  4.295   -0.682  1.00 87.20  ? 19  DC  B "O5'"  1 
ATOM   604  C  "C5'"  . DC  B 2 8  ? -5.469  3.954   -2.060  1.00 74.65  ? 19  DC  B "C5'"  1 
ATOM   605  C  "C4'"  . DC  B 2 8  ? -6.923  4.035   -2.501  1.00 79.66  ? 19  DC  B "C4'"  1 
ATOM   606  O  "O4'"  . DC  B 2 8  ? -7.667  2.906   -1.959  1.00 69.10  ? 19  DC  B "O4'"  1 
ATOM   607  C  "C3'"  . DC  B 2 8  ? -7.680  5.292   -2.037  1.00 79.50  ? 19  DC  B "C3'"  1 
ATOM   608  O  "O3'"  . DC  B 2 8  ? -8.377  5.876   -3.109  1.00 72.25  ? 19  DC  B "O3'"  1 
ATOM   609  C  "C2'"  . DC  B 2 8  ? -8.640  4.754   -0.988  1.00 76.26  ? 19  DC  B "C2'"  1 
ATOM   610  C  "C1'"  . DC  B 2 8  ? -8.927  3.380   -1.558  1.00 72.25  ? 19  DC  B "C1'"  1 
ATOM   611  N  N1     . DC  B 2 8  ? -9.562  2.411   -0.619  1.00 52.44  ? 19  DC  B N1     1 
ATOM   612  C  C2     . DC  B 2 8  ? -10.130 1.246   -1.135  1.00 61.61  ? 19  DC  B C2     1 
ATOM   613  O  O2     . DC  B 2 8  ? -10.071 1.036   -2.355  1.00 78.31  ? 19  DC  B O2     1 
ATOM   614  N  N3     . DC  B 2 8  ? -10.722 0.373   -0.287  1.00 52.35  ? 19  DC  B N3     1 
ATOM   615  C  C4     . DC  B 2 8  ? -10.761 0.633   1.018   1.00 52.52  ? 19  DC  B C4     1 
ATOM   616  N  N4     . DC  B 2 8  ? -11.355 -0.257  1.814   1.00 54.71  ? 19  DC  B N4     1 
ATOM   617  C  C5     . DC  B 2 8  ? -10.195 1.819   1.564   1.00 51.50  ? 19  DC  B C5     1 
ATOM   618  C  C6     . DC  B 2 8  ? -9.618  2.676   0.719   1.00 52.86  ? 19  DC  B C6     1 
ATOM   619  H  "H5'"  . DC  B 2 8  ? -5.146  3.051   -2.199  1.00 89.85  ? 19  DC  B "H5'"  1 
ATOM   620  H  "H5''" . DC  B 2 8  ? -4.941  4.566   -2.596  1.00 89.85  ? 19  DC  B "H5''" 1 
ATOM   621  H  "H4'"  . DC  B 2 8  ? -6.956  3.992   -3.470  1.00 95.86  ? 19  DC  B "H4'"  1 
ATOM   622  H  "H3'"  . DC  B 2 8  ? -7.067  5.931   -1.640  1.00 95.67  ? 19  DC  B "H3'"  1 
ATOM   623  H  "H2'"  . DC  B 2 8  ? -8.209  4.689   -0.121  1.00 91.79  ? 19  DC  B "H2'"  1 
ATOM   624  H  "H2''" . DC  B 2 8  ? -9.446  5.289   -0.942  1.00 91.79  ? 19  DC  B "H2''" 1 
ATOM   625  H  "H1'"  . DC  B 2 8  ? -9.492  3.476   -2.341  1.00 86.97  ? 19  DC  B "H1'"  1 
ATOM   626  H  H41    . DC  B 2 8  ? -11.391 -0.120  2.662   1.00 65.92  ? 19  DC  B H41    1 
ATOM   627  H  H42    . DC  B 2 8  ? -11.701 -0.970  1.479   1.00 65.92  ? 19  DC  B H42    1 
ATOM   628  H  H5     . DC  B 2 8  ? -10.230 1.993   2.476   1.00 62.07  ? 19  DC  B H5     1 
ATOM   629  H  H6     . DC  B 2 8  ? -9.239  3.460   1.047   1.00 63.70  ? 19  DC  B H6     1 
ATOM   630  P  P      . DA  B 2 9  ? -7.623  6.810   -4.169  1.00 93.88  ? 20  DA  B P      1 
ATOM   631  O  OP1    . DA  B 2 9  ? -6.380  6.114   -4.574  1.00 84.25  ? 20  DA  B OP1    1 
ATOM   632  O  OP2    . DA  B 2 9  ? -7.541  8.159   -3.566  1.00 87.15  ? 20  DA  B OP2    1 
ATOM   633  O  "O5'"  . DA  B 2 9  ? -8.646  6.865   -5.405  1.00 96.23  ? 20  DA  B "O5'"  1 
ATOM   634  C  "C5'"  . DA  B 2 9  ? -8.278  6.314   -6.676  1.00 98.89  ? 20  DA  B "C5'"  1 
ATOM   635  C  "C4'"  . DA  B 2 9  ? -9.353  5.375   -7.213  1.00 97.38  ? 20  DA  B "C4'"  1 
ATOM   636  O  "O4'"  . DA  B 2 9  ? -9.930  4.609   -6.119  1.00 95.56  ? 20  DA  B "O4'"  1 
ATOM   637  C  "C3'"  . DA  B 2 9  ? -10.533 6.058   -7.889  1.00 92.83  ? 20  DA  B "C3'"  1 
ATOM   638  O  "O3'"  . DA  B 2 9  ? -11.065 5.237   -8.923  1.00 93.41  ? 20  DA  B "O3'"  1 
ATOM   639  C  "C2'"  . DA  B 2 9  ? -11.513 6.247   -6.741  1.00 81.47  ? 20  DA  B "C2'"  1 
ATOM   640  C  "C1'"  . DA  B 2 9  ? -11.281 4.994   -5.906  1.00 66.76  ? 20  DA  B "C1'"  1 
ATOM   641  N  N9     . DA  B 2 9  ? -11.473 5.185   -4.473  1.00 70.42  ? 20  DA  B N9     1 
ATOM   642  C  C8     . DA  B 2 9  ? -11.048 6.242   -3.720  1.00 76.90  ? 20  DA  B C8     1 
ATOM   643  N  N7     . DA  B 2 9  ? -11.340 6.140   -2.447  1.00 71.02  ? 20  DA  B N7     1 
ATOM   644  C  C5     . DA  B 2 9  ? -12.002 4.929   -2.357  1.00 62.90  ? 20  DA  B C5     1 
ATOM   645  C  C6     . DA  B 2 9  ? -12.570 4.243   -1.271  1.00 63.87  ? 20  DA  B C6     1 
ATOM   646  N  N6     . DA  B 2 9  ? -12.559 4.711   -0.018  1.00 67.26  ? 20  DA  B N6     1 
ATOM   647  N  N1     . DA  B 2 9  ? -13.154 3.058   -1.522  1.00 55.23  ? 20  DA  B N1     1 
ATOM   648  C  C2     . DA  B 2 9  ? -13.166 2.594   -2.775  1.00 58.39  ? 20  DA  B C2     1 
ATOM   649  N  N3     . DA  B 2 9  ? -12.663 3.146   -3.877  1.00 56.64  ? 20  DA  B N3     1 
ATOM   650  C  C4     . DA  B 2 9  ? -12.089 4.324   -3.595  1.00 63.80  ? 20  DA  B C4     1 
ATOM   651  H  "H5'"  . DA  B 2 9  ? -7.448  5.824   -6.579  1.00 118.93 ? 20  DA  B "H5'"  1 
ATOM   652  H  "H5''" . DA  B 2 9  ? -8.147  7.038   -7.307  1.00 118.93 ? 20  DA  B "H5''" 1 
ATOM   653  H  "H4'"  . DA  B 2 9  ? -8.944  4.760   -7.843  1.00 117.13 ? 20  DA  B "H4'"  1 
ATOM   654  H  "H3'"  . DA  B 2 9  ? -10.264 6.918   -8.246  1.00 111.67 ? 20  DA  B "H3'"  1 
ATOM   655  H  "HO3'" . DA  B 2 9  ? -11.047 5.501   -9.721  1.00 112.36 ? 20  DA  B "HO3'" 1 
ATOM   656  H  "H2'"  . DA  B 2 9  ? -11.297 7.045   -6.233  1.00 98.04  ? 20  DA  B "H2'"  1 
ATOM   657  H  "H2''" . DA  B 2 9  ? -12.425 6.280   -7.069  1.00 98.04  ? 20  DA  B "H2''" 1 
ATOM   658  H  "H1'"  . DA  B 2 9  ? -11.869 4.288   -6.217  1.00 80.38  ? 20  DA  B "H1'"  1 
ATOM   659  H  H8     . DA  B 2 9  ? -10.590 6.969   -4.079  1.00 92.55  ? 20  DA  B H8     1 
ATOM   660  H  H61    . DA  B 2 9  ? -12.915 4.252   0.616   1.00 80.98  ? 20  DA  B H61    1 
ATOM   661  H  H62    . DA  B 2 9  ? -12.196 5.471   0.153   1.00 80.98  ? 20  DA  B H62    1 
ATOM   662  H  H2     . DA  B 2 9  ? -13.579 1.770   -2.892  1.00 70.34  ? 20  DA  B H2     1 
ATOM   663  P  P      . DT  C 3 1  ? 2.501   0.616   -17.170 1.00 97.51  ? 0   DT  C P      1 
ATOM   664  O  OP1    . DT  C 3 1  ? 1.091   0.960   -16.892 1.00 73.97  ? 0   DT  C OP1    1 
ATOM   665  O  OP2    . DT  C 3 1  ? 2.865   -0.150  -18.384 1.00 85.88  ? 0   DT  C OP2    1 
ATOM   666  O  "O5'"  . DT  C 3 1  ? 3.036   -0.193  -15.907 1.00 74.84  ? 0   DT  C "O5'"  1 
ATOM   667  C  "C5'"  . DT  C 3 1  ? 2.270   -1.253  -15.398 1.00 73.55  ? 0   DT  C "C5'"  1 
ATOM   668  C  "C4'"  . DT  C 3 1  ? 3.163   -2.363  -14.907 1.00 68.32  ? 0   DT  C "C4'"  1 
ATOM   669  O  "O4'"  . DT  C 3 1  ? 4.525   -1.898  -14.814 1.00 61.79  ? 0   DT  C "O4'"  1 
ATOM   670  C  "C3'"  . DT  C 3 1  ? 2.831   -2.902  -13.510 1.00 71.60  ? 0   DT  C "C3'"  1 
ATOM   671  O  "O3'"  . DT  C 3 1  ? 2.244   -4.190  -13.612 1.00 78.37  ? 0   DT  C "O3'"  1 
ATOM   672  C  "C2'"  . DT  C 3 1  ? 4.190   -2.932  -12.790 1.00 66.42  ? 0   DT  C "C2'"  1 
ATOM   673  C  "C1'"  . DT  C 3 1  ? 5.168   -2.773  -13.935 1.00 62.68  ? 0   DT  C "C1'"  1 
ATOM   674  N  N1     . DT  C 3 1  ? 6.503   -2.242  -13.554 1.00 57.89  ? 0   DT  C N1     1 
ATOM   675  C  C2     . DT  C 3 1  ? 7.437   -3.114  -13.045 1.00 67.74  ? 0   DT  C C2     1 
ATOM   676  O  O2     . DT  C 3 1  ? 7.218   -4.301  -12.873 1.00 74.52  ? 0   DT  C O2     1 
ATOM   677  N  N3     . DT  C 3 1  ? 8.643   -2.549  -12.740 1.00 61.52  ? 0   DT  C N3     1 
ATOM   678  C  C4     . DT  C 3 1  ? 9.005   -1.226  -12.893 1.00 58.10  ? 0   DT  C C4     1 
ATOM   679  O  O4     . DT  C 3 1  ? 10.117  -0.810  -12.589 1.00 58.41  ? 0   DT  C O4     1 
ATOM   680  C  C5     . DT  C 3 1  ? 7.984   -0.367  -13.436 1.00 47.62  ? 0   DT  C C5     1 
ATOM   681  C  C7     . DT  C 3 1  ? 8.272   1.086   -13.642 1.00 50.10  ? 0   DT  C C7     1 
ATOM   682  C  C6     . DT  C 3 1  ? 6.792   -0.907  -13.742 1.00 44.81  ? 0   DT  C C6     1 
ATOM   683  H  "H5'"  . DT  C 3 1  ? 1.689   -1.593  -16.097 1.00 88.53  ? 0   DT  C "H5'"  1 
ATOM   684  H  "H5''" . DT  C 3 1  ? 1.727   -0.929  -14.661 1.00 88.53  ? 0   DT  C "H5''" 1 
ATOM   685  H  "H4'"  . DT  C 3 1  ? 3.126   -3.096  -15.541 1.00 82.25  ? 0   DT  C "H4'"  1 
ATOM   686  H  "H3'"  . DT  C 3 1  ? 2.227   -2.295  -13.055 1.00 86.19  ? 0   DT  C "H3'"  1 
ATOM   687  H  "H2'"  . DT  C 3 1  ? 4.267   -2.193  -12.167 1.00 79.97  ? 0   DT  C "H2'"  1 
ATOM   688  H  "H2''" . DT  C 3 1  ? 4.323   -3.781  -12.339 1.00 79.97  ? 0   DT  C "H2''" 1 
ATOM   689  H  "H1'"  . DT  C 3 1  ? 5.283   -3.631  -14.372 1.00 75.49  ? 0   DT  C "H1'"  1 
ATOM   690  H  H3     . DT  C 3 1  ? 9.242   -3.075  -12.417 1.00 74.09  ? 0   DT  C H3     1 
ATOM   691  H  H71    . DT  C 3 1  ? 8.171   1.307   -14.580 1.00 60.39  ? 0   DT  C H71    1 
ATOM   692  H  H72    . DT  C 3 1  ? 7.652   1.615   -13.116 1.00 60.39  ? 0   DT  C H72    1 
ATOM   693  H  H73    . DT  C 3 1  ? 9.180   1.278   -13.360 1.00 60.39  ? 0   DT  C H73    1 
ATOM   694  H  H6     . DT  C 3 1  ? 6.132   -0.354  -14.094 1.00 54.04  ? 0   DT  C H6     1 
ATOM   695  P  P      . DC  C 3 2  ? 1.173   -4.686  -12.522 1.00 84.19  ? 1   DC  C P      1 
ATOM   696  O  OP1    . DC  C 3 2  ? 0.156   -5.515  -13.204 1.00 87.24  ? 1   DC  C OP1    1 
ATOM   697  O  OP2    . DC  C 3 2  ? 0.770   -3.517  -11.710 1.00 68.31  ? 1   DC  C OP2    1 
ATOM   698  O  "O5'"  . DC  C 3 2  ? 2.027   -5.625  -11.567 1.00 70.31  ? 1   DC  C "O5'"  1 
ATOM   699  C  "C5'"  . DC  C 3 2  ? 2.678   -5.074  -10.451 1.00 59.04  ? 1   DC  C "C5'"  1 
ATOM   700  C  "C4'"  . DC  C 3 2  ? 3.894   -5.899  -10.094 1.00 50.75  ? 1   DC  C "C4'"  1 
ATOM   701  O  "O4'"  . DC  C 3 2  ? 5.094   -5.172  -10.448 1.00 46.57  ? 1   DC  C "O4'"  1 
ATOM   702  C  "C3'"  . DC  C 3 2  ? 4.028   -6.239  -8.619  1.00 49.26  ? 1   DC  C "C3'"  1 
ATOM   703  O  "O3'"  . DC  C 3 2  ? 4.440   -7.582  -8.474  1.00 43.32  ? 1   DC  C "O3'"  1 
ATOM   704  C  "C2'"  . DC  C 3 2  ? 5.070   -5.249  -8.110  1.00 50.46  ? 1   DC  C "C2'"  1 
ATOM   705  C  "C1'"  . DC  C 3 2  ? 5.941   -5.043  -9.325  1.00 47.11  ? 1   DC  C "C1'"  1 
ATOM   706  N  N1     . DC  C 3 2  ? 6.588   -3.722  -9.416  1.00 48.06  ? 1   DC  C N1     1 
ATOM   707  C  C2     . DC  C 3 2  ? 7.938   -3.580  -9.073  1.00 55.37  ? 1   DC  C C2     1 
ATOM   708  O  O2     . DC  C 3 2  ? 8.561   -4.560  -8.646  1.00 59.75  ? 1   DC  C O2     1 
ATOM   709  N  N3     . DC  C 3 2  ? 8.522   -2.367  -9.208  1.00 52.66  ? 1   DC  C N3     1 
ATOM   710  C  C4     . DC  C 3 2  ? 7.818   -1.337  -9.676  1.00 57.71  ? 1   DC  C C4     1 
ATOM   711  N  N4     . DC  C 3 2  ? 8.435   -0.158  -9.792  1.00 62.05  ? 1   DC  C N4     1 
ATOM   712  C  C5     . DC  C 3 2  ? 6.445   -1.469  -10.043 1.00 56.13  ? 1   DC  C C5     1 
ATOM   713  C  C6     . DC  C 3 2  ? 5.881   -2.669  -9.907  1.00 48.12  ? 1   DC  C C6     1 
ATOM   714  H  "H5'"  . DC  C 3 2  ? 2.068   -5.059  -9.697  1.00 71.12  ? 1   DC  C "H5'"  1 
ATOM   715  H  "H5''" . DC  C 3 2  ? 2.955   -4.167  -10.657 1.00 71.12  ? 1   DC  C "H5''" 1 
ATOM   716  H  "H4'"  . DC  C 3 2  ? 3.869   -6.725  -10.602 1.00 61.17  ? 1   DC  C "H4'"  1 
ATOM   717  H  "H3'"  . DC  C 3 2  ? 3.182   -6.097  -8.166  1.00 59.38  ? 1   DC  C "H3'"  1 
ATOM   718  H  "H2'"  . DC  C 3 2  ? 4.650   -4.415  -7.842  1.00 60.82  ? 1   DC  C "H2'"  1 
ATOM   719  H  "H2''" . DC  C 3 2  ? 5.580   -5.631  -7.380  1.00 60.82  ? 1   DC  C "H2''" 1 
ATOM   720  H  "H1'"  . DC  C 3 2  ? 6.619   -5.736  -9.354  1.00 56.80  ? 1   DC  C "H1'"  1 
ATOM   721  H  H41    . DC  C 3 2  ? 8.005   0.525   -10.087 1.00 74.72  ? 1   DC  C H41    1 
ATOM   722  H  H42    . DC  C 3 2  ? 9.263   -0.083  -9.572  1.00 74.72  ? 1   DC  C H42    1 
ATOM   723  H  H5     . DC  C 3 2  ? 5.961   -0.744  -10.367 1.00 67.63  ? 1   DC  C H5     1 
ATOM   724  H  H6     . DC  C 3 2  ? 4.989   -2.785  -10.140 1.00 58.01  ? 1   DC  C H6     1 
ATOM   725  P  P      . DA  C 3 3  ? 3.580   -8.589  -7.570  1.00 43.47  ? 2   DA  C P      1 
ATOM   726  O  OP1    . DA  C 3 3  ? 3.699   -9.948  -8.139  1.00 72.63  ? 2   DA  C OP1    1 
ATOM   727  O  OP2    . DA  C 3 3  ? 2.243   -7.975  -7.399  1.00 56.80  ? 2   DA  C OP2    1 
ATOM   728  O  "O5'"  . DA  C 3 3  ? 4.324   -8.552  -6.159  1.00 29.88  ? 2   DA  C "O5'"  1 
ATOM   729  C  "C5'"  . DA  C 3 3  ? 5.750   -8.482  -6.097  1.00 62.11  ? 2   DA  C "C5'"  1 
ATOM   730  C  "C4'"  . DA  C 3 3  ? 6.189   -7.625  -4.925  1.00 55.80  ? 2   DA  C "C4'"  1 
ATOM   731  O  "O4'"  . DA  C 3 3  ? 6.715   -6.373  -5.393  1.00 62.01  ? 2   DA  C "O4'"  1 
ATOM   732  C  "C3'"  . DA  C 3 3  ? 5.074   -7.229  -3.989  1.00 44.35  ? 2   DA  C "C3'"  1 
ATOM   733  O  "O3'"  . DA  C 3 3  ? 4.798   -8.283  -3.057  1.00 39.94  ? 2   DA  C "O3'"  1 
ATOM   734  C  "C2'"  . DA  C 3 3  ? 5.607   -5.944  -3.338  1.00 61.12  ? 2   DA  C "C2'"  1 
ATOM   735  C  "C1'"  . DA  C 3 3  ? 6.646   -5.427  -4.348  1.00 41.12  ? 2   DA  C "C1'"  1 
ATOM   736  N  N9     . DA  C 3 3  ? 6.313   -4.130  -4.932  1.00 36.68  ? 2   DA  C N9     1 
ATOM   737  C  C8     . DA  C 3 3  ? 5.078   -3.697  -5.321  1.00 43.43  ? 2   DA  C C8     1 
ATOM   738  N  N7     . DA  C 3 3  ? 5.075   -2.484  -5.825  1.00 52.57  ? 2   DA  C N7     1 
ATOM   739  C  C5     . DA  C 3 3  ? 6.403   -2.090  -5.760  1.00 48.92  ? 2   DA  C C5     1 
ATOM   740  C  C6     . DA  C 3 3  ? 7.067   -0.901  -6.138  1.00 52.99  ? 2   DA  C C6     1 
ATOM   741  N  N6     . DA  C 3 3  ? 6.450   0.156   -6.680  1.00 57.47  ? 2   DA  C N6     1 
ATOM   742  N  N1     . DA  C 3 3  ? 8.397   -0.840  -5.935  1.00 49.56  ? 2   DA  C N1     1 
ATOM   743  C  C2     . DA  C 3 3  ? 9.017   -1.896  -5.399  1.00 53.94  ? 2   DA  C C2     1 
ATOM   744  N  N3     . DA  C 3 3  ? 8.505   -3.061  -5.003  1.00 50.17  ? 2   DA  C N3     1 
ATOM   745  C  C4     . DA  C 3 3  ? 7.181   -3.096  -5.214  1.00 43.08  ? 2   DA  C C4     1 
ATOM   746  H  "H5'"  . DA  C 3 3  ? 6.087   -8.096  -6.919  1.00 74.80  ? 2   DA  C "H5'"  1 
ATOM   747  H  "H5''" . DA  C 3 3  ? 6.110   -9.377  -5.992  1.00 74.80  ? 2   DA  C "H5''" 1 
ATOM   748  H  "H4'"  . DA  C 3 3  ? 6.875   -8.094  -4.425  1.00 67.23  ? 2   DA  C "H4'"  1 
ATOM   749  H  "H3'"  . DA  C 3 3  ? 4.275   -7.028  -4.500  1.00 53.49  ? 2   DA  C "H3'"  1 
ATOM   750  H  "H2'"  . DA  C 3 3  ? 4.892   -5.299  -3.224  1.00 73.62  ? 2   DA  C "H2'"  1 
ATOM   751  H  "H2''" . DA  C 3 3  ? 6.029   -6.144  -2.487  1.00 73.62  ? 2   DA  C "H2''" 1 
ATOM   752  H  "H1'"  . DA  C 3 3  ? 7.511   -5.369  -3.913  1.00 49.61  ? 2   DA  C "H1'"  1 
ATOM   753  H  H8     . DA  C 3 3  ? 4.310   -4.215  -5.241  1.00 52.38  ? 2   DA  C H8     1 
ATOM   754  H  H61    . DA  C 3 3  ? 6.903   0.855   -6.897  1.00 69.23  ? 2   DA  C H61    1 
ATOM   755  H  H62    . DA  C 3 3  ? 5.600   0.137   -6.814  1.00 69.23  ? 2   DA  C H62    1 
ATOM   756  H  H2     . DA  C 3 3  ? 9.935   -1.802  -5.279  1.00 65.00  ? 2   DA  C H2     1 
ATOM   757  P  P      . DT  C 3 4  ? 5.833   -8.664  -1.891  1.00 55.87  ? 3   DT  C P      1 
ATOM   758  O  OP1    . DT  C 3 4  ? 7.139   -8.021  -2.150  1.00 49.05  ? 3   DT  C OP1    1 
ATOM   759  O  OP2    . DT  C 3 4  ? 5.771   -10.133 -1.721  1.00 62.83  ? 3   DT  C OP2    1 
ATOM   760  O  "O5'"  . DT  C 3 4  ? 5.201   -7.968  -0.604  1.00 54.80  ? 3   DT  C "O5'"  1 
ATOM   761  C  "C5'"  . DT  C 3 4  ? 5.328   -8.587  0.646   1.00 64.81  ? 3   DT  C "C5'"  1 
ATOM   762  C  "C4'"  . DT  C 3 4  ? 3.995   -9.124  1.131   1.00 48.95  ? 3   DT  C "C4'"  1 
ATOM   763  O  "O4'"  . DT  C 3 4  ? 3.032   -9.194  0.064   1.00 39.52  ? 3   DT  C "O4'"  1 
ATOM   764  C  "C3'"  . DT  C 3 4  ? 4.025   -10.541 1.634   1.00 58.18  ? 3   DT  C "C3'"  1 
ATOM   765  O  "O3'"  . DT  C 3 4  ? 4.625   -10.606 2.897   1.00 66.26  ? 3   DT  C "O3'"  1 
ATOM   766  C  "C2'"  . DT  C 3 4  ? 2.541   -10.904 1.639   1.00 41.56  ? 3   DT  C "C2'"  1 
ATOM   767  C  "C1'"  . DT  C 3 4  ? 1.964   -10.012 0.524   1.00 46.26  ? 3   DT  C "C1'"  1 
ATOM   768  N  N1     . DT  C 3 4  ? 1.366   -10.773 -0.630  1.00 46.56  ? 3   DT  C N1     1 
ATOM   769  C  C2     . DT  C 3 4  ? 0.444   -11.762 -0.369  1.00 43.76  ? 3   DT  C C2     1 
ATOM   770  O  O2     . DT  C 3 4  ? 0.102   -12.076 0.758   1.00 39.86  ? 3   DT  C O2     1 
ATOM   771  N  N3     . DT  C 3 4  ? -0.061  -12.385 -1.475  1.00 39.26  ? 3   DT  C N3     1 
ATOM   772  C  C4     . DT  C 3 4  ? 0.253   -12.127 -2.794  1.00 45.47  ? 3   DT  C C4     1 
ATOM   773  O  O4     . DT  C 3 4  ? -0.258  -12.746 -3.721  1.00 43.50  ? 3   DT  C O4     1 
ATOM   774  C  C5     . DT  C 3 4  ? 1.216   -11.072 -3.007  1.00 45.83  ? 3   DT  C C5     1 
ATOM   775  C  C7     . DT  C 3 4  ? 1.628   -10.705 -4.402  1.00 47.92  ? 3   DT  C C7     1 
ATOM   776  C  C6     . DT  C 3 4  ? 1.721   -10.449 -1.926  1.00 46.60  ? 3   DT  C C6     1 
ATOM   777  H  "H5'"  . DT  C 3 4  ? 5.662   -7.941  1.288   1.00 78.04  ? 3   DT  C "H5'"  1 
ATOM   778  H  "H5''" . DT  C 3 4  ? 5.959   -9.320  0.576   1.00 78.04  ? 3   DT  C "H5''" 1 
ATOM   779  H  "H4'"  . DT  C 3 4  ? 3.654   -8.546  1.831   1.00 59.01  ? 3   DT  C "H4'"  1 
ATOM   780  H  "H3'"  . DT  C 3 4  ? 4.504   -11.107 1.006   1.00 70.09  ? 3   DT  C "H3'"  1 
ATOM   781  H  "H2'"  . DT  C 3 4  ? 2.416   -11.842 1.426   1.00 50.14  ? 3   DT  C "H2'"  1 
ATOM   782  H  "H2''" . DT  C 3 4  ? 2.139   -10.688 2.494   1.00 50.14  ? 3   DT  C "H2''" 1 
ATOM   783  H  "H1'"  . DT  C 3 4  ? 1.279   -9.441  0.907   1.00 55.79  ? 3   DT  C "H1'"  1 
ATOM   784  H  H3     . DT  C 3 4  ? -0.632  -13.012 -1.334  1.00 47.38  ? 3   DT  C H3     1 
ATOM   785  H  H71    . DT  C 3 4  ? 1.408   -9.775  -4.570  1.00 57.78  ? 3   DT  C H71    1 
ATOM   786  H  H72    . DT  C 3 4  ? 2.584   -10.835 -4.501  1.00 57.78  ? 3   DT  C H72    1 
ATOM   787  H  H73    . DT  C 3 4  ? 1.158   -11.268 -5.036  1.00 57.78  ? 3   DT  C H73    1 
ATOM   788  H  H6     . DT  C 3 4  ? 2.343   -9.769  -2.058  1.00 56.19  ? 3   DT  C H6     1 
ATOM   789  P  P      . DC  C 3 5  ? 6.037   -11.348 3.052   1.00 54.83  ? 4   DC  C P      1 
ATOM   790  O  OP1    . DC  C 3 5  ? 6.696   -10.788 4.253   1.00 56.69  ? 4   DC  C OP1    1 
ATOM   791  O  OP2    . DC  C 3 5  ? 6.726   -11.305 1.741   1.00 46.15  ? 4   DC  C OP2    1 
ATOM   792  O  "O5'"  . DC  C 3 5  ? 5.615   -12.856 3.338   1.00 49.25  ? 4   DC  C "O5'"  1 
ATOM   793  C  "C5'"  . DC  C 3 5  ? 4.772   -13.127 4.437   1.00 57.59  ? 4   DC  C "C5'"  1 
ATOM   794  C  "C4'"  . DC  C 3 5  ? 3.633   -14.043 4.046   1.00 49.88  ? 4   DC  C "C4'"  1 
ATOM   795  O  "O4'"  . DC  C 3 5  ? 3.142   -13.707 2.740   1.00 46.20  ? 4   DC  C "O4'"  1 
ATOM   796  C  "C3'"  . DC  C 3 5  ? 4.000   -15.500 3.899   1.00 72.92  ? 4   DC  C "C3'"  1 
ATOM   797  O  "O3'"  . DC  C 3 5  ? 4.026   -16.152 5.148   1.00 71.91  ? 4   DC  C "O3'"  1 
ATOM   798  C  "C2'"  . DC  C 3 5  ? 2.899   -16.039 2.979   1.00 65.46  ? 4   DC  C "C2'"  1 
ATOM   799  C  "C1'"  . DC  C 3 5  ? 2.334   -14.786 2.314   1.00 52.23  ? 4   DC  C "C1'"  1 
ATOM   800  N  N1     . DC  C 3 5  ? 2.294   -14.832 0.811   1.00 53.59  ? 4   DC  C N1     1 
ATOM   801  C  C2     . DC  C 3 5  ? 1.406   -15.708 0.169   1.00 57.11  ? 4   DC  C C2     1 
ATOM   802  O  O2     . DC  C 3 5  ? 0.697   -16.456 0.854   1.00 59.78  ? 4   DC  C O2     1 
ATOM   803  N  N3     . DC  C 3 5  ? 1.354   -15.718 -1.189  1.00 54.29  ? 4   DC  C N3     1 
ATOM   804  C  C4     . DC  C 3 5  ? 2.135   -14.892 -1.892  1.00 53.16  ? 4   DC  C C4     1 
ATOM   805  N  N4     . DC  C 3 5  ? 2.055   -14.935 -3.229  1.00 44.05  ? 4   DC  C N4     1 
ATOM   806  C  C5     . DC  C 3 5  ? 3.036   -13.989 -1.257  1.00 59.38  ? 4   DC  C C5     1 
ATOM   807  C  C6     . DC  C 3 5  ? 3.081   -13.989 0.082   1.00 58.69  ? 4   DC  C C6     1 
ATOM   808  H  "H5'"  . DC  C 3 5  ? 4.407   -12.292 4.770   1.00 69.38  ? 4   DC  C "H5'"  1 
ATOM   809  H  "H5''" . DC  C 3 5  ? 5.292   -13.549 5.140   1.00 69.38  ? 4   DC  C "H5''" 1 
ATOM   810  H  "H4'"  . DC  C 3 5  ? 2.915   -13.955 4.691   1.00 60.13  ? 4   DC  C "H4'"  1 
ATOM   811  H  "H3'"  . DC  C 3 5  ? 4.864   -15.582 3.465   1.00 87.77  ? 4   DC  C "H3'"  1 
ATOM   812  H  "H2'"  . DC  C 3 5  ? 3.274   -16.637 2.314   1.00 78.82  ? 4   DC  C "H2'"  1 
ATOM   813  H  "H2''" . DC  C 3 5  ? 2.213   -16.489 3.496   1.00 78.82  ? 4   DC  C "H2''" 1 
ATOM   814  H  "H1'"  . DC  C 3 5  ? 1.432   -14.644 2.642   1.00 62.94  ? 4   DC  C "H1'"  1 
ATOM   815  H  H41    . DC  C 3 5  ? 2.544   -14.412 -3.706  1.00 53.13  ? 4   DC  C H41    1 
ATOM   816  H  H42    . DC  C 3 5  ? 1.516   -15.485 -3.611  1.00 53.13  ? 4   DC  C H42    1 
ATOM   817  H  H5     . DC  C 3 5  ? 3.576   -13.419 -1.755  1.00 71.53  ? 4   DC  C H5     1 
ATOM   818  H  H6     . DC  C 3 5  ? 3.657   -13.407 0.521   1.00 70.70  ? 4   DC  C H6     1 
ATOM   819  P  P      . DG  C 3 6  ? 5.047   -17.368 5.368   1.00 75.59  ? 5   DG  C P      1 
ATOM   820  O  OP1    . DG  C 3 6  ? 5.990   -16.954 6.431   1.00 68.12  ? 5   DG  C OP1    1 
ATOM   821  O  OP2    . DG  C 3 6  ? 5.567   -17.751 4.033   1.00 43.89  ? 5   DG  C OP2    1 
ATOM   822  O  "O5'"  . DG  C 3 6  ? 4.127   -18.555 5.922   1.00 66.94  ? 5   DG  C "O5'"  1 
ATOM   823  C  "C5'"  . DG  C 3 6  ? 2.799   -18.712 5.448   1.00 61.29  ? 5   DG  C "C5'"  1 
ATOM   824  C  "C4'"  . DG  C 3 6  ? 2.696   -19.862 4.457   1.00 55.39  ? 5   DG  C "C4'"  1 
ATOM   825  O  "O4'"  . DG  C 3 6  ? 2.211   -19.365 3.189   1.00 54.21  ? 5   DG  C "O4'"  1 
ATOM   826  C  "C3'"  . DG  C 3 6  ? 3.999   -20.551 4.098   1.00 73.34  ? 5   DG  C "C3'"  1 
ATOM   827  O  "O3'"  . DG  C 3 6  ? 4.371   -21.518 5.071   1.00 91.68  ? 5   DG  C "O3'"  1 
ATOM   828  C  "C2'"  . DG  C 3 6  ? 3.666   -21.191 2.753   1.00 75.41  ? 5   DG  C "C2'"  1 
ATOM   829  C  "C1'"  . DG  C 3 6  ? 2.594   -20.265 2.164   1.00 50.19  ? 5   DG  C "C1'"  1 
ATOM   830  N  N9     . DG  C 3 6  ? 3.071   -19.513 1.006   1.00 58.43  ? 5   DG  C N9     1 
ATOM   831  C  C8     . DG  C 3 6  ? 4.074   -18.573 0.982   1.00 62.32  ? 5   DG  C C8     1 
ATOM   832  N  N7     . DG  C 3 6  ? 4.296   -18.080 -0.205  1.00 62.20  ? 5   DG  C N7     1 
ATOM   833  C  C5     . DG  C 3 6  ? 3.398   -18.749 -1.024  1.00 50.70  ? 5   DG  C C5     1 
ATOM   834  C  C6     . DG  C 3 6  ? 3.181   -18.634 -2.414  1.00 55.04  ? 5   DG  C C6     1 
ATOM   835  O  O6     . DG  C 3 6  ? 3.762   -17.896 -3.221  1.00 48.39  ? 5   DG  C O6     1 
ATOM   836  N  N1     . DG  C 3 6  ? 2.174   -19.494 -2.853  1.00 61.53  ? 5   DG  C N1     1 
ATOM   837  C  C2     . DG  C 3 6  ? 1.467   -20.356 -2.044  1.00 61.10  ? 5   DG  C C2     1 
ATOM   838  N  N2     . DG  C 3 6  ? 0.533   -21.111 -2.647  1.00 61.67  ? 5   DG  C N2     1 
ATOM   839  N  N3     . DG  C 3 6  ? 1.664   -20.472 -0.736  1.00 53.65  ? 5   DG  C N3     1 
ATOM   840  C  C4     . DG  C 3 6  ? 2.640   -19.641 -0.296  1.00 53.24  ? 5   DG  C C4     1 
ATOM   841  H  "H5'"  . DG  C 3 6  ? 2.518   -17.893 5.014   1.00 73.82  ? 5   DG  C "H5'"  1 
ATOM   842  H  "H5''" . DG  C 3 6  ? 2.213   -18.890 6.201   1.00 73.82  ? 5   DG  C "H5''" 1 
ATOM   843  H  "H4'"  . DG  C 3 6  ? 2.072   -20.522 4.799   1.00 66.74  ? 5   DG  C "H4'"  1 
ATOM   844  H  "H3'"  . DG  C 3 6  ? 4.705   -19.894 3.990   1.00 88.27  ? 5   DG  C "H3'"  1 
ATOM   845  H  "HO3'" . DG  C 3 6  ? 4.462   -22.323 4.850   1.00 110.28 ? 5   DG  C "HO3'" 1 
ATOM   846  H  "H2'"  . DG  C 3 6  ? 4.449   -21.209 2.181   1.00 90.76  ? 5   DG  C "H2'"  1 
ATOM   847  H  "H2''" . DG  C 3 6  ? 3.312   -22.085 2.879   1.00 90.76  ? 5   DG  C "H2''" 1 
ATOM   848  H  "H1'"  . DG  C 3 6  ? 1.825   -20.796 1.905   1.00 60.50  ? 5   DG  C "H1'"  1 
ATOM   849  H  H8     . DG  C 3 6  ? 4.537   -18.302 1.742   1.00 75.06  ? 5   DG  C H8     1 
ATOM   850  H  H1     . DG  C 3 6  ? 1.980   -19.485 -3.691  1.00 74.10  ? 5   DG  C H1     1 
ATOM   851  H  H21    . DG  C 3 6  ? 0.067   -21.668 -2.186  1.00 74.27  ? 5   DG  C H21    1 
ATOM   852  H  H22    . DG  C 3 6  ? 0.404   -21.039 -3.494  1.00 74.27  ? 5   DG  C H22    1 
ATOM   853  O  "O5'"  . DT  D 4 1  ? -20.220 7.438   9.212   1.00 111.75 ? 2   DT  D "O5'"  1 
ATOM   854  C  "C5'"  . DT  D 4 1  ? -19.614 6.166   9.053   1.00 99.39  ? 2   DT  D "C5'"  1 
ATOM   855  C  "C4'"  . DT  D 4 1  ? -20.215 5.424   7.879   1.00 86.48  ? 2   DT  D "C4'"  1 
ATOM   856  O  "O4'"  . DT  D 4 1  ? -20.221 6.279   6.717   1.00 86.99  ? 2   DT  D "O4'"  1 
ATOM   857  C  "C3'"  . DT  D 4 1  ? -19.439 4.201   7.429   1.00 88.90  ? 2   DT  D "C3'"  1 
ATOM   858  O  "O3'"  . DT  D 4 1  ? -19.784 3.029   8.219   1.00 97.12  ? 2   DT  D "O3'"  1 
ATOM   859  C  "C2'"  . DT  D 4 1  ? -19.804 4.083   5.942   1.00 80.33  ? 2   DT  D "C2'"  1 
ATOM   860  C  "C1'"  . DT  D 4 1  ? -20.316 5.468   5.563   1.00 83.18  ? 2   DT  D "C1'"  1 
ATOM   861  N  N1     . DT  D 4 1  ? -19.549 6.093   4.447   1.00 78.41  ? 2   DT  D N1     1 
ATOM   862  C  C2     . DT  D 4 1  ? -19.663 5.560   3.185   1.00 85.45  ? 2   DT  D C2     1 
ATOM   863  O  O2     . DT  D 4 1  ? -20.372 4.604   2.928   1.00 90.32  ? 2   DT  D O2     1 
ATOM   864  N  N3     . DT  D 4 1  ? -18.933 6.202   2.223   1.00 83.91  ? 2   DT  D N3     1 
ATOM   865  C  C4     . DT  D 4 1  ? -18.104 7.293   2.396   1.00 84.29  ? 2   DT  D C4     1 
ATOM   866  O  O4     . DT  D 4 1  ? -17.481 7.798   1.466   1.00 78.72  ? 2   DT  D O4     1 
ATOM   867  C  C5     . DT  D 4 1  ? -18.020 7.798   3.750   1.00 77.45  ? 2   DT  D C5     1 
ATOM   868  C  C7     . DT  D 4 1  ? -17.152 8.979   4.063   1.00 81.81  ? 2   DT  D C7     1 
ATOM   869  C  C6     . DT  D 4 1  ? -18.739 7.180   4.700   1.00 75.28  ? 2   DT  D C6     1 
ATOM   870  H  "H5'"  . DT  D 4 1  ? -19.748 5.645   9.861   1.00 119.53 ? 2   DT  D "H5'"  1 
ATOM   871  H  "H5''" . DT  D 4 1  ? -18.662 6.282   8.903   1.00 119.53 ? 2   DT  D "H5''" 1 
ATOM   872  H  "H4'"  . DT  D 4 1  ? -21.126 5.166   8.093   1.00 104.04 ? 2   DT  D "H4'"  1 
ATOM   873  H  "H3'"  . DT  D 4 1  ? -18.489 4.377   7.513   1.00 106.95 ? 2   DT  D "H3'"  1 
ATOM   874  H  "H2'"  . DT  D 4 1  ? -19.020 3.856   5.418   1.00 96.66  ? 2   DT  D "H2'"  1 
ATOM   875  H  "H2''" . DT  D 4 1  ? -20.500 3.418   5.816   1.00 96.66  ? 2   DT  D "H2''" 1 
ATOM   876  H  "H1'"  . DT  D 4 1  ? -21.248 5.398   5.304   1.00 100.08 ? 2   DT  D "H1'"  1 
ATOM   877  H  H3     . DT  D 4 1  ? -18.991 5.888   1.425   1.00 100.96 ? 2   DT  D H3     1 
ATOM   878  H  H71    . DT  D 4 1  ? -16.713 9.281   3.252   1.00 98.44  ? 2   DT  D H71    1 
ATOM   879  H  H72    . DT  D 4 1  ? -17.698 9.696   4.421   1.00 98.44  ? 2   DT  D H72    1 
ATOM   880  H  H73    . DT  D 4 1  ? -16.483 8.724   4.717   1.00 98.44  ? 2   DT  D H73    1 
ATOM   881  H  H6     . DT  D 4 1  ? -18.690 7.504   5.571   1.00 90.61  ? 2   DT  D H6     1 
ATOM   882  P  P      . DC  D 4 2  ? -21.110 2.159   7.936   1.00 96.27  ? 3   DC  D P      1 
ATOM   883  O  OP1    . DC  D 4 2  ? -22.210 3.097   7.638   1.00 112.92 ? 3   DC  D OP1    1 
ATOM   884  O  OP2    . DC  D 4 2  ? -21.238 1.181   9.040   1.00 90.29  ? 3   DC  D OP2    1 
ATOM   885  O  "O5'"  . DC  D 4 2  ? -20.786 1.353   6.591   1.00 88.12  ? 3   DC  D "O5'"  1 
ATOM   886  C  "C5'"  . DC  D 4 2  ? -21.557 0.205   6.257   1.00 90.12  ? 3   DC  D "C5'"  1 
ATOM   887  C  "C4'"  . DC  D 4 2  ? -21.775 0.093   4.755   1.00 96.08  ? 3   DC  D "C4'"  1 
ATOM   888  O  "O4'"  . DC  D 4 2  ? -21.108 1.190   4.076   1.00 87.77  ? 3   DC  D "O4'"  1 
ATOM   889  C  "C3'"  . DC  D 4 2  ? -21.235 -1.193  4.121   1.00 92.37  ? 3   DC  D "C3'"  1 
ATOM   890  O  "O3'"  . DC  D 4 2  ? -22.262 -1.867  3.414   1.00 102.11 ? 3   DC  D "O3'"  1 
ATOM   891  C  "C2'"  . DC  D 4 2  ? -20.110 -0.723  3.198   1.00 88.57  ? 3   DC  D "C2'"  1 
ATOM   892  C  "C1'"  . DC  D 4 2  ? -20.494 0.709   2.900   1.00 84.70  ? 3   DC  D "C1'"  1 
ATOM   893  N  N1     . DC  D 4 2  ? -19.345 1.603   2.567   1.00 82.37  ? 3   DC  D N1     1 
ATOM   894  C  C2     . DC  D 4 2  ? -18.535 2.091   3.594   1.00 75.93  ? 3   DC  D C2     1 
ATOM   895  O  O2     . DC  D 4 2  ? -18.774 1.751   4.758   1.00 87.87  ? 3   DC  D O2     1 
ATOM   896  N  N3     . DC  D 4 2  ? -17.509 2.921   3.286   1.00 65.78  ? 3   DC  D N3     1 
ATOM   897  C  C4     . DC  D 4 2  ? -17.283 3.261   2.016   1.00 73.20  ? 3   DC  D C4     1 
ATOM   898  N  N4     . DC  D 4 2  ? -16.256 4.080   1.760   1.00 67.37  ? 3   DC  D N4     1 
ATOM   899  C  C5     . DC  D 4 2  ? -18.099 2.772   0.952   1.00 70.08  ? 3   DC  D C5     1 
ATOM   900  C  C6     . DC  D 4 2  ? -19.112 1.959   1.271   1.00 78.38  ? 3   DC  D C6     1 
ATOM   901  H  "H5'"  . DC  D 4 2  ? -22.420 0.264   6.699   1.00 108.42 ? 3   DC  D "H5'"  1 
ATOM   902  H  "H5''" . DC  D 4 2  ? -21.096 -0.588  6.570   1.00 108.42 ? 3   DC  D "H5''" 1 
ATOM   903  H  "H4'"  . DC  D 4 2  ? -22.727 0.152   4.576   1.00 115.56 ? 3   DC  D "H4'"  1 
ATOM   904  H  "H3'"  . DC  D 4 2  ? -20.875 -1.774  4.810   1.00 111.12 ? 3   DC  D "H3'"  1 
ATOM   905  H  "H2'"  . DC  D 4 2  ? -19.255 -0.762  3.654   1.00 106.56 ? 3   DC  D "H2'"  1 
ATOM   906  H  "H2''" . DC  D 4 2  ? -20.091 -1.250  2.384   1.00 106.56 ? 3   DC  D "H2''" 1 
ATOM   907  H  "H1'"  . DC  D 4 2  ? -21.135 0.725   2.173   1.00 101.91 ? 3   DC  D "H1'"  1 
ATOM   908  H  H41    . DC  D 4 2  ? -16.081 4.311   0.952   1.00 81.11  ? 3   DC  D H41    1 
ATOM   909  H  H42    . DC  D 4 2  ? -15.771 4.376   2.407   1.00 81.11  ? 3   DC  D H42    1 
ATOM   910  H  H5     . DC  D 4 2  ? -17.937 3.016   0.070   1.00 84.36  ? 3   DC  D H5     1 
ATOM   911  H  H6     . DC  D 4 2  ? -19.662 1.626   0.599   1.00 94.33  ? 3   DC  D H6     1 
ATOM   912  P  P      . DT  D 4 3  ? -22.032 -3.371  2.905   1.00 113.27 ? 4   DT  D P      1 
ATOM   913  O  OP1    . DT  D 4 3  ? -23.342 -3.904  2.476   1.00 121.80 ? 4   DT  D OP1    1 
ATOM   914  O  OP2    . DT  D 4 3  ? -21.253 -4.077  3.946   1.00 100.12 ? 4   DT  D OP2    1 
ATOM   915  O  "O5'"  . DT  D 4 3  ? -21.116 -3.200  1.606   1.00 100.66 ? 4   DT  D "O5'"  1 
ATOM   916  C  "C5'"  . DT  D 4 3  ? -21.616 -2.482  0.488   1.00 100.60 ? 4   DT  D "C5'"  1 
ATOM   917  C  "C4'"  . DT  D 4 3  ? -20.732 -2.676  -0.733  1.00 101.40 ? 4   DT  D "C4'"  1 
ATOM   918  O  "O4'"  . DT  D 4 3  ? -19.667 -1.688  -0.721  1.00 96.56  ? 4   DT  D "O4'"  1 
ATOM   919  C  "C3'"  . DT  D 4 3  ? -20.071 -4.047  -0.834  1.00 89.02  ? 4   DT  D "C3'"  1 
ATOM   920  O  "O3'"  . DT  D 4 3  ? -20.302 -4.606  -2.123  1.00 91.56  ? 4   DT  D "O3'"  1 
ATOM   921  C  "C2'"  . DT  D 4 3  ? -18.580 -3.788  -0.548  1.00 86.97  ? 4   DT  D "C2'"  1 
ATOM   922  C  "C1'"  . DT  D 4 3  ? -18.397 -2.295  -0.846  1.00 80.04  ? 4   DT  D "C1'"  1 
ATOM   923  N  N1     . DT  D 4 3  ? -17.447 -1.541  0.080   1.00 71.00  ? 4   DT  D N1     1 
ATOM   924  C  C2     . DT  D 4 3  ? -17.515 -1.738  1.444   1.00 87.15  ? 4   DT  D C2     1 
ATOM   925  O  O2     . DT  D 4 3  ? -18.268 -2.534  1.968   1.00 99.11  ? 4   DT  D O2     1 
ATOM   926  N  N3     . DT  D 4 3  ? -16.643 -0.983  2.179   1.00 85.33  ? 4   DT  D N3     1 
ATOM   927  C  C4     . DT  D 4 3  ? -15.741 -0.051  1.709   1.00 72.94  ? 4   DT  D C4     1 
ATOM   928  O  O4     . DT  D 4 3  ? -15.001 0.582   2.455   1.00 67.25  ? 4   DT  D O4     1 
ATOM   929  C  C5     . DT  D 4 3  ? -15.728 0.128   0.281   1.00 64.42  ? 4   DT  D C5     1 
ATOM   930  C  C7     . DT  D 4 3  ? -14.783 1.113   -0.334  1.00 54.03  ? 4   DT  D C7     1 
ATOM   931  C  C6     . DT  D 4 3  ? -16.576 -0.608  -0.460  1.00 64.13  ? 4   DT  D C6     1 
ATOM   932  H  "H5'"  . DT  D 4 3  ? -21.652 -1.537  0.707   1.00 120.99 ? 4   DT  D "H5'"  1 
ATOM   933  H  "H5''" . DT  D 4 3  ? -22.511 -2.794  0.284   1.00 120.99 ? 4   DT  D "H5''" 1 
ATOM   934  H  "H4'"  . DT  D 4 3  ? -21.272 -2.536  -1.527  1.00 121.95 ? 4   DT  D "H4'"  1 
ATOM   935  H  "H3'"  . DT  D 4 3  ? -20.434 -4.635  -0.153  1.00 107.10 ? 4   DT  D "H3'"  1 
ATOM   936  H  "H2'"  . DT  D 4 3  ? -18.375 -3.976  0.382   1.00 104.63 ? 4   DT  D "H2'"  1 
ATOM   937  H  "H2''" . DT  D 4 3  ? -18.023 -4.322  -1.135  1.00 104.63 ? 4   DT  D "H2''" 1 
ATOM   938  H  "H1'"  . DT  D 4 3  ? -18.089 -2.194  -1.760  1.00 96.31  ? 4   DT  D "H1'"  1 
ATOM   939  H  H3     . DT  D 4 3  ? -16.662 -1.099  3.032   1.00 102.66 ? 4   DT  D H3     1 
ATOM   940  H  H71    . DT  D 4 3  ? -14.283 1.564   0.366   1.00 65.10  ? 4   DT  D H71    1 
ATOM   941  H  H72    . DT  D 4 3  ? -14.167 0.648   -0.922  1.00 65.10  ? 4   DT  D H72    1 
ATOM   942  H  H73    . DT  D 4 3  ? -15.284 1.768   -0.844  1.00 65.10  ? 4   DT  D H73    1 
ATOM   943  H  H6     . DT  D 4 3  ? -16.570 -0.493  -1.383  1.00 77.23  ? 4   DT  D H6     1 
ATOM   944  P  P      . DG  D 4 4  ? -19.595 -5.980  -2.559  1.00 102.59 ? 5   DG  D P      1 
ATOM   945  O  OP1    . DG  D 4 4  ? -20.391 -6.581  -3.654  1.00 98.34  ? 5   DG  D OP1    1 
ATOM   946  O  OP2    . DG  D 4 4  ? -19.329 -6.757  -1.329  1.00 90.34  ? 5   DG  D OP2    1 
ATOM   947  O  "O5'"  . DG  D 4 4  ? -18.206 -5.485  -3.162  1.00 87.74  ? 5   DG  D "O5'"  1 
ATOM   948  C  "C5'"  . DG  D 4 4  ? -18.160 -4.258  -3.888  1.00 93.05  ? 5   DG  D "C5'"  1 
ATOM   949  C  "C4'"  . DG  D 4 4  ? -17.264 -4.384  -5.095  1.00 93.52  ? 5   DG  D "C4'"  1 
ATOM   950  O  "O4'"  . DG  D 4 4  ? -15.966 -3.856  -4.775  1.00 86.92  ? 5   DG  D "O4'"  1 
ATOM   951  C  "C3'"  . DG  D 4 4  ? -16.989 -5.807  -5.535  1.00 84.62  ? 5   DG  D "C3'"  1 
ATOM   952  O  "O3'"  . DG  D 4 4  ? -16.622 -5.851  -6.894  1.00 75.80  ? 5   DG  D "O3'"  1 
ATOM   953  C  "C2'"  . DG  D 4 4  ? -15.848 -6.227  -4.613  1.00 80.31  ? 5   DG  D "C2'"  1 
ATOM   954  C  "C1'"  . DG  D 4 4  ? -15.167 -4.896  -4.244  1.00 80.65  ? 5   DG  D "C1'"  1 
ATOM   955  N  N9     . DG  D 4 4  ? -15.015 -4.668  -2.804  1.00 70.49  ? 5   DG  D N9     1 
ATOM   956  C  C8     . DG  D 4 4  ? -15.521 -5.425  -1.772  1.00 75.80  ? 5   DG  D C8     1 
ATOM   957  N  N7     . DG  D 4 4  ? -15.212 -4.966  -0.591  1.00 71.57  ? 5   DG  D N7     1 
ATOM   958  C  C5     . DG  D 4 4  ? -14.456 -3.835  -0.857  1.00 64.71  ? 5   DG  D C5     1 
ATOM   959  C  C6     . DG  D 4 4  ? -13.844 -2.919  0.028   1.00 58.53  ? 5   DG  D C6     1 
ATOM   960  O  O6     . DG  D 4 4  ? -13.850 -2.928  1.265   1.00 55.03  ? 5   DG  D O6     1 
ATOM   961  N  N1     . DG  D 4 4  ? -13.174 -1.913  -0.659  1.00 53.89  ? 5   DG  D N1     1 
ATOM   962  C  C2     . DG  D 4 4  ? -13.102 -1.810  -2.027  1.00 59.93  ? 5   DG  D C2     1 
ATOM   963  N  N2     . DG  D 4 4  ? -12.410 -0.775  -2.512  1.00 61.72  ? 5   DG  D N2     1 
ATOM   964  N  N3     . DG  D 4 4  ? -13.669 -2.660  -2.865  1.00 58.51  ? 5   DG  D N3     1 
ATOM   965  C  C4     . DG  D 4 4  ? -14.326 -3.642  -2.213  1.00 62.03  ? 5   DG  D C4     1 
ATOM   966  H  "H5'"  . DG  D 4 4  ? -17.820 -3.558  -3.310  1.00 111.93 ? 5   DG  D "H5'"  1 
ATOM   967  H  "H5''" . DG  D 4 4  ? -19.056 -4.026  -4.179  1.00 111.93 ? 5   DG  D "H5''" 1 
ATOM   968  H  "H4'"  . DG  D 4 4  ? -17.643 -3.884  -5.834  1.00 112.50 ? 5   DG  D "H4'"  1 
ATOM   969  H  "H3'"  . DG  D 4 4  ? -17.769 -6.363  -5.378  1.00 101.82 ? 5   DG  D "H3'"  1 
ATOM   970  H  "H2'"  . DG  D 4 4  ? -16.195 -6.664  -3.819  1.00 96.64  ? 5   DG  D "H2'"  1 
ATOM   971  H  "H2''" . DG  D 4 4  ? -15.229 -6.809  -5.080  1.00 96.64  ? 5   DG  D "H2''" 1 
ATOM   972  H  "H1'"  . DG  D 4 4  ? -14.291 -4.865  -4.661  1.00 97.05  ? 5   DG  D "H1'"  1 
ATOM   973  H  H8     . DG  D 4 4  ? -16.032 -6.190  -1.904  1.00 91.23  ? 5   DG  D H8     1 
ATOM   974  H  H1     . DG  D 4 4  ? -12.771 -1.313  -0.193  1.00 64.93  ? 5   DG  D H1     1 
ATOM   975  H  H21    . DG  D 4 4  ? -12.351 -0.658  -3.362  1.00 74.34  ? 5   DG  D H21    1 
ATOM   976  H  H22    . DG  D 4 4  ? -12.024 -0.226  -1.974  1.00 74.34  ? 5   DG  D H22    1 
ATOM   977  P  P      . DA  D 4 5  ? -16.319 -7.258  -7.605  1.00 100.09 ? 6   DA  D P      1 
ATOM   978  O  OP1    . DA  D 4 5  ? -17.393 -7.480  -8.597  1.00 97.22  ? 6   DA  D OP1    1 
ATOM   979  O  OP2    . DA  D 4 5  ? -16.076 -8.274  -6.556  1.00 86.87  ? 6   DA  D OP2    1 
ATOM   980  O  "O5'"  . DA  D 4 5  ? -14.947 -6.991  -8.381  1.00 87.67  ? 6   DA  D "O5'"  1 
ATOM   981  C  "C5'"  . DA  D 4 5  ? -14.876 -5.936  -9.333  1.00 82.47  ? 6   DA  D "C5'"  1 
ATOM   982  C  "C4'"  . DA  D 4 5  ? -13.568 -5.174  -9.216  1.00 75.41  ? 6   DA  D "C4'"  1 
ATOM   983  O  "O4'"  . DA  D 4 5  ? -13.296 -4.892  -7.815  1.00 68.23  ? 6   DA  D "O4'"  1 
ATOM   984  C  "C3'"  . DA  D 4 5  ? -12.335 -5.913  -9.730  1.00 73.81  ? 6   DA  D "C3'"  1 
ATOM   985  O  "O3'"  . DA  D 4 5  ? -11.437 -5.001  -10.350 1.00 70.63  ? 6   DA  D "O3'"  1 
ATOM   986  C  "C2'"  . DA  D 4 5  ? -11.759 -6.520  -8.463  1.00 66.45  ? 6   DA  D "C2'"  1 
ATOM   987  C  "C1'"  . DA  D 4 5  ? -12.030 -5.414  -7.465  1.00 59.19  ? 6   DA  D "C1'"  1 
ATOM   988  N  N9     . DA  D 4 5  ? -12.076 -5.842  -6.076  1.00 69.83  ? 6   DA  D N9     1 
ATOM   989  C  C8     . DA  D 4 5  ? -12.743 -6.914  -5.554  1.00 75.16  ? 6   DA  D C8     1 
ATOM   990  N  N7     . DA  D 4 5  ? -12.613 -7.035  -4.255  1.00 64.00  ? 6   DA  D N7     1 
ATOM   991  C  C5     . DA  D 4 5  ? -11.804 -5.965  -3.904  1.00 61.75  ? 6   DA  D C5     1 
ATOM   992  C  C6     . DA  D 4 5  ? -11.292 -5.526  -2.671  1.00 59.91  ? 6   DA  D C6     1 
ATOM   993  N  N6     . DA  D 4 5  ? -11.532 -6.149  -1.515  1.00 68.84  ? 6   DA  D N6     1 
ATOM   994  N  N1     . DA  D 4 5  ? -10.516 -4.420  -2.672  1.00 50.71  ? 6   DA  D N1     1 
ATOM   995  C  C2     . DA  D 4 5  ? -10.277 -3.803  -3.835  1.00 55.84  ? 6   DA  D C2     1 
ATOM   996  N  N3     . DA  D 4 5  ? -10.704 -4.120  -5.052  1.00 53.79  ? 6   DA  D N3     1 
ATOM   997  C  C4     . DA  D 4 5  ? -11.471 -5.220  -5.016  1.00 62.20  ? 6   DA  D C4     1 
ATOM   998  H  "H5'"  . DA  D 4 5  ? -15.614 -5.324  -9.185  1.00 99.23  ? 6   DA  D "H5'"  1 
ATOM   999  H  "H5''" . DA  D 4 5  ? -14.946 -6.309  -10.226 1.00 99.23  ? 6   DA  D "H5''" 1 
ATOM   1000 H  "H4'"  . DA  D 4 5  ? -13.651 -4.334  -9.694  1.00 90.76  ? 6   DA  D "H4'"  1 
ATOM   1001 H  "H3'"  . DA  D 4 5  ? -12.594 -6.610  -10.352 1.00 88.84  ? 6   DA  D "H3'"  1 
ATOM   1002 H  "H2'"  . DA  D 4 5  ? -12.230 -7.332  -8.220  1.00 80.01  ? 6   DA  D "H2'"  1 
ATOM   1003 H  "H2''" . DA  D 4 5  ? -10.807 -6.679  -8.554  1.00 80.01  ? 6   DA  D "H2''" 1 
ATOM   1004 H  "H1'"  . DA  D 4 5  ? -11.360 -4.721  -7.565  1.00 71.30  ? 6   DA  D "H1'"  1 
ATOM   1005 H  H8     . DA  D 4 5  ? -13.245 -7.502  -6.071  1.00 90.46  ? 6   DA  D H8     1 
ATOM   1006 H  H61    . DA  D 4 5  ? -11.195 -5.844  -0.784  1.00 82.87  ? 6   DA  D H61    1 
ATOM   1007 H  H62    . DA  D 4 5  ? -12.022 -6.854  -1.500  1.00 82.87  ? 6   DA  D H62    1 
ATOM   1008 H  H2     . DA  D 4 5  ? -9.739  -3.045  -3.784  1.00 67.28  ? 6   DA  D H2     1 
ATOM   1009 P  P      . DG  D 4 6  ? -10.359 -5.524  -11.417 1.00 79.68  ? 7   DG  D P      1 
ATOM   1010 O  OP1    . DG  D 4 6  ? -10.660 -4.872  -12.711 1.00 82.53  ? 7   DG  D OP1    1 
ATOM   1011 O  OP2    . DG  D 4 6  ? -10.316 -7.000  -11.303 1.00 61.43  ? 7   DG  D OP2    1 
ATOM   1012 O  "O5'"  . DG  D 4 6  ? -8.974  -4.953  -10.866 1.00 74.32  ? 7   DG  D "O5'"  1 
ATOM   1013 C  "C5'"  . DG  D 4 6  ? -8.578  -5.251  -9.542  1.00 70.02  ? 7   DG  D "C5'"  1 
ATOM   1014 C  "C4'"  . DG  D 4 6  ? -7.659  -4.182  -8.992  1.00 69.25  ? 7   DG  D "C4'"  1 
ATOM   1015 O  "O4'"  . DG  D 4 6  ? -7.985  -3.957  -7.600  1.00 68.67  ? 7   DG  D "O4'"  1 
ATOM   1016 C  "C3'"  . DG  D 4 6  ? -6.179  -4.537  -9.021  1.00 59.74  ? 7   DG  D "C3'"  1 
ATOM   1017 O  "O3'"  . DG  D 4 6  ? -5.367  -3.384  -9.214  1.00 63.96  ? 7   DG  D "O3'"  1 
ATOM   1018 C  "C2'"  . DG  D 4 6  ? -5.948  -5.185  -7.664  1.00 58.84  ? 7   DG  D "C2'"  1 
ATOM   1019 C  "C1'"  . DG  D 4 6  ? -7.015  -4.557  -6.765  1.00 53.59  ? 7   DG  D "C1'"  1 
ATOM   1020 N  N9     . DG  D 4 6  ? -7.665  -5.534  -5.899  1.00 54.41  ? 7   DG  D N9     1 
ATOM   1021 C  C8     . DG  D 4 6  ? -8.452  -6.596  -6.282  1.00 57.28  ? 7   DG  D C8     1 
ATOM   1022 N  N7     . DG  D 4 6  ? -8.874  -7.316  -5.278  1.00 54.17  ? 7   DG  D N7     1 
ATOM   1023 C  C5     . DG  D 4 6  ? -8.319  -6.697  -4.163  1.00 49.46  ? 7   DG  D C5     1 
ATOM   1024 C  C6     . DG  D 4 6  ? -8.419  -7.026  -2.791  1.00 54.40  ? 7   DG  D C6     1 
ATOM   1025 O  O6     . DG  D 4 6  ? -9.046  -7.960  -2.271  1.00 50.44  ? 7   DG  D O6     1 
ATOM   1026 N  N1     . DG  D 4 6  ? -7.698  -6.132  -1.993  1.00 45.79  ? 7   DG  D N1     1 
ATOM   1027 C  C2     . DG  D 4 6  ? -6.973  -5.061  -2.471  1.00 47.28  ? 7   DG  D C2     1 
ATOM   1028 N  N2     . DG  D 4 6  ? -6.338  -4.313  -1.560  1.00 35.39  ? 7   DG  D N2     1 
ATOM   1029 N  N3     . DG  D 4 6  ? -6.873  -4.748  -3.751  1.00 44.88  ? 7   DG  D N3     1 
ATOM   1030 C  C4     . DG  D 4 6  ? -7.567  -5.605  -4.535  1.00 46.81  ? 7   DG  D C4     1 
ATOM   1031 H  "H5'"  . DG  D 4 6  ? -8.114  -6.103  -9.532  1.00 84.30  ? 7   DG  D "H5'"  1 
ATOM   1032 H  "H5''" . DG  D 4 6  ? -9.366  -5.312  -8.980  1.00 84.30  ? 7   DG  D "H5''" 1 
ATOM   1033 H  "H4'"  . DG  D 4 6  ? -7.797  -3.359  -9.488  1.00 83.37  ? 7   DG  D "H4'"  1 
ATOM   1034 H  "H3'"  . DG  D 4 6  ? -6.009  -5.182  -9.726  1.00 71.95  ? 7   DG  D "H3'"  1 
ATOM   1035 H  "H2'"  . DG  D 4 6  ? -6.075  -6.145  -7.721  1.00 70.88  ? 7   DG  D "H2'"  1 
ATOM   1036 H  "H2''" . DG  D 4 6  ? -5.061  -4.977  -7.334  1.00 70.88  ? 7   DG  D "H2''" 1 
ATOM   1037 H  "H1'"  . DG  D 4 6  ? -6.602  -3.872  -6.216  1.00 64.57  ? 7   DG  D "H1'"  1 
ATOM   1038 H  H8     . DG  D 4 6  ? -8.668  -6.778  -7.168  1.00 69.01  ? 7   DG  D H8     1 
ATOM   1039 H  H1     . DG  D 4 6  ? -7.707  -6.259  -1.143  1.00 55.22  ? 7   DG  D H1     1 
ATOM   1040 H  H21    . DG  D 4 6  ? -5.857  -3.645  -1.811  1.00 42.74  ? 7   DG  D H21    1 
ATOM   1041 H  H22    . DG  D 4 6  ? -6.410  -4.500  -0.723  1.00 42.74  ? 7   DG  D H22    1 
ATOM   1042 P  P      . DT  D 4 7  ? -3.775  -3.546  -9.372  1.00 72.45  ? 8   DT  D P      1 
ATOM   1043 O  OP1    . DT  D 4 7  ? -3.252  -2.286  -9.951  1.00 55.11  ? 8   DT  D OP1    1 
ATOM   1044 O  OP2    . DT  D 4 7  ? -3.522  -4.838  -10.048 1.00 70.31  ? 8   DT  D OP2    1 
ATOM   1045 O  "O5'"  . DT  D 4 7  ? -3.251  -3.668  -7.862  1.00 62.99  ? 8   DT  D "O5'"  1 
ATOM   1046 C  "C5'"  . DT  D 4 7  ? -3.415  -2.570  -6.977  1.00 51.11  ? 8   DT  D "C5'"  1 
ATOM   1047 C  "C4'"  . DT  D 4 7  ? -2.995  -2.916  -5.555  1.00 46.33  ? 8   DT  D "C4'"  1 
ATOM   1048 O  "O4'"  . DT  D 4 7  ? -3.817  -3.977  -5.028  1.00 58.27  ? 8   DT  D "O4'"  1 
ATOM   1049 C  "C3'"  . DT  D 4 7  ? -1.551  -3.405  -5.396  1.00 34.88  ? 8   DT  D "C3'"  1 
ATOM   1050 O  "O3'"  . DT  D 4 7  ? -0.784  -2.403  -4.730  1.00 32.10  ? 8   DT  D "O3'"  1 
ATOM   1051 C  "C2'"  . DT  D 4 7  ? -1.671  -4.706  -4.574  1.00 37.95  ? 8   DT  D "C2'"  1 
ATOM   1052 C  "C1'"  . DT  D 4 7  ? -3.079  -4.618  -4.020  1.00 46.66  ? 8   DT  D "C1'"  1 
ATOM   1053 N  N1     . DT  D 4 7  ? -3.744  -5.919  -3.703  1.00 47.44  ? 8   DT  D N1     1 
ATOM   1054 C  C2     . DT  D 4 7  ? -3.941  -6.273  -2.382  1.00 61.99  ? 8   DT  D C2     1 
ATOM   1055 O  O2     . DT  D 4 7  ? -3.559  -5.598  -1.440  1.00 62.56  ? 8   DT  D O2     1 
ATOM   1056 N  N3     . DT  D 4 7  ? -4.598  -7.460  -2.199  1.00 56.67  ? 8   DT  D N3     1 
ATOM   1057 C  C4     . DT  D 4 7  ? -5.077  -8.305  -3.177  1.00 51.48  ? 8   DT  D C4     1 
ATOM   1058 O  O4     . DT  D 4 7  ? -5.656  -9.353  -2.912  1.00 54.52  ? 8   DT  D O4     1 
ATOM   1059 C  C5     . DT  D 4 7  ? -4.857  -7.872  -4.530  1.00 38.01  ? 8   DT  D C5     1 
ATOM   1060 C  C7     . DT  D 4 7  ? -5.342  -8.722  -5.658  1.00 37.73  ? 8   DT  D C7     1 
ATOM   1061 C  C6     . DT  D 4 7  ? -4.215  -6.709  -4.732  1.00 33.59  ? 8   DT  D C6     1 
ATOM   1062 H  "H5'"  . DT  D 4 7  ? -4.348  -2.304  -6.973  1.00 61.60  ? 8   DT  D "H5'"  1 
ATOM   1063 H  "H5''" . DT  D 4 7  ? -2.878  -1.827  -7.293  1.00 61.60  ? 8   DT  D "H5''" 1 
ATOM   1064 H  "H4'"  . DT  D 4 7  ? -3.115  -2.129  -5.000  1.00 55.87  ? 8   DT  D "H4'"  1 
ATOM   1065 H  "H3'"  . DT  D 4 7  ? -1.167  -3.595  -6.266  1.00 42.13  ? 8   DT  D "H3'"  1 
ATOM   1066 H  "H2'"  . DT  D 4 7  ? -1.575  -5.484  -5.146  1.00 45.81  ? 8   DT  D "H2'"  1 
ATOM   1067 H  "H2''" . DT  D 4 7  ? -1.020  -4.721  -3.855  1.00 45.81  ? 8   DT  D "H2''" 1 
ATOM   1068 H  "H1'"  . DT  D 4 7  ? -3.075  -4.061  -3.226  1.00 56.26  ? 8   DT  D "H1'"  1 
ATOM   1069 H  H3     . DT  D 4 7  ? -4.726  -7.706  -1.386  1.00 68.28  ? 8   DT  D H3     1 
ATOM   1070 H  H71    . DT  D 4 7  ? -5.978  -8.220  -6.190  1.00 45.54  ? 8   DT  D H71    1 
ATOM   1071 H  H72    . DT  D 4 7  ? -4.591  -8.982  -6.213  1.00 45.54  ? 8   DT  D H72    1 
ATOM   1072 H  H73    . DT  D 4 7  ? -5.772  -9.516  -5.304  1.00 45.54  ? 8   DT  D H73    1 
ATOM   1073 H  H6     . DT  D 4 7  ? -4.071  -6.429  -5.608  1.00 40.58  ? 8   DT  D H6     1 
ATOM   1074 P  P      . DG  D 4 8  ? 0.815   -2.508  -4.628  1.00 62.51  ? 9   DG  D P      1 
ATOM   1075 O  OP1    . DG  D 4 8  ? 1.301   -1.195  -4.147  1.00 38.47  ? 9   DG  D OP1    1 
ATOM   1076 O  OP2    . DG  D 4 8  ? 1.315   -3.067  -5.908  1.00 28.12  ? 9   DG  D OP2    1 
ATOM   1077 O  "O5'"  . DG  D 4 8  ? 1.061   -3.561  -3.447  1.00 49.89  ? 9   DG  D "O5'"  1 
ATOM   1078 C  "C5'"  . DG  D 4 8  ? 1.789   -3.165  -2.274  1.00 54.32  ? 9   DG  D "C5'"  1 
ATOM   1079 C  "C4'"  . DG  D 4 8  ? 1.486   -4.089  -1.108  1.00 49.86  ? 9   DG  D "C4'"  1 
ATOM   1080 O  "O4'"  . DG  D 4 8  ? 0.408   -4.974  -1.479  1.00 56.35  ? 9   DG  D "O4'"  1 
ATOM   1081 C  "C3'"  . DG  D 4 8  ? 2.649   -4.983  -0.676  1.00 44.60  ? 9   DG  D "C3'"  1 
ATOM   1082 O  "O3'"  . DG  D 4 8  ? 2.986   -4.737  0.661   1.00 52.24  ? 9   DG  D "O3'"  1 
ATOM   1083 C  "C2'"  . DG  D 4 8  ? 2.148   -6.412  -0.873  1.00 51.13  ? 9   DG  D "C2'"  1 
ATOM   1084 C  "C1'"  . DG  D 4 8  ? 0.645   -6.258  -0.961  1.00 47.23  ? 9   DG  D "C1'"  1 
ATOM   1085 N  N9     . DG  D 4 8  ? 0.008   -7.224  -1.841  1.00 45.52  ? 9   DG  D N9     1 
ATOM   1086 C  C8     . DG  D 4 8  ? 0.112   -7.290  -3.207  1.00 51.25  ? 9   DG  D C8     1 
ATOM   1087 N  N7     . DG  D 4 8  ? -0.582  -8.259  -3.735  1.00 57.31  ? 9   DG  D N7     1 
ATOM   1088 C  C5     . DG  D 4 8  ? -1.189  -8.870  -2.645  1.00 52.25  ? 9   DG  D C5     1 
ATOM   1089 C  C6     . DG  D 4 8  ? -2.064  -9.979  -2.593  1.00 50.81  ? 9   DG  D C6     1 
ATOM   1090 O  O6     . DG  D 4 8  ? -2.489  -10.665 -3.532  1.00 55.29  ? 9   DG  D O6     1 
ATOM   1091 N  N1     . DG  D 4 8  ? -2.442  -10.274 -1.288  1.00 42.06  ? 9   DG  D N1     1 
ATOM   1092 C  C2     . DG  D 4 8  ? -2.032  -9.577  -0.176  1.00 43.87  ? 9   DG  D C2     1 
ATOM   1093 N  N2     . DG  D 4 8  ? -2.503  -10.001 1.002   1.00 43.44  ? 9   DG  D N2     1 
ATOM   1094 N  N3     . DG  D 4 8  ? -1.211  -8.541  -0.211  1.00 38.88  ? 9   DG  D N3     1 
ATOM   1095 C  C4     . DG  D 4 8  ? -0.832  -8.244  -1.473  1.00 45.45  ? 9   DG  D C4     1 
ATOM   1096 H  "H5'"  . DG  D 4 8  ? 1.540   -2.258  -2.035  1.00 65.45  ? 9   DG  D "H5'"  1 
ATOM   1097 H  "H5''" . DG  D 4 8  ? 2.740   -3.194  -2.464  1.00 65.45  ? 9   DG  D "H5''" 1 
ATOM   1098 H  "H4'"  . DG  D 4 8  ? 1.205   -3.554  -0.349  1.00 60.10  ? 9   DG  D "H4'"  1 
ATOM   1099 H  "H3'"  . DG  D 4 8  ? 3.418   -4.822  -1.245  1.00 53.79  ? 9   DG  D "H3'"  1 
ATOM   1100 H  "H2'"  . DG  D 4 8  ? 2.501   -6.785  -1.696  1.00 61.63  ? 9   DG  D "H2'"  1 
ATOM   1101 H  "H2''" . DG  D 4 8  ? 2.390   -6.965  -0.115  1.00 61.63  ? 9   DG  D "H2''" 1 
ATOM   1102 H  "H1'"  . DG  D 4 8  ? 0.260   -6.324  -0.072  1.00 56.95  ? 9   DG  D "H1'"  1 
ATOM   1103 H  H8     . DG  D 4 8  ? 0.629   -6.701  -3.708  1.00 61.77  ? 9   DG  D H8     1 
ATOM   1104 H  H1     . DG  D 4 8  ? -2.976  -10.937 -1.168  1.00 50.75  ? 9   DG  D H1     1 
ATOM   1105 H  H21    . DG  D 4 8  ? -2.270  -9.602  1.728   1.00 52.39  ? 9   DG  D H21    1 
ATOM   1106 H  H22    . DG  D 4 8  ? -3.038  -10.673 1.034   1.00 52.39  ? 9   DG  D H22    1 
ATOM   1107 P  P      . DG  D 4 9  ? 3.945   -3.507  1.024   1.00 78.18  ? 10  DG  D P      1 
ATOM   1108 O  OP1    . DG  D 4 9  ? 3.600   -3.082  2.398   1.00 80.13  ? 10  DG  D OP1    1 
ATOM   1109 O  OP2    . DG  D 4 9  ? 3.888   -2.554  -0.108  1.00 81.66  ? 10  DG  D OP2    1 
ATOM   1110 O  "O5'"  . DG  D 4 9  ? 5.406   -4.152  1.058   1.00 78.74  ? 10  DG  D "O5'"  1 
ATOM   1111 C  "C5'"  . DG  D 4 9  ? 5.967   -4.704  -0.118  1.00 55.66  ? 10  DG  D "C5'"  1 
ATOM   1112 C  "C4'"  . DG  D 4 9  ? 7.390   -4.218  -0.322  1.00 56.79  ? 10  DG  D "C4'"  1 
ATOM   1113 O  "O4'"  . DG  D 4 9  ? 7.546   -3.736  -1.681  1.00 68.50  ? 10  DG  D "O4'"  1 
ATOM   1114 C  "C3'"  . DG  D 4 9  ? 7.808   -3.046  0.548   1.00 69.15  ? 10  DG  D "C3'"  1 
ATOM   1115 O  "O3'"  . DG  D 4 9  ? 8.250   -3.479  1.824   1.00 56.69  ? 10  DG  D "O3'"  1 
ATOM   1116 C  "C2'"  . DG  D 4 9  ? 8.924   -2.415  -0.274  1.00 53.28  ? 10  DG  D "C2'"  1 
ATOM   1117 C  "C1'"  . DG  D 4 9  ? 8.459   -2.646  -1.708  1.00 49.12  ? 10  DG  D "C1'"  1 
ATOM   1118 N  N9     . DG  D 4 9  ? 7.791   -1.487  -2.290  1.00 36.96  ? 10  DG  D N9     1 
ATOM   1119 C  C8     . DG  D 4 9  ? 6.455   -1.357  -2.565  1.00 41.56  ? 10  DG  D C8     1 
ATOM   1120 N  N7     . DG  D 4 9  ? 6.140   -0.199  -3.077  1.00 47.82  ? 10  DG  D N7     1 
ATOM   1121 C  C5     . DG  D 4 9  ? 7.346   0.486   -3.137  1.00 47.29  ? 10  DG  D C5     1 
ATOM   1122 C  C6     . DG  D 4 9  ? 7.630   1.794   -3.600  1.00 46.59  ? 10  DG  D C6     1 
ATOM   1123 O  O6     . DG  D 4 9  ? 6.843   2.632   -4.065  1.00 49.61  ? 10  DG  D O6     1 
ATOM   1124 N  N1     . DG  D 4 9  ? 8.985   2.098   -3.484  1.00 52.74  ? 10  DG  D N1     1 
ATOM   1125 C  C2     . DG  D 4 9  ? 9.944   1.242   -2.982  1.00 63.10  ? 10  DG  D C2     1 
ATOM   1126 N  N2     . DG  D 4 9  ? 11.203  1.706   -2.947  1.00 66.33  ? 10  DG  D N2     1 
ATOM   1127 N  N3     . DG  D 4 9  ? 9.687   0.016   -2.544  1.00 53.85  ? 10  DG  D N3     1 
ATOM   1128 C  C4     . DG  D 4 9  ? 8.373   -0.293  -2.652  1.00 48.90  ? 10  DG  D C4     1 
ATOM   1129 H  "H5'"  . DG  D 4 9  ? 5.428   -4.442  -0.880  1.00 67.06  ? 10  DG  D "H5'"  1 
ATOM   1130 H  "H5''" . DG  D 4 9  ? 5.968   -5.671  -0.046  1.00 67.06  ? 10  DG  D "H5''" 1 
ATOM   1131 H  "H4'"  . DG  D 4 9  ? 8.002   -4.957  -0.175  1.00 68.42  ? 10  DG  D "H4'"  1 
ATOM   1132 H  "H3'"  . DG  D 4 9  ? 7.071   -2.423  0.641   1.00 83.25  ? 10  DG  D "H3'"  1 
ATOM   1133 H  "H2'"  . DG  D 4 9  ? 8.994   -1.466  -0.084  1.00 64.20  ? 10  DG  D "H2'"  1 
ATOM   1134 H  "H2''" . DG  D 4 9  ? 9.767   -2.865  -0.110  1.00 64.20  ? 10  DG  D "H2''" 1 
ATOM   1135 H  "H1'"  . DG  D 4 9  ? 9.224   -2.883  -2.257  1.00 59.21  ? 10  DG  D "H1'"  1 
ATOM   1136 H  H8     . DG  D 4 9  ? 5.835   -2.033  -2.410  1.00 50.14  ? 10  DG  D H8     1 
ATOM   1137 H  H1     . DG  D 4 9  ? 9.243   2.876   -3.745  1.00 63.55  ? 10  DG  D H1     1 
ATOM   1138 H  H21    . DG  D 4 9  ? 11.836  1.209   -2.643  1.00 79.87  ? 10  DG  D H21    1 
ATOM   1139 H  H22    . DG  D 4 9  ? 11.376  2.501   -3.227  1.00 79.87  ? 10  DG  D H22    1 
ATOM   1140 P  P      . DG  D 4 10 ? 8.039   -2.521  3.093   1.00 67.13  ? 11  DG  D P      1 
ATOM   1141 O  OP1    . DG  D 4 10 ? 8.716   -3.161  4.245   1.00 48.13  ? 11  DG  D OP1    1 
ATOM   1142 O  OP2    . DG  D 4 10 ? 6.593   -2.213  3.163   1.00 67.94  ? 11  DG  D OP2    1 
ATOM   1143 O  "O5'"  . DG  D 4 10 ? 8.800   -1.171  2.682   1.00 48.59  ? 11  DG  D "O5'"  1 
ATOM   1144 C  "C5'"  . DG  D 4 10 ? 10.218  -1.130  2.723   1.00 41.17  ? 11  DG  D "C5'"  1 
ATOM   1145 C  "C4'"  . DG  D 4 10 ? 10.773  0.074   1.980   1.00 51.42  ? 11  DG  D "C4'"  1 
ATOM   1146 O  "O4'"  . DG  D 4 10 ? 9.910   0.440   0.888   1.00 55.35  ? 11  DG  D "O4'"  1 
ATOM   1147 C  "C3'"  . DG  D 4 10 ? 10.865  1.360   2.775   1.00 74.39  ? 11  DG  D "C3'"  1 
ATOM   1148 O  "O3'"  . DG  D 4 10 ? 12.001  1.370   3.637   1.00 78.51  ? 11  DG  D "O3'"  1 
ATOM   1149 C  "C2'"  . DG  D 4 10 ? 10.955  2.416   1.671   1.00 65.29  ? 11  DG  D "C2'"  1 
ATOM   1150 C  "C1'"  . DG  D 4 10 ? 10.285  1.742   0.469   1.00 58.00  ? 11  DG  D "C1'"  1 
ATOM   1151 N  N9     . DG  D 4 10 ? 9.111   2.456   -0.021  1.00 54.48  ? 11  DG  D N9     1 
ATOM   1152 C  C8     . DG  D 4 10 ? 7.813   2.013   -0.035  1.00 53.72  ? 11  DG  D C8     1 
ATOM   1153 N  N7     . DG  D 4 10 ? 6.975   2.873   -0.544  1.00 44.63  ? 11  DG  D N7     1 
ATOM   1154 C  C5     . DG  D 4 10 ? 7.770   3.959   -0.889  1.00 54.84  ? 11  DG  D C5     1 
ATOM   1155 C  C6     . DG  D 4 10 ? 7.420   5.198   -1.482  1.00 60.24  ? 11  DG  D C6     1 
ATOM   1156 O  O6     . DG  D 4 10 ? 6.298   5.593   -1.832  1.00 57.23  ? 11  DG  D O6     1 
ATOM   1157 N  N1     . DG  D 4 10 ? 8.535   6.016   -1.663  1.00 65.14  ? 11  DG  D N1     1 
ATOM   1158 C  C2     . DG  D 4 10 ? 9.824   5.677   -1.312  1.00 73.07  ? 11  DG  D C2     1 
ATOM   1159 N  N2     . DG  D 4 10 ? 10.774  6.590   -1.560  1.00 78.51  ? 11  DG  D N2     1 
ATOM   1160 N  N3     . DG  D 4 10 ? 10.161  4.521   -0.754  1.00 56.56  ? 11  DG  D N3     1 
ATOM   1161 C  C4     . DG  D 4 10 ? 9.088   3.716   -0.574  1.00 55.41  ? 11  DG  D C4     1 
ATOM   1162 H  "H5'"  . DG  D 4 10 ? 10.569  -1.938  2.319   1.00 49.67  ? 11  DG  D "H5'"  1 
ATOM   1163 H  "H5''" . DG  D 4 10 ? 10.506  -1.089  3.648   1.00 49.67  ? 11  DG  D "H5''" 1 
ATOM   1164 H  "H4'"  . DG  D 4 10 ? 11.650  -0.146  1.630   1.00 61.97  ? 11  DG  D "H4'"  1 
ATOM   1165 H  "H3'"  . DG  D 4 10 ? 10.054  1.488   3.291   1.00 89.54  ? 11  DG  D "H3'"  1 
ATOM   1166 H  "H2'"  . DG  D 4 10 ? 10.473  3.218   1.926   1.00 78.61  ? 11  DG  D "H2'"  1 
ATOM   1167 H  "H2''" . DG  D 4 10 ? 11.883  2.623   1.472   1.00 78.61  ? 11  DG  D "H2''" 1 
ATOM   1168 H  "H1'"  . DG  D 4 10 ? 10.931  1.668   -0.251  1.00 69.87  ? 11  DG  D "H1'"  1 
ATOM   1169 H  H8     . DG  D 4 10 ? 7.555   1.178   0.287   1.00 64.73  ? 11  DG  D H8     1 
ATOM   1170 H  H1     . DG  D 4 10 ? 8.409   6.789   -2.019  1.00 78.43  ? 11  DG  D H1     1 
ATOM   1171 H  H21    . DG  D 4 10 ? 11.592  6.425   -1.355  1.00 94.48  ? 11  DG  D H21    1 
ATOM   1172 H  H22    . DG  D 4 10 ? 10.564  7.340   -1.923  1.00 94.48  ? 11  DG  D H22    1 
ATOM   1173 P  P      . DT  D 4 11 ? 12.087  2.447   4.832   1.00 100.94 ? 12  DT  D P      1 
ATOM   1174 O  OP1    . DT  D 4 11 ? 12.541  1.737   6.050   1.00 75.91  ? 12  DT  D OP1    1 
ATOM   1175 O  OP2    . DT  D 4 11 ? 10.818  3.212   4.842   1.00 63.38  ? 12  DT  D OP2    1 
ATOM   1176 O  "O5'"  . DT  D 4 11 ? 13.229  3.462   4.360   1.00 81.07  ? 12  DT  D "O5'"  1 
ATOM   1177 C  "C5'"  . DT  D 4 11 ? 13.222  4.806   4.829   1.00 76.80  ? 12  DT  D "C5'"  1 
ATOM   1178 C  "C4'"  . DT  D 4 11 ? 12.936  5.772   3.700   1.00 68.76  ? 12  DT  D "C4'"  1 
ATOM   1179 O  "O4'"  . DT  D 4 11 ? 11.674  5.456   3.094   1.00 66.06  ? 12  DT  D "O4'"  1 
ATOM   1180 C  "C3'"  . DT  D 4 11 ? 12.801  7.229   4.123   1.00 85.43  ? 12  DT  D "C3'"  1 
ATOM   1181 O  "O3'"  . DT  D 4 11 ? 14.046  7.904   4.005   1.00 101.65 ? 12  DT  D "O3'"  1 
ATOM   1182 C  "C2'"  . DT  D 4 11 ? 11.739  7.800   3.173   1.00 74.50  ? 12  DT  D "C2'"  1 
ATOM   1183 C  "C1'"  . DT  D 4 11 ? 11.255  6.591   2.379   1.00 73.23  ? 12  DT  D "C1'"  1 
ATOM   1184 N  N1     . DT  D 4 11 ? 9.790   6.542   2.206   1.00 65.68  ? 12  DT  D N1     1 
ATOM   1185 C  C2     . DT  D 4 11 ? 9.150   7.615   1.634   1.00 74.09  ? 12  DT  D C2     1 
ATOM   1186 O  O2     . DT  D 4 11 ? 9.730   8.621   1.265   1.00 82.00  ? 12  DT  D O2     1 
ATOM   1187 N  N3     . DT  D 4 11 ? 7.796   7.472   1.511   1.00 74.53  ? 12  DT  D N3     1 
ATOM   1188 C  C4     . DT  D 4 11 ? 7.035   6.384   1.894   1.00 67.21  ? 12  DT  D C4     1 
ATOM   1189 O  O4     . DT  D 4 11 ? 5.819   6.347   1.744   1.00 68.02  ? 12  DT  D O4     1 
ATOM   1190 C  C5     . DT  D 4 11 ? 7.773   5.293   2.485   1.00 63.58  ? 12  DT  D C5     1 
ATOM   1191 C  C7     . DT  D 4 11 ? 7.057   4.058   2.939   1.00 63.67  ? 12  DT  D C7     1 
ATOM   1192 C  C6     . DT  D 4 11 ? 9.098   5.423   2.610   1.00 64.75  ? 12  DT  D C6     1 
ATOM   1193 H  "H5'"  . DT  D 4 11 ? 14.088  5.014   5.215   1.00 92.43  ? 12  DT  D "H5'"  1 
ATOM   1194 H  "H5''" . DT  D 4 11 ? 12.539  4.901   5.512   1.00 92.43  ? 12  DT  D "H5''" 1 
ATOM   1195 H  "H4'"  . DT  D 4 11 ? 13.637  5.699   3.034   1.00 82.78  ? 12  DT  D "H4'"  1 
ATOM   1196 H  "H3'"  . DT  D 4 11 ? 12.484  7.278   5.038   1.00 102.79 ? 12  DT  D "H3'"  1 
ATOM   1197 H  "H2'"  . DT  D 4 11 ? 11.008  8.189   3.677   1.00 89.66  ? 12  DT  D "H2'"  1 
ATOM   1198 H  "H2''" . DT  D 4 11 ? 12.134  8.459   2.580   1.00 89.66  ? 12  DT  D "H2''" 1 
ATOM   1199 H  "H1'"  . DT  D 4 11 ? 11.679  6.591   1.507   1.00 88.14  ? 12  DT  D "H1'"  1 
ATOM   1200 H  H3     . DT  D 4 11 ? 7.370   8.131   1.159   1.00 89.70  ? 12  DT  D H3     1 
ATOM   1201 H  H71    . DT  D 4 11 ? 7.398   3.290   2.454   1.00 76.67  ? 12  DT  D H71    1 
ATOM   1202 H  H72    . DT  D 4 11 ? 7.203   3.932   3.889   1.00 76.67  ? 12  DT  D H72    1 
ATOM   1203 H  H73    . DT  D 4 11 ? 6.107   4.153   2.767   1.00 76.67  ? 12  DT  D H73    1 
ATOM   1204 H  H6     . DT  D 4 11 ? 9.578   4.721   2.989   1.00 77.97  ? 12  DT  D H6     1 
ATOM   1205 P  P      . DC  D 4 12 ? 14.767  8.509   5.307   1.00 121.22 ? 13  DC  D P      1 
ATOM   1206 O  OP1    . DC  D 4 12 ? 16.224  8.434   5.067   1.00 116.37 ? 13  DC  D OP1    1 
ATOM   1207 O  OP2    . DC  D 4 12 ? 14.192  7.866   6.511   1.00 104.58 ? 13  DC  D OP2    1 
ATOM   1208 O  "O5'"  . DC  D 4 12 ? 14.319  10.043  5.317   1.00 93.89  ? 13  DC  D "O5'"  1 
ATOM   1209 C  "C5'"  . DC  D 4 12 ? 12.947  10.380  5.403   1.00 83.47  ? 13  DC  D "C5'"  1 
ATOM   1210 C  "C4'"  . DC  D 4 12 ? 12.553  11.335  4.289   1.00 95.78  ? 13  DC  D "C4'"  1 
ATOM   1211 O  "O4'"  . DC  D 4 12 ? 11.505  10.735  3.503   1.00 94.39  ? 13  DC  D "O4'"  1 
ATOM   1212 C  "C3'"  . DC  D 4 12 ? 12.033  12.685  4.772   1.00 108.93 ? 13  DC  D "C3'"  1 
ATOM   1213 O  "O3'"  . DC  D 4 12 ? 12.970  13.704  4.465   1.00 119.29 ? 13  DC  D "O3'"  1 
ATOM   1214 C  "C2'"  . DC  D 4 12 ? 10.694  12.900  4.059   1.00 99.87  ? 13  DC  D "C2'"  1 
ATOM   1215 C  "C1'"  . DC  D 4 12 ? 10.492  11.667  3.194   1.00 95.42  ? 13  DC  D "C1'"  1 
ATOM   1216 N  N1     . DC  D 4 12 ? 9.189   10.985  3.403   1.00 93.32  ? 13  DC  D N1     1 
ATOM   1217 C  C2     . DC  D 4 12 ? 8.048   11.416  2.713   1.00 85.17  ? 13  DC  D C2     1 
ATOM   1218 O  O2     . DC  D 4 12 ? 8.131   12.390  1.953   1.00 80.72  ? 13  DC  D O2     1 
ATOM   1219 N  N3     . DC  D 4 12 ? 6.878   10.751  2.906   1.00 76.05  ? 13  DC  D N3     1 
ATOM   1220 C  C4     . DC  D 4 12 ? 6.836   9.704   3.735   1.00 84.74  ? 13  DC  D C4     1 
ATOM   1221 N  N4     . DC  D 4 12 ? 5.666   9.084   3.900   1.00 82.11  ? 13  DC  D N4     1 
ATOM   1222 C  C5     . DC  D 4 12 ? 7.992   9.252   4.436   1.00 78.53  ? 13  DC  D C5     1 
ATOM   1223 C  C6     . DC  D 4 12 ? 9.133   9.913   4.240   1.00 81.53  ? 13  DC  D C6     1 
ATOM   1224 H  "H5'"  . DC  D 4 12 ? 12.776  10.802  6.260   1.00 100.43 ? 13  DC  D "H5'"  1 
ATOM   1225 H  "H5''" . DC  D 4 12 ? 12.414  9.572   5.334   1.00 100.43 ? 13  DC  D "H5''" 1 
ATOM   1226 H  "H4'"  . DC  D 4 12 ? 13.324  11.483  3.720   1.00 115.21 ? 13  DC  D "H4'"  1 
ATOM   1227 H  "H3'"  . DC  D 4 12 ? 11.889  12.653  5.731   1.00 130.99 ? 13  DC  D "H3'"  1 
ATOM   1228 H  "H2'"  . DC  D 4 12 ? 9.977   12.975  4.709   1.00 120.12 ? 13  DC  D "H2'"  1 
ATOM   1229 H  "H2''" . DC  D 4 12 ? 10.732  13.696  3.507   1.00 120.12 ? 13  DC  D "H2''" 1 
ATOM   1230 H  "H1'"  . DC  D 4 12 ? 10.571  11.921  2.261   1.00 114.77 ? 13  DC  D "H1'"  1 
ATOM   1231 H  H41    . DC  D 4 12 ? 5.598   8.438   4.463   1.00 98.80  ? 13  DC  D H41    1 
ATOM   1232 H  H42    . DC  D 4 12 ? 4.980   9.332   3.444   1.00 98.80  ? 13  DC  D H42    1 
ATOM   1233 H  H5     . DC  D 4 12 ? 7.952   8.521   5.010   1.00 94.50  ? 13  DC  D H5     1 
ATOM   1234 H  H6     . DC  D 4 12 ? 9.903   9.637   4.682   1.00 98.10  ? 13  DC  D H6     1 
ATOM   1235 P  P      . DT  D 4 13 ? 13.146  14.962  5.448   1.00 139.62 ? 14  DT  D P      1 
ATOM   1236 O  OP1    . DT  D 4 13 ? 14.304  15.737  4.954   1.00 139.33 ? 14  DT  D OP1    1 
ATOM   1237 O  OP2    . DT  D 4 13 ? 13.126  14.474  6.844   1.00 122.89 ? 14  DT  D OP2    1 
ATOM   1238 O  "O5'"  . DT  D 4 13 ? 11.825  15.820  5.196   1.00 121.61 ? 14  DT  D "O5'"  1 
ATOM   1239 C  "C5'"  . DT  D 4 13 ? 11.583  16.365  3.913   1.00 116.30 ? 14  DT  D "C5'"  1 
ATOM   1240 C  "C4'"  . DT  D 4 13 ? 10.166  16.879  3.803   1.00 121.02 ? 14  DT  D "C4'"  1 
ATOM   1241 O  "O4'"  . DT  D 4 13 ? 9.239   15.764  3.759   1.00 115.62 ? 14  DT  D "O4'"  1 
ATOM   1242 C  "C3'"  . DT  D 4 13 ? 9.713   17.759  4.974   1.00 129.27 ? 14  DT  D "C3'"  1 
ATOM   1243 O  "O3'"  . DT  D 4 13 ? 9.353   19.051  4.507   1.00 136.02 ? 14  DT  D "O3'"  1 
ATOM   1244 C  "C2'"  . DT  D 4 13 ? 8.526   17.000  5.576   1.00 126.12 ? 14  DT  D "C2'"  1 
ATOM   1245 C  "C1'"  . DT  D 4 13 ? 8.058   16.154  4.409   1.00 114.15 ? 14  DT  D "C1'"  1 
ATOM   1246 N  N1     . DT  D 4 13 ? 7.283   14.938  4.791   1.00 105.24 ? 14  DT  D N1     1 
ATOM   1247 C  C2     . DT  D 4 13 ? 6.024   14.753  4.267   1.00 98.01  ? 14  DT  D C2     1 
ATOM   1248 O  O2     . DT  D 4 13 ? 5.493   15.544  3.504   1.00 90.48  ? 14  DT  D O2     1 
ATOM   1249 N  N3     . DT  D 4 13 ? 5.401   13.601  4.671   1.00 95.89  ? 14  DT  D N3     1 
ATOM   1250 C  C4     . DT  D 4 13 ? 5.904   12.637  5.525   1.00 89.75  ? 14  DT  D C4     1 
ATOM   1251 O  O4     . DT  D 4 13 ? 5.268   11.632  5.829   1.00 82.81  ? 14  DT  D O4     1 
ATOM   1252 C  C5     . DT  D 4 13 ? 7.227   12.894  6.035   1.00 89.65  ? 14  DT  D C5     1 
ATOM   1253 C  C7     . DT  D 4 13 ? 7.870   11.917  6.970   1.00 87.43  ? 14  DT  D C7     1 
ATOM   1254 C  C6     . DT  D 4 13 ? 7.846   14.019  5.651   1.00 93.29  ? 14  DT  D C6     1 
ATOM   1255 H  "H5'"  . DT  D 4 13 ? 11.727  15.679  3.243   1.00 139.83 ? 14  DT  D "H5'"  1 
ATOM   1256 H  "H5''" . DT  D 4 13 ? 12.201  17.097  3.757   1.00 139.83 ? 14  DT  D "H5''" 1 
ATOM   1257 H  "H4'"  . DT  D 4 13 ? 10.081  17.387  2.981   1.00 145.49 ? 14  DT  D "H4'"  1 
ATOM   1258 H  "H3'"  . DT  D 4 13 ? 10.426  17.830  5.628   1.00 155.39 ? 14  DT  D "H3'"  1 
ATOM   1259 H  "H2'"  . DT  D 4 13 ? 8.813   16.440  6.315   1.00 151.61 ? 14  DT  D "H2'"  1 
ATOM   1260 H  "H2''" . DT  D 4 13 ? 7.829   17.615  5.856   1.00 151.61 ? 14  DT  D "H2''" 1 
ATOM   1261 H  "H1'"  . DT  D 4 13 ? 7.527   16.700  3.809   1.00 137.25 ? 14  DT  D "H1'"  1 
ATOM   1262 H  H3     . DT  D 4 13 ? 4.613   13.461  4.356   1.00 115.34 ? 14  DT  D H3     1 
ATOM   1263 H  H71    . DT  D 4 13 ? 8.694   11.588  6.577   1.00 105.19 ? 14  DT  D H71    1 
ATOM   1264 H  H72    . DT  D 4 13 ? 8.068   12.357  7.812   1.00 105.19 ? 14  DT  D H72    1 
ATOM   1265 H  H73    . DT  D 4 13 ? 7.268   11.174  7.127   1.00 105.19 ? 14  DT  D H73    1 
ATOM   1266 H  H6     . DT  D 4 13 ? 8.701   14.185  5.977   1.00 112.22 ? 14  DT  D H6     1 
ATOM   1267 P  P      . DG  D 4 14 ? 8.849   20.179  5.533   1.00 139.84 ? 15  DG  D P      1 
ATOM   1268 O  OP1    . DG  D 4 14 ? 9.160   21.495  4.933   1.00 148.29 ? 15  DG  D OP1    1 
ATOM   1269 O  OP2    . DG  D 4 14 ? 9.365   19.837  6.877   1.00 120.09 ? 15  DG  D OP2    1 
ATOM   1270 O  "O5'"  . DG  D 4 14 ? 7.261   20.010  5.533   1.00 133.92 ? 15  DG  D "O5'"  1 
ATOM   1271 C  "C5'"  . DG  D 4 14 ? 6.524   20.198  4.329   1.00 130.94 ? 15  DG  D "C5'"  1 
ATOM   1272 C  "C4'"  . DG  D 4 14 ? 5.055   19.900  4.553   1.00 131.19 ? 15  DG  D "C4'"  1 
ATOM   1273 O  "O4'"  . DG  D 4 14 ? 4.909   18.502  4.953   1.00 133.48 ? 15  DG  D "O4'"  1 
ATOM   1274 C  "C3'"  . DG  D 4 14 ? 4.403   20.728  5.668   1.00 125.10 ? 15  DG  D "C3'"  1 
ATOM   1275 O  "O3'"  . DG  D 4 14 ? 3.064   21.115  5.331   1.00 133.92 ? 15  DG  D "O3'"  1 
ATOM   1276 C  "C2'"  . DG  D 4 14 ? 4.445   19.777  6.849   1.00 109.74 ? 15  DG  D "C2'"  1 
ATOM   1277 C  "C1'"  . DG  D 4 14 ? 4.210   18.439  6.176   1.00 110.52 ? 15  DG  D "C1'"  1 
ATOM   1278 N  N9     . DG  D 4 14 ? 4.681   17.305  6.969   1.00 105.20 ? 15  DG  D N9     1 
ATOM   1279 C  C8     . DG  D 4 14 ? 5.858   17.219  7.673   1.00 101.24 ? 15  DG  D C8     1 
ATOM   1280 N  N7     . DG  D 4 14 ? 5.998   16.093  8.317   1.00 95.28  ? 15  DG  D N7     1 
ATOM   1281 C  C5     . DG  D 4 14 ? 4.832   15.392  8.032   1.00 98.28  ? 15  DG  D C5     1 
ATOM   1282 C  C6     . DG  D 4 14 ? 4.415   14.106  8.451   1.00 89.95  ? 15  DG  D C6     1 
ATOM   1283 O  O6     . DG  D 4 14 ? 5.017   13.307  9.183   1.00 93.90  ? 15  DG  D O6     1 
ATOM   1284 N  N1     . DG  D 4 14 ? 3.163   13.775  7.931   1.00 88.34  ? 15  DG  D N1     1 
ATOM   1285 C  C2     . DG  D 4 14 ? 2.412   14.589  7.110   1.00 95.44  ? 15  DG  D C2     1 
ATOM   1286 N  N2     . DG  D 4 14 ? 1.228   14.102  6.705   1.00 84.59  ? 15  DG  D N2     1 
ATOM   1287 N  N3     . DG  D 4 14 ? 2.794   15.793  6.712   1.00 99.44  ? 15  DG  D N3     1 
ATOM   1288 C  C4     . DG  D 4 14 ? 4.010   16.129  7.207   1.00 103.90 ? 15  DG  D C4     1 
ATOM   1289 H  "H5'"  . DG  D 4 14 ? 6.870   19.602  3.646   1.00 157.40 ? 15  DG  D "H5'"  1 
ATOM   1290 H  "H5''" . DG  D 4 14 ? 6.623   21.116  4.033   1.00 157.40 ? 15  DG  D "H5''" 1 
ATOM   1291 H  "H4'"  . DG  D 4 14 ? 4.571   20.046  3.725   1.00 157.70 ? 15  DG  D "H4'"  1 
ATOM   1292 H  "H3'"  . DG  D 4 14 ? 4.941   21.513  5.855   1.00 150.39 ? 15  DG  D "H3'"  1 
ATOM   1293 H  "H2'"  . DG  D 4 14 ? 5.313   19.800  7.280   1.00 131.96 ? 15  DG  D "H2'"  1 
ATOM   1294 H  "H2''" . DG  D 4 14 ? 3.735   19.978  7.479   1.00 131.96 ? 15  DG  D "H2''" 1 
ATOM   1295 H  "H1'"  . DG  D 4 14 ? 3.262   18.332  5.998   1.00 132.90 ? 15  DG  D "H1'"  1 
ATOM   1296 H  H8     . DG  D 4 14 ? 6.497   17.895  7.683   1.00 121.76 ? 15  DG  D H8     1 
ATOM   1297 H  H1     . DG  D 4 14 ? 2.835   13.007  8.139   1.00 106.28 ? 15  DG  D H1     1 
ATOM   1298 H  H21    . DG  D 4 14 ? 0.726   14.569  6.185   1.00 101.78 ? 15  DG  D H21    1 
ATOM   1299 H  H22    . DG  D 4 14 ? 0.971   13.323  6.964   1.00 101.78 ? 15  DG  D H22    1 
ATOM   1300 P  P      . DC  D 4 15 ? 2.253   22.131  6.283   1.00 139.96 ? 16  DC  D P      1 
ATOM   1301 O  OP1    . DC  D 4 15 ? 2.869   23.467  6.142   1.00 129.03 ? 16  DC  D OP1    1 
ATOM   1302 O  OP2    . DC  D 4 15 ? 2.135   21.517  7.624   1.00 116.64 ? 16  DC  D OP2    1 
ATOM   1303 O  "O5'"  . DC  D 4 15 ? 0.781   22.172  5.656   1.00 122.75 ? 16  DC  D "O5'"  1 
ATOM   1304 C  "C5'"  . DC  D 4 15 ? -0.358  21.966  6.493   1.00 112.48 ? 16  DC  D "C5'"  1 
ATOM   1305 C  "C4'"  . DC  D 4 15 ? -0.807  20.516  6.449   1.00 106.33 ? 16  DC  D "C4'"  1 
ATOM   1306 O  "O4'"  . DC  D 4 15 ? 0.242   19.669  6.954   1.00 105.71 ? 16  DC  D "O4'"  1 
ATOM   1307 C  "C3'"  . DC  D 4 15 ? -2.028  20.190  7.306   1.00 103.87 ? 16  DC  D "C3'"  1 
ATOM   1308 O  "O3'"  . DC  D 4 15 ? -3.207  20.176  6.509   1.00 111.04 ? 16  DC  D "O3'"  1 
ATOM   1309 C  "C2'"  . DC  D 4 15 ? -1.719  18.810  7.913   1.00 87.43  ? 16  DC  D "C2'"  1 
ATOM   1310 C  "C1'"  . DC  D 4 15 ? -0.335  18.459  7.372   1.00 98.48  ? 16  DC  D "C1'"  1 
ATOM   1311 N  N1     . DC  D 4 15 ? 0.564   17.817  8.372   1.00 106.19 ? 16  DC  D N1     1 
ATOM   1312 C  C2     . DC  D 4 15 ? 0.170   16.626  8.994   1.00 96.30  ? 16  DC  D C2     1 
ATOM   1313 O  O2     . DC  D 4 15 ? -0.927  16.129  8.709   1.00 93.68  ? 16  DC  D O2     1 
ATOM   1314 N  N3     . DC  D 4 15 ? 1.002   16.052  9.898   1.00 89.85  ? 16  DC  D N3     1 
ATOM   1315 C  C4     . DC  D 4 15 ? 2.178   16.619  10.179  1.00 93.09  ? 16  DC  D C4     1 
ATOM   1316 N  N4     . DC  D 4 15 ? 2.965   16.014  11.075  1.00 89.20  ? 16  DC  D N4     1 
ATOM   1317 C  C5     . DC  D 4 15 ? 2.596   17.831  9.553   1.00 96.99  ? 16  DC  D C5     1 
ATOM   1318 C  C6     . DC  D 4 15 ? 1.769   18.386  8.663   1.00 105.47 ? 16  DC  D C6     1 
ATOM   1319 H  "H5'"  . DC  D 4 15 ? -1.084  22.533  6.190   1.00 135.25 ? 16  DC  D "H5'"  1 
ATOM   1320 H  "H5''" . DC  D 4 15 ? -0.130  22.201  7.406   1.00 135.25 ? 16  DC  D "H5''" 1 
ATOM   1321 H  "H4'"  . DC  D 4 15 ? -0.993  20.272  5.529   1.00 127.86 ? 16  DC  D "H4'"  1 
ATOM   1322 H  "H3'"  . DC  D 4 15 ? -2.117  20.847  8.014   1.00 124.91 ? 16  DC  D "H3'"  1 
ATOM   1323 H  "HO3'" . DC  D 4 15 ? -3.833  20.711  6.677   1.00 133.52 ? 16  DC  D "HO3'" 1 
ATOM   1324 H  "H2'"  . DC  D 4 15 ? -1.701  18.862  8.882   1.00 105.19 ? 16  DC  D "H2'"  1 
ATOM   1325 H  "H2''" . DC  D 4 15 ? -2.373  18.157  7.620   1.00 105.19 ? 16  DC  D "H2''" 1 
ATOM   1326 H  "H1'"  . DC  D 4 15 ? -0.432  17.871  6.606   1.00 118.45 ? 16  DC  D "H1'"  1 
ATOM   1327 H  H41    . DC  D 4 15 ? 3.728   16.356  11.277  1.00 107.31 ? 16  DC  D H41    1 
ATOM   1328 H  H42    . DC  D 4 15 ? 2.708   15.284  11.449  1.00 107.31 ? 16  DC  D H42    1 
ATOM   1329 H  H5     . DC  D 4 15 ? 3.417   18.218  9.755   1.00 116.66 ? 16  DC  D H5     1 
ATOM   1330 H  H6     . DC  D 4 15 ? 2.015   19.177  8.239   1.00 126.83 ? 16  DC  D H6     1 
HETATM 1331 AS AS     . CAC E 5 .  ? -0.665  -10.406 -7.797  1.00 160.32 ? 101 CAC C AS     1 
HETATM 1332 AS AS     . CAC F 5 .  ? 3.495   1.839   -0.950  1.00 130.84 ? 101 CAC D AS     1 
# 
loop_
_pdbx_poly_seq_scheme.asym_id 
_pdbx_poly_seq_scheme.entity_id 
_pdbx_poly_seq_scheme.seq_id 
_pdbx_poly_seq_scheme.mon_id 
_pdbx_poly_seq_scheme.ndb_seq_num 
_pdbx_poly_seq_scheme.pdb_seq_num 
_pdbx_poly_seq_scheme.auth_seq_num 
_pdbx_poly_seq_scheme.pdb_mon_id 
_pdbx_poly_seq_scheme.auth_mon_id 
_pdbx_poly_seq_scheme.pdb_strand_id 
_pdbx_poly_seq_scheme.pdb_ins_code 
_pdbx_poly_seq_scheme.hetero 
A 1 1  DG 1  1  1  DG DG A . n 
A 1 2  DA 2  2  2  DA DA A . n 
A 1 3  DG 3  3  3  DG DG A . n 
A 1 4  DC 4  4  4  DC DC A . n 
A 1 5  DA 5  5  5  DA DA A . n 
A 1 6  DG 6  6  6  DG DG A . n 
A 1 7  DA 7  7  7  DA DA A . n 
A 1 8  DC 8  8  8  DC DC A . n 
A 1 9  DC 9  9  9  DC DC A . n 
A 1 10 DT 10 10 10 DT DT A . n 
A 1 11 DG 11 11 11 DG DG A . n 
A 1 12 DA 12 12 12 DA DA A . n 
B 2 1  DC 1  12 12 DC DC B . n 
B 2 2  DG 2  13 13 DG DG B . n 
B 2 3  DA 3  14 14 DA DA B . n 
B 2 4  DC 4  15 15 DC DC B . n 
B 2 5  DA 5  16 16 DA DA B . n 
B 2 6  DC 6  17 17 DC DC B . n 
B 2 7  DT 7  18 18 DT DT B . n 
B 2 8  DC 8  19 19 DC DC B . n 
B 2 9  DA 9  20 20 DA DA B . n 
C 3 1  DT 1  0  0  DT DT C . n 
C 3 2  DC 2  1  1  DC DC C . n 
C 3 3  DA 3  2  2  DA DA C . n 
C 3 4  DT 4  3  3  DT DT C . n 
C 3 5  DC 5  4  4  DC DC C . n 
C 3 6  DG 6  5  5  DG DG C . n 
D 4 1  DT 1  2  2  DT DT D . n 
D 4 2  DC 2  3  3  DC DC D . n 
D 4 3  DT 3  4  4  DT DT D . n 
D 4 4  DG 4  5  5  DG DG D . n 
D 4 5  DA 5  6  6  DA DA D . n 
D 4 6  DG 6  7  7  DG DG D . n 
D 4 7  DT 7  8  8  DT DT D . n 
D 4 8  DG 8  9  9  DG DG D . n 
D 4 9  DG 9  10 10 DG DG D . n 
D 4 10 DG 10 11 11 DG DG D . n 
D 4 11 DT 11 12 12 DT DT D . n 
D 4 12 DC 12 13 13 DC DC D . n 
D 4 13 DT 13 14 14 DT DT D . n 
D 4 14 DG 14 15 15 DG DG D . n 
D 4 15 DC 15 16 16 DC DC D . n 
# 
loop_
_pdbx_nonpoly_scheme.asym_id 
_pdbx_nonpoly_scheme.entity_id 
_pdbx_nonpoly_scheme.mon_id 
_pdbx_nonpoly_scheme.ndb_seq_num 
_pdbx_nonpoly_scheme.pdb_seq_num 
_pdbx_nonpoly_scheme.auth_seq_num 
_pdbx_nonpoly_scheme.pdb_mon_id 
_pdbx_nonpoly_scheme.auth_mon_id 
_pdbx_nonpoly_scheme.pdb_strand_id 
_pdbx_nonpoly_scheme.pdb_ins_code 
E 5 CAC 1 101 1 CAC AS C . 
F 5 CAC 1 101 2 CAC AS D . 
# 
_pdbx_struct_assembly.id                   1 
_pdbx_struct_assembly.details              author_defined_assembly 
_pdbx_struct_assembly.method_details       ? 
_pdbx_struct_assembly.oligomeric_details   tetrameric 
_pdbx_struct_assembly.oligomeric_count     4 
# 
_pdbx_struct_assembly_gen.assembly_id       1 
_pdbx_struct_assembly_gen.oper_expression   1 
_pdbx_struct_assembly_gen.asym_id_list      A,B,C,D,E,F 
# 
_pdbx_struct_oper_list.id                   1 
_pdbx_struct_oper_list.type                 'identity operation' 
_pdbx_struct_oper_list.name                 1_555 
_pdbx_struct_oper_list.symmetry_operation   x,y,z 
_pdbx_struct_oper_list.matrix[1][1]         1.0000000000 
_pdbx_struct_oper_list.matrix[1][2]         0.0000000000 
_pdbx_struct_oper_list.matrix[1][3]         0.0000000000 
_pdbx_struct_oper_list.vector[1]            0.0000000000 
_pdbx_struct_oper_list.matrix[2][1]         0.0000000000 
_pdbx_struct_oper_list.matrix[2][2]         1.0000000000 
_pdbx_struct_oper_list.matrix[2][3]         0.0000000000 
_pdbx_struct_oper_list.vector[2]            0.0000000000 
_pdbx_struct_oper_list.matrix[3][1]         0.0000000000 
_pdbx_struct_oper_list.matrix[3][2]         0.0000000000 
_pdbx_struct_oper_list.matrix[3][3]         1.0000000000 
_pdbx_struct_oper_list.vector[3]            0.0000000000 
# 
loop_
_pdbx_audit_revision_history.ordinal 
_pdbx_audit_revision_history.data_content_type 
_pdbx_audit_revision_history.major_revision 
_pdbx_audit_revision_history.minor_revision 
_pdbx_audit_revision_history.revision_date 
1 'Structure model' 1 0 2021-07-14 
2 'Structure model' 1 1 2022-07-06 
3 'Structure model' 1 2 2023-10-18 
# 
_pdbx_audit_revision_details.ordinal             1 
_pdbx_audit_revision_details.revision_ordinal    1 
_pdbx_audit_revision_details.data_content_type   'Structure model' 
_pdbx_audit_revision_details.provider            repository 
_pdbx_audit_revision_details.type                'Initial release' 
_pdbx_audit_revision_details.description         ? 
_pdbx_audit_revision_details.details             ? 
# 
loop_
_pdbx_audit_revision_group.ordinal 
_pdbx_audit_revision_group.revision_ordinal 
_pdbx_audit_revision_group.data_content_type 
_pdbx_audit_revision_group.group 
1 2 'Structure model' 'Database references'    
2 3 'Structure model' 'Data collection'        
3 3 'Structure model' 'Refinement description' 
# 
loop_
_pdbx_audit_revision_category.ordinal 
_pdbx_audit_revision_category.revision_ordinal 
_pdbx_audit_revision_category.data_content_type 
_pdbx_audit_revision_category.category 
1 2 'Structure model' citation                      
2 2 'Structure model' citation_author               
3 2 'Structure model' database_2                    
4 3 'Structure model' chem_comp_atom                
5 3 'Structure model' chem_comp_bond                
6 3 'Structure model' pdbx_initial_refinement_model 
# 
loop_
_pdbx_audit_revision_item.ordinal 
_pdbx_audit_revision_item.revision_ordinal 
_pdbx_audit_revision_item.data_content_type 
_pdbx_audit_revision_item.item 
1  2 'Structure model' '_citation.country'                   
2  2 'Structure model' '_citation.journal_abbrev'            
3  2 'Structure model' '_citation.journal_id_CSD'            
4  2 'Structure model' '_citation.journal_id_ISSN'           
5  2 'Structure model' '_citation.journal_volume'            
6  2 'Structure model' '_citation.page_first'                
7  2 'Structure model' '_citation.page_last'                 
8  2 'Structure model' '_citation.pdbx_database_id_DOI'      
9  2 'Structure model' '_citation.pdbx_database_id_PubMed'   
10 2 'Structure model' '_citation.title'                     
11 2 'Structure model' '_citation.year'                      
12 2 'Structure model' '_database_2.pdbx_DOI'                
13 2 'Structure model' '_database_2.pdbx_database_accession' 
# 
loop_
_software.citation_id 
_software.classification 
_software.compiler_name 
_software.compiler_version 
_software.contact_author 
_software.contact_author_email 
_software.date 
_software.description 
_software.dependencies 
_software.hardware 
_software.language 
_software.location 
_software.mods 
_software.name 
_software.os 
_software.os_version 
_software.type 
_software.version 
_software.pdbx_ordinal 
? 'data reduction'  ? ? ? ? ? ? ? ? ? ? ? HKL-2000    ? ? ? .           1 
? 'data scaling'    ? ? ? ? ? ? ? ? ? ? ? HKL-2000    ? ? ? .           2 
? refinement        ? ? ? ? ? ? ? ? ? ? ? PHENIX      ? ? ? 1.11.1_2575 3 
? 'data extraction' ? ? ? ? ? ? ? ? ? ? ? PDB_EXTRACT ? ? ? 3.25        4 
? phasing           ? ? ? ? ? ? ? ? ? ? ? PHASER      ? ? ? .           5 
# 
_pdbx_entry_details.entry_id                 7JHA 
_pdbx_entry_details.has_ligand_of_interest   N 
_pdbx_entry_details.compound_details         ? 
_pdbx_entry_details.source_details           ? 
_pdbx_entry_details.nonpolymer_details       ? 
_pdbx_entry_details.sequence_details         ? 
# 
_pdbx_validate_symm_contact.id                1 
_pdbx_validate_symm_contact.PDB_model_num     1 
_pdbx_validate_symm_contact.auth_atom_id_1    "O3'" 
_pdbx_validate_symm_contact.auth_asym_id_1    A 
_pdbx_validate_symm_contact.auth_comp_id_1    DA 
_pdbx_validate_symm_contact.auth_seq_id_1     12 
_pdbx_validate_symm_contact.PDB_ins_code_1    ? 
_pdbx_validate_symm_contact.label_alt_id_1    ? 
_pdbx_validate_symm_contact.site_symmetry_1   1_555 
_pdbx_validate_symm_contact.auth_atom_id_2    OP2 
_pdbx_validate_symm_contact.auth_asym_id_2    B 
_pdbx_validate_symm_contact.auth_comp_id_2    DC 
_pdbx_validate_symm_contact.auth_seq_id_2     12 
_pdbx_validate_symm_contact.PDB_ins_code_2    ? 
_pdbx_validate_symm_contact.label_alt_id_2    ? 
_pdbx_validate_symm_contact.site_symmetry_2   2_754 
_pdbx_validate_symm_contact.dist              1.98 
# 
loop_
_pdbx_validate_rmsd_angle.id 
_pdbx_validate_rmsd_angle.PDB_model_num 
_pdbx_validate_rmsd_angle.auth_atom_id_1 
_pdbx_validate_rmsd_angle.auth_asym_id_1 
_pdbx_validate_rmsd_angle.auth_comp_id_1 
_pdbx_validate_rmsd_angle.auth_seq_id_1 
_pdbx_validate_rmsd_angle.PDB_ins_code_1 
_pdbx_validate_rmsd_angle.label_alt_id_1 
_pdbx_validate_rmsd_angle.auth_atom_id_2 
_pdbx_validate_rmsd_angle.auth_asym_id_2 
_pdbx_validate_rmsd_angle.auth_comp_id_2 
_pdbx_validate_rmsd_angle.auth_seq_id_2 
_pdbx_validate_rmsd_angle.PDB_ins_code_2 
_pdbx_validate_rmsd_angle.label_alt_id_2 
_pdbx_validate_rmsd_angle.auth_atom_id_3 
_pdbx_validate_rmsd_angle.auth_asym_id_3 
_pdbx_validate_rmsd_angle.auth_comp_id_3 
_pdbx_validate_rmsd_angle.auth_seq_id_3 
_pdbx_validate_rmsd_angle.PDB_ins_code_3 
_pdbx_validate_rmsd_angle.label_alt_id_3 
_pdbx_validate_rmsd_angle.angle_value 
_pdbx_validate_rmsd_angle.angle_target_value 
_pdbx_validate_rmsd_angle.angle_deviation 
_pdbx_validate_rmsd_angle.angle_standard_deviation 
_pdbx_validate_rmsd_angle.linker_flag 
1 1 "O4'" A DC 8  ? ? "C1'" A DC 8  ? ? N1 A DC 8  ? ? 110.15 108.30 1.85 0.30 N 
2 1 "O4'" B DC 15 ? ? "C1'" B DC 15 ? ? N1 B DC 15 ? ? 110.59 108.30 2.29 0.30 N 
3 1 "O4'" C DT 0  ? ? "C1'" C DT 0  ? ? N1 C DT 0  ? ? 110.46 108.30 2.16 0.30 N 
4 1 "O4'" D DG 15 ? ? "C1'" D DG 15 ? ? N9 D DG 15 ? ? 110.20 108.30 1.90 0.30 N 
# 
loop_
_pdbx_unobs_or_zero_occ_atoms.id 
_pdbx_unobs_or_zero_occ_atoms.PDB_model_num 
_pdbx_unobs_or_zero_occ_atoms.polymer_flag 
_pdbx_unobs_or_zero_occ_atoms.occupancy_flag 
_pdbx_unobs_or_zero_occ_atoms.auth_asym_id 
_pdbx_unobs_or_zero_occ_atoms.auth_comp_id 
_pdbx_unobs_or_zero_occ_atoms.auth_seq_id 
_pdbx_unobs_or_zero_occ_atoms.PDB_ins_code 
_pdbx_unobs_or_zero_occ_atoms.auth_atom_id 
_pdbx_unobs_or_zero_occ_atoms.label_alt_id 
_pdbx_unobs_or_zero_occ_atoms.label_asym_id 
_pdbx_unobs_or_zero_occ_atoms.label_comp_id 
_pdbx_unobs_or_zero_occ_atoms.label_seq_id 
_pdbx_unobs_or_zero_occ_atoms.label_atom_id 
1 1 N 1 C CAC 101 ? O1 ? E CAC 1 O1 
2 1 N 1 C CAC 101 ? O2 ? E CAC 1 O2 
3 1 N 1 C CAC 101 ? C1 ? E CAC 1 C1 
4 1 N 1 C CAC 101 ? C2 ? E CAC 1 C2 
5 1 N 1 D CAC 101 ? O1 ? F CAC 1 O1 
6 1 N 1 D CAC 101 ? O2 ? F CAC 1 O2 
7 1 N 1 D CAC 101 ? C1 ? F CAC 1 C1 
8 1 N 1 D CAC 101 ? C2 ? F CAC 1 C2 
# 
loop_
_chem_comp_atom.comp_id 
_chem_comp_atom.atom_id 
_chem_comp_atom.type_symbol 
_chem_comp_atom.pdbx_aromatic_flag 
_chem_comp_atom.pdbx_stereo_config 
_chem_comp_atom.pdbx_ordinal 
CAC AS     AS N N 1   
CAC O1     O  N N 2   
CAC O2     O  N N 3   
CAC C1     C  N N 4   
CAC C2     C  N N 5   
CAC H11    H  N N 6   
CAC H12    H  N N 7   
CAC H13    H  N N 8   
CAC H21    H  N N 9   
CAC H22    H  N N 10  
CAC H23    H  N N 11  
DA  OP3    O  N N 12  
DA  P      P  N N 13  
DA  OP1    O  N N 14  
DA  OP2    O  N N 15  
DA  "O5'"  O  N N 16  
DA  "C5'"  C  N N 17  
DA  "C4'"  C  N R 18  
DA  "O4'"  O  N N 19  
DA  "C3'"  C  N S 20  
DA  "O3'"  O  N N 21  
DA  "C2'"  C  N N 22  
DA  "C1'"  C  N R 23  
DA  N9     N  Y N 24  
DA  C8     C  Y N 25  
DA  N7     N  Y N 26  
DA  C5     C  Y N 27  
DA  C6     C  Y N 28  
DA  N6     N  N N 29  
DA  N1     N  Y N 30  
DA  C2     C  Y N 31  
DA  N3     N  Y N 32  
DA  C4     C  Y N 33  
DA  HOP3   H  N N 34  
DA  HOP2   H  N N 35  
DA  "H5'"  H  N N 36  
DA  "H5''" H  N N 37  
DA  "H4'"  H  N N 38  
DA  "H3'"  H  N N 39  
DA  "HO3'" H  N N 40  
DA  "H2'"  H  N N 41  
DA  "H2''" H  N N 42  
DA  "H1'"  H  N N 43  
DA  H8     H  N N 44  
DA  H61    H  N N 45  
DA  H62    H  N N 46  
DA  H2     H  N N 47  
DC  OP3    O  N N 48  
DC  P      P  N N 49  
DC  OP1    O  N N 50  
DC  OP2    O  N N 51  
DC  "O5'"  O  N N 52  
DC  "C5'"  C  N N 53  
DC  "C4'"  C  N R 54  
DC  "O4'"  O  N N 55  
DC  "C3'"  C  N S 56  
DC  "O3'"  O  N N 57  
DC  "C2'"  C  N N 58  
DC  "C1'"  C  N R 59  
DC  N1     N  N N 60  
DC  C2     C  N N 61  
DC  O2     O  N N 62  
DC  N3     N  N N 63  
DC  C4     C  N N 64  
DC  N4     N  N N 65  
DC  C5     C  N N 66  
DC  C6     C  N N 67  
DC  HOP3   H  N N 68  
DC  HOP2   H  N N 69  
DC  "H5'"  H  N N 70  
DC  "H5''" H  N N 71  
DC  "H4'"  H  N N 72  
DC  "H3'"  H  N N 73  
DC  "HO3'" H  N N 74  
DC  "H2'"  H  N N 75  
DC  "H2''" H  N N 76  
DC  "H1'"  H  N N 77  
DC  H41    H  N N 78  
DC  H42    H  N N 79  
DC  H5     H  N N 80  
DC  H6     H  N N 81  
DG  OP3    O  N N 82  
DG  P      P  N N 83  
DG  OP1    O  N N 84  
DG  OP2    O  N N 85  
DG  "O5'"  O  N N 86  
DG  "C5'"  C  N N 87  
DG  "C4'"  C  N R 88  
DG  "O4'"  O  N N 89  
DG  "C3'"  C  N S 90  
DG  "O3'"  O  N N 91  
DG  "C2'"  C  N N 92  
DG  "C1'"  C  N R 93  
DG  N9     N  Y N 94  
DG  C8     C  Y N 95  
DG  N7     N  Y N 96  
DG  C5     C  Y N 97  
DG  C6     C  N N 98  
DG  O6     O  N N 99  
DG  N1     N  N N 100 
DG  C2     C  N N 101 
DG  N2     N  N N 102 
DG  N3     N  N N 103 
DG  C4     C  Y N 104 
DG  HOP3   H  N N 105 
DG  HOP2   H  N N 106 
DG  "H5'"  H  N N 107 
DG  "H5''" H  N N 108 
DG  "H4'"  H  N N 109 
DG  "H3'"  H  N N 110 
DG  "HO3'" H  N N 111 
DG  "H2'"  H  N N 112 
DG  "H2''" H  N N 113 
DG  "H1'"  H  N N 114 
DG  H8     H  N N 115 
DG  H1     H  N N 116 
DG  H21    H  N N 117 
DG  H22    H  N N 118 
DT  OP3    O  N N 119 
DT  P      P  N N 120 
DT  OP1    O  N N 121 
DT  OP2    O  N N 122 
DT  "O5'"  O  N N 123 
DT  "C5'"  C  N N 124 
DT  "C4'"  C  N R 125 
DT  "O4'"  O  N N 126 
DT  "C3'"  C  N S 127 
DT  "O3'"  O  N N 128 
DT  "C2'"  C  N N 129 
DT  "C1'"  C  N R 130 
DT  N1     N  N N 131 
DT  C2     C  N N 132 
DT  O2     O  N N 133 
DT  N3     N  N N 134 
DT  C4     C  N N 135 
DT  O4     O  N N 136 
DT  C5     C  N N 137 
DT  C7     C  N N 138 
DT  C6     C  N N 139 
DT  HOP3   H  N N 140 
DT  HOP2   H  N N 141 
DT  "H5'"  H  N N 142 
DT  "H5''" H  N N 143 
DT  "H4'"  H  N N 144 
DT  "H3'"  H  N N 145 
DT  "HO3'" H  N N 146 
DT  "H2'"  H  N N 147 
DT  "H2''" H  N N 148 
DT  "H1'"  H  N N 149 
DT  H3     H  N N 150 
DT  H71    H  N N 151 
DT  H72    H  N N 152 
DT  H73    H  N N 153 
DT  H6     H  N N 154 
# 
loop_
_chem_comp_bond.comp_id 
_chem_comp_bond.atom_id_1 
_chem_comp_bond.atom_id_2 
_chem_comp_bond.value_order 
_chem_comp_bond.pdbx_aromatic_flag 
_chem_comp_bond.pdbx_stereo_config 
_chem_comp_bond.pdbx_ordinal 
CAC AS    O1     doub N N 1   
CAC AS    O2     sing N N 2   
CAC AS    C1     sing N N 3   
CAC AS    C2     sing N N 4   
CAC C1    H11    sing N N 5   
CAC C1    H12    sing N N 6   
CAC C1    H13    sing N N 7   
CAC C2    H21    sing N N 8   
CAC C2    H22    sing N N 9   
CAC C2    H23    sing N N 10  
DA  OP3   P      sing N N 11  
DA  OP3   HOP3   sing N N 12  
DA  P     OP1    doub N N 13  
DA  P     OP2    sing N N 14  
DA  P     "O5'"  sing N N 15  
DA  OP2   HOP2   sing N N 16  
DA  "O5'" "C5'"  sing N N 17  
DA  "C5'" "C4'"  sing N N 18  
DA  "C5'" "H5'"  sing N N 19  
DA  "C5'" "H5''" sing N N 20  
DA  "C4'" "O4'"  sing N N 21  
DA  "C4'" "C3'"  sing N N 22  
DA  "C4'" "H4'"  sing N N 23  
DA  "O4'" "C1'"  sing N N 24  
DA  "C3'" "O3'"  sing N N 25  
DA  "C3'" "C2'"  sing N N 26  
DA  "C3'" "H3'"  sing N N 27  
DA  "O3'" "HO3'" sing N N 28  
DA  "C2'" "C1'"  sing N N 29  
DA  "C2'" "H2'"  sing N N 30  
DA  "C2'" "H2''" sing N N 31  
DA  "C1'" N9     sing N N 32  
DA  "C1'" "H1'"  sing N N 33  
DA  N9    C8     sing Y N 34  
DA  N9    C4     sing Y N 35  
DA  C8    N7     doub Y N 36  
DA  C8    H8     sing N N 37  
DA  N7    C5     sing Y N 38  
DA  C5    C6     sing Y N 39  
DA  C5    C4     doub Y N 40  
DA  C6    N6     sing N N 41  
DA  C6    N1     doub Y N 42  
DA  N6    H61    sing N N 43  
DA  N6    H62    sing N N 44  
DA  N1    C2     sing Y N 45  
DA  C2    N3     doub Y N 46  
DA  C2    H2     sing N N 47  
DA  N3    C4     sing Y N 48  
DC  OP3   P      sing N N 49  
DC  OP3   HOP3   sing N N 50  
DC  P     OP1    doub N N 51  
DC  P     OP2    sing N N 52  
DC  P     "O5'"  sing N N 53  
DC  OP2   HOP2   sing N N 54  
DC  "O5'" "C5'"  sing N N 55  
DC  "C5'" "C4'"  sing N N 56  
DC  "C5'" "H5'"  sing N N 57  
DC  "C5'" "H5''" sing N N 58  
DC  "C4'" "O4'"  sing N N 59  
DC  "C4'" "C3'"  sing N N 60  
DC  "C4'" "H4'"  sing N N 61  
DC  "O4'" "C1'"  sing N N 62  
DC  "C3'" "O3'"  sing N N 63  
DC  "C3'" "C2'"  sing N N 64  
DC  "C3'" "H3'"  sing N N 65  
DC  "O3'" "HO3'" sing N N 66  
DC  "C2'" "C1'"  sing N N 67  
DC  "C2'" "H2'"  sing N N 68  
DC  "C2'" "H2''" sing N N 69  
DC  "C1'" N1     sing N N 70  
DC  "C1'" "H1'"  sing N N 71  
DC  N1    C2     sing N N 72  
DC  N1    C6     sing N N 73  
DC  C2    O2     doub N N 74  
DC  C2    N3     sing N N 75  
DC  N3    C4     doub N N 76  
DC  C4    N4     sing N N 77  
DC  C4    C5     sing N N 78  
DC  N4    H41    sing N N 79  
DC  N4    H42    sing N N 80  
DC  C5    C6     doub N N 81  
DC  C5    H5     sing N N 82  
DC  C6    H6     sing N N 83  
DG  OP3   P      sing N N 84  
DG  OP3   HOP3   sing N N 85  
DG  P     OP1    doub N N 86  
DG  P     OP2    sing N N 87  
DG  P     "O5'"  sing N N 88  
DG  OP2   HOP2   sing N N 89  
DG  "O5'" "C5'"  sing N N 90  
DG  "C5'" "C4'"  sing N N 91  
DG  "C5'" "H5'"  sing N N 92  
DG  "C5'" "H5''" sing N N 93  
DG  "C4'" "O4'"  sing N N 94  
DG  "C4'" "C3'"  sing N N 95  
DG  "C4'" "H4'"  sing N N 96  
DG  "O4'" "C1'"  sing N N 97  
DG  "C3'" "O3'"  sing N N 98  
DG  "C3'" "C2'"  sing N N 99  
DG  "C3'" "H3'"  sing N N 100 
DG  "O3'" "HO3'" sing N N 101 
DG  "C2'" "C1'"  sing N N 102 
DG  "C2'" "H2'"  sing N N 103 
DG  "C2'" "H2''" sing N N 104 
DG  "C1'" N9     sing N N 105 
DG  "C1'" "H1'"  sing N N 106 
DG  N9    C8     sing Y N 107 
DG  N9    C4     sing Y N 108 
DG  C8    N7     doub Y N 109 
DG  C8    H8     sing N N 110 
DG  N7    C5     sing Y N 111 
DG  C5    C6     sing N N 112 
DG  C5    C4     doub Y N 113 
DG  C6    O6     doub N N 114 
DG  C6    N1     sing N N 115 
DG  N1    C2     sing N N 116 
DG  N1    H1     sing N N 117 
DG  C2    N2     sing N N 118 
DG  C2    N3     doub N N 119 
DG  N2    H21    sing N N 120 
DG  N2    H22    sing N N 121 
DG  N3    C4     sing N N 122 
DT  OP3   P      sing N N 123 
DT  OP3   HOP3   sing N N 124 
DT  P     OP1    doub N N 125 
DT  P     OP2    sing N N 126 
DT  P     "O5'"  sing N N 127 
DT  OP2   HOP2   sing N N 128 
DT  "O5'" "C5'"  sing N N 129 
DT  "C5'" "C4'"  sing N N 130 
DT  "C5'" "H5'"  sing N N 131 
DT  "C5'" "H5''" sing N N 132 
DT  "C4'" "O4'"  sing N N 133 
DT  "C4'" "C3'"  sing N N 134 
DT  "C4'" "H4'"  sing N N 135 
DT  "O4'" "C1'"  sing N N 136 
DT  "C3'" "O3'"  sing N N 137 
DT  "C3'" "C2'"  sing N N 138 
DT  "C3'" "H3'"  sing N N 139 
DT  "O3'" "HO3'" sing N N 140 
DT  "C2'" "C1'"  sing N N 141 
DT  "C2'" "H2'"  sing N N 142 
DT  "C2'" "H2''" sing N N 143 
DT  "C1'" N1     sing N N 144 
DT  "C1'" "H1'"  sing N N 145 
DT  N1    C2     sing N N 146 
DT  N1    C6     sing N N 147 
DT  C2    O2     doub N N 148 
DT  C2    N3     sing N N 149 
DT  N3    C4     sing N N 150 
DT  N3    H3     sing N N 151 
DT  C4    O4     doub N N 152 
DT  C4    C5     sing N N 153 
DT  C5    C7     sing N N 154 
DT  C5    C6     doub N N 155 
DT  C7    H71    sing N N 156 
DT  C7    H72    sing N N 157 
DT  C7    H73    sing N N 158 
DT  C6    H6     sing N N 159 
# 
loop_
_ndb_struct_conf_na.entry_id 
_ndb_struct_conf_na.feature 
7JHA 'double helix'        
7JHA 'a-form double helix' 
7JHA 'b-form double helix' 
# 
loop_
_ndb_struct_na_base_pair.model_number 
_ndb_struct_na_base_pair.i_label_asym_id 
_ndb_struct_na_base_pair.i_label_comp_id 
_ndb_struct_na_base_pair.i_label_seq_id 
_ndb_struct_na_base_pair.i_symmetry 
_ndb_struct_na_base_pair.j_label_asym_id 
_ndb_struct_na_base_pair.j_label_comp_id 
_ndb_struct_na_base_pair.j_label_seq_id 
_ndb_struct_na_base_pair.j_symmetry 
_ndb_struct_na_base_pair.shear 
_ndb_struct_na_base_pair.stretch 
_ndb_struct_na_base_pair.stagger 
_ndb_struct_na_base_pair.buckle 
_ndb_struct_na_base_pair.propeller 
_ndb_struct_na_base_pair.opening 
_ndb_struct_na_base_pair.pair_number 
_ndb_struct_na_base_pair.pair_name 
_ndb_struct_na_base_pair.i_auth_asym_id 
_ndb_struct_na_base_pair.i_auth_seq_id 
_ndb_struct_na_base_pair.i_PDB_ins_code 
_ndb_struct_na_base_pair.j_auth_asym_id 
_ndb_struct_na_base_pair.j_auth_seq_id 
_ndb_struct_na_base_pair.j_PDB_ins_code 
_ndb_struct_na_base_pair.hbond_type_28 
_ndb_struct_na_base_pair.hbond_type_12 
1 A DG 3  1_555 D DC 15 1_555 0.464  0.000  0.734  4.108  -21.785 -6.969  1  A_DG3:DC16_D A 3  ? D 16 ? 19 1 
1 A DC 4  1_555 D DG 14 1_555 0.488  0.111  0.515  -9.076 -19.967 10.774  2  A_DC4:DG15_D A 4  ? D 15 ? 19 1 
1 A DA 5  1_555 D DT 13 1_555 1.926  0.202  0.094  -6.399 -9.837  -12.840 3  A_DA5:DT14_D A 5  ? D 14 ? 20 1 
1 A DG 6  1_555 D DC 12 1_555 0.352  -0.319 0.389  -1.278 -10.403 -10.587 4  A_DG6:DC13_D A 6  ? D 13 ? 19 1 
1 A DA 7  1_555 D DT 11 1_555 -0.151 -0.376 0.754  10.051 1.495   -6.019  5  A_DA7:DT12_D A 7  ? D 12 ? 20 1 
1 A DC 8  1_555 D DG 10 1_555 0.767  -0.460 0.306  6.916  -4.011  -8.557  6  A_DC8:DG11_D A 8  ? D 11 ? 19 1 
1 A DC 9  1_555 D DG 9  1_555 0.509  -0.360 0.068  3.232  -5.278  -1.429  7  A_DC9:DG10_D A 9  ? D 10 ? 19 1 
1 A DT 10 1_555 C DA 3  1_555 -1.067 0.301  0.579  -5.090 -6.932  3.886   8  A_DT10:DA2_C A 10 ? C 2  ? 20 1 
1 A DG 11 1_555 C DC 2  1_555 0.493  -0.203 0.625  2.073  -6.918  -2.649  9  A_DG11:DC1_C A 11 ? C 1  ? 19 1 
1 A DA 12 1_555 C DT 1  1_555 1.367  -0.067 0.622  -2.765 -7.155  -14.572 10 A_DA12:DT0_C A 12 ? C 0  ? 20 1 
1 B DC 1  1_555 C DG 6  1_555 -0.580 -0.140 0.353  -1.638 -0.179  -7.151  11 B_DC12:DG5_C B 12 ? C 5  ? 19 1 
1 B DG 2  1_555 C DC 5  1_555 0.294  -0.098 0.232  8.663  -2.994  -1.400  12 B_DG13:DC4_C B 13 ? C 4  ? 19 1 
1 B DA 3  1_555 C DT 4  1_555 0.677  0.148  0.057  6.805  -7.348  -3.069  13 B_DA14:DT3_C B 14 ? C 3  ? 20 1 
1 B DC 4  1_555 D DG 8  1_555 -0.119 0.065  -0.029 10.499 -11.433 4.315   14 B_DC15:DG9_D B 15 ? D 9  ? 19 1 
1 B DA 5  1_555 D DT 7  1_555 0.830  -0.258 0.567  4.701  -22.193 -8.341  15 B_DA16:DT8_D B 16 ? D 8  ? 20 1 
1 B DC 6  1_555 D DG 6  1_555 -0.430 -0.333 0.697  -5.366 -14.424 -1.455  16 B_DC17:DG7_D B 17 ? D 7  ? 19 1 
1 B DT 7  1_555 D DA 5  1_555 -1.024 -0.170 -0.046 2.543  -15.794 -5.991  17 B_DT18:DA6_D B 18 ? D 6  ? 20 1 
1 B DC 8  1_555 D DG 4  1_555 -0.919 0.269  -0.989 7.275  -4.921  9.924   18 B_DC19:DG5_D B 19 ? D 5  ? 19 1 
# 
loop_
_ndb_struct_na_base_pair_step.model_number 
_ndb_struct_na_base_pair_step.i_label_asym_id_1 
_ndb_struct_na_base_pair_step.i_label_comp_id_1 
_ndb_struct_na_base_pair_step.i_label_seq_id_1 
_ndb_struct_na_base_pair_step.i_symmetry_1 
_ndb_struct_na_base_pair_step.j_label_asym_id_1 
_ndb_struct_na_base_pair_step.j_label_comp_id_1 
_ndb_struct_na_base_pair_step.j_label_seq_id_1 
_ndb_struct_na_base_pair_step.j_symmetry_1 
_ndb_struct_na_base_pair_step.i_label_asym_id_2 
_ndb_struct_na_base_pair_step.i_label_comp_id_2 
_ndb_struct_na_base_pair_step.i_label_seq_id_2 
_ndb_struct_na_base_pair_step.i_symmetry_2 
_ndb_struct_na_base_pair_step.j_label_asym_id_2 
_ndb_struct_na_base_pair_step.j_label_comp_id_2 
_ndb_struct_na_base_pair_step.j_label_seq_id_2 
_ndb_struct_na_base_pair_step.j_symmetry_2 
_ndb_struct_na_base_pair_step.shift 
_ndb_struct_na_base_pair_step.slide 
_ndb_struct_na_base_pair_step.rise 
_ndb_struct_na_base_pair_step.tilt 
_ndb_struct_na_base_pair_step.roll 
_ndb_struct_na_base_pair_step.twist 
_ndb_struct_na_base_pair_step.x_displacement 
_ndb_struct_na_base_pair_step.y_displacement 
_ndb_struct_na_base_pair_step.helical_rise 
_ndb_struct_na_base_pair_step.inclination 
_ndb_struct_na_base_pair_step.tip 
_ndb_struct_na_base_pair_step.helical_twist 
_ndb_struct_na_base_pair_step.step_number 
_ndb_struct_na_base_pair_step.step_name 
_ndb_struct_na_base_pair_step.i_auth_asym_id_1 
_ndb_struct_na_base_pair_step.i_auth_seq_id_1 
_ndb_struct_na_base_pair_step.i_PDB_ins_code_1 
_ndb_struct_na_base_pair_step.j_auth_asym_id_1 
_ndb_struct_na_base_pair_step.j_auth_seq_id_1 
_ndb_struct_na_base_pair_step.j_PDB_ins_code_1 
_ndb_struct_na_base_pair_step.i_auth_asym_id_2 
_ndb_struct_na_base_pair_step.i_auth_seq_id_2 
_ndb_struct_na_base_pair_step.i_PDB_ins_code_2 
_ndb_struct_na_base_pair_step.j_auth_asym_id_2 
_ndb_struct_na_base_pair_step.j_auth_seq_id_2 
_ndb_struct_na_base_pair_step.j_PDB_ins_code_2 
1 A DG 3  1_555 D DC 15 1_555 A DC 4  1_555 D DG 14 1_555 1.254  -0.744 3.453 7.704  -2.420 34.747 -0.828 -0.813 3.680 -3.986 
-12.689 35.645 1  AA_DG3DC4:DG15DC16_DD A 3  ? D 16 ? A 4  ? D 15 ? 
1 A DC 4  1_555 D DG 14 1_555 A DA 5  1_555 D DT 13 1_555 -1.497 0.752  3.550 1.647  4.680  40.317 0.517  2.357  3.551 6.759  
-2.379  40.608 2  AA_DC4DA5:DT14DG15_DD A 4  ? D 15 ? A 5  ? D 14 ? 
1 A DA 5  1_555 D DT 13 1_555 A DG 6  1_555 D DC 12 1_555 -0.203 -0.643 3.028 -4.817 6.295  27.300 -2.627 -0.594 2.806 12.993 
9.943   28.407 3  AA_DA5DG6:DC13DT14_DD A 5  ? D 14 ? A 6  ? D 13 ? 
1 A DG 6  1_555 D DC 12 1_555 A DA 7  1_555 D DT 11 1_555 -0.029 -1.288 2.751 -6.288 -1.405 34.614 -1.952 -0.748 2.762 -2.336 
10.456  35.190 4  AA_DG6DA7:DT12DC13_DD A 6  ? D 13 ? A 7  ? D 12 ? 
1 A DA 7  1_555 D DT 11 1_555 A DC 8  1_555 D DG 10 1_555 -0.083 -1.213 3.470 -1.317 -1.314 34.541 -1.824 -0.078 3.513 -2.211 
2.216   34.589 5  AA_DA7DC8:DG11DT12_DD A 7  ? D 12 ? A 8  ? D 11 ? 
1 A DC 8  1_555 D DG 10 1_555 A DC 9  1_555 D DG 9  1_555 -0.694 -2.209 3.225 -2.805 0.221  30.236 -4.262 0.766  3.258 0.422  
5.362   30.364 6  AA_DC8DC9:DG10DG11_DD A 8  ? D 11 ? A 9  ? D 10 ? 
1 A DC 9  1_555 D DG 9  1_555 A DT 10 1_555 C DA 3  1_555 -0.853 -1.791 3.502 -2.253 -1.315 16.665 -5.147 1.266  3.712 -4.502 
7.712   16.867 7  AA_DC9DT10:DA2DG10_CD A 9  ? D 10 ? A 10 ? C 2  ? 
1 A DT 10 1_555 C DA 3  1_555 A DG 11 1_555 C DC 2  1_555 -0.408 0.952  3.387 -4.186 2.976  38.153 1.055  0.072  3.473 4.527  
6.368   38.484 8  AA_DT10DG11:DC1DA2_CC A 10 ? C 2  ? A 11 ? C 1  ? 
1 A DG 11 1_555 C DC 2  1_555 A DA 12 1_555 C DT 1  1_555 -0.868 -0.422 3.316 -2.537 2.493  42.016 -0.848 0.941  3.331 3.470  
3.530   42.160 9  AA_DG11DA12:DT0DC1_CC A 11 ? C 1  ? A 12 ? C 0  ? 
1 B DC 1  1_555 C DG 6  1_555 B DG 2  1_555 C DC 5  1_555 0.091  -0.289 3.162 -2.396 2.623  40.024 -0.707 -0.395 3.128 3.824  
3.492   40.175 10 BB_DC12DG13:DC4DG5_CC B 12 ? C 5  ? B 13 ? C 4  ? 
1 B DG 2  1_555 C DC 5  1_555 B DA 3  1_555 C DT 4  1_555 -0.676 -0.556 3.188 -2.231 3.490  37.956 -1.279 0.760  3.160 5.346  
3.417   38.173 11 BB_DG13DA14:DT3DC4_CC B 13 ? C 4  ? B 14 ? C 3  ? 
1 B DA 3  1_555 C DT 4  1_555 B DC 4  1_555 D DG 8  1_555 -0.515 -1.410 3.120 -0.412 2.811  16.211 -6.708 1.539  2.847 9.869  
1.445   16.456 12 BB_DA14DC15:DG9DT3_DC B 14 ? C 3  ? B 15 ? D 9  ? 
1 B DC 4  1_555 D DG 8  1_555 B DA 5  1_555 D DT 7  1_555 -0.861 0.858  3.610 -7.055 -0.978 43.628 1.244  0.405  3.680 -1.305 
9.417   44.177 13 BB_DC15DA16:DT8DG9_DD B 15 ? D 9  ? B 16 ? D 8  ? 
1 B DA 5  1_555 D DT 7  1_555 B DC 6  1_555 D DG 6  1_555 0.299  -1.343 3.318 -2.626 -3.557 29.035 -1.859 -1.175 3.415 -7.043 
5.199   29.362 14 BB_DA16DC17:DG7DT8_DD B 16 ? D 8  ? B 17 ? D 7  ? 
1 B DC 6  1_555 D DG 6  1_555 B DT 7  1_555 D DA 5  1_555 -0.374 -0.905 2.802 5.732  0.546  36.193 -1.503 1.262  2.700 0.871  
-9.156  36.633 15 BB_DC17DT18:DA6DG7_DD B 17 ? D 7  ? B 18 ? D 6  ? 
1 B DT 7  1_555 D DA 5  1_555 B DC 8  1_555 D DG 4  1_555 1.198  2.002  3.265 10.863 1.092  33.379 3.148  -0.250 3.533 1.842  
-18.314 35.071 16 BB_DT18DC19:DG5DA6_DD B 18 ? D 6  ? B 19 ? D 5  ? 
# 
loop_
_pdbx_audit_support.funding_organization 
_pdbx_audit_support.country 
_pdbx_audit_support.grant_number 
_pdbx_audit_support.ordinal 
'National Science Foundation (NSF, United States)'                                         'United States' 1360635     1 
'National Institutes of Health/National Institute of General Medical Sciences (NIH/NIGMS)' 'United States' R01GM104960 2 
'National Science Foundation (NSF, United States)'                                         'United States' NSF2004250  3 
# 
_pdbx_entity_nonpoly.entity_id   5 
_pdbx_entity_nonpoly.name        'CACODYLATE ION' 
_pdbx_entity_nonpoly.comp_id     CAC 
# 
_pdbx_initial_refinement_model.id               1 
_pdbx_initial_refinement_model.entity_id_list   ? 
_pdbx_initial_refinement_model.type             'experimental model' 
_pdbx_initial_refinement_model.source_name      PDB 
_pdbx_initial_refinement_model.accession_code   6XNA 
_pdbx_initial_refinement_model.details          ? 
# 
_pdbx_struct_assembly_auth_evidence.id                     1 
_pdbx_struct_assembly_auth_evidence.assembly_id            1 
_pdbx_struct_assembly_auth_evidence.experimental_support   none 
_pdbx_struct_assembly_auth_evidence.details                ? 
# 
